data_1L0A
# 
_entry.id   1L0A 
# 
_audit_conform.dict_name       mmcif_pdbx.dic 
_audit_conform.dict_version    5.386 
_audit_conform.dict_location   http://mmcif.pdb.org/dictionaries/ascii/mmcif_pdbx.dic 
# 
loop_
_database_2.database_id 
_database_2.database_code 
_database_2.pdbx_database_accession 
_database_2.pdbx_DOI 
PDB   1L0A         pdb_00001l0a 10.2210/pdb1l0a/pdb 
RCSB  RCSB015522   ?            ?                   
WWPDB D_1000015522 ?            ?                   
# 
loop_
_pdbx_audit_revision_history.ordinal 
_pdbx_audit_revision_history.data_content_type 
_pdbx_audit_revision_history.major_revision 
_pdbx_audit_revision_history.minor_revision 
_pdbx_audit_revision_history.revision_date 
1 'Structure model' 1 0 2002-04-10 
2 'Structure model' 1 1 2008-04-28 
3 'Structure model' 1 2 2011-07-13 
4 'Structure model' 1 3 2017-10-11 
5 'Structure model' 1 4 2021-10-27 
6 'Structure model' 1 5 2024-02-14 
# 
_pdbx_audit_revision_details.ordinal             1 
_pdbx_audit_revision_details.revision_ordinal    1 
_pdbx_audit_revision_details.data_content_type   'Structure model' 
_pdbx_audit_revision_details.provider            repository 
_pdbx_audit_revision_details.type                'Initial release' 
_pdbx_audit_revision_details.description         ? 
_pdbx_audit_revision_details.details             ? 
# 
loop_
_pdbx_audit_revision_group.ordinal 
_pdbx_audit_revision_group.revision_ordinal 
_pdbx_audit_revision_group.data_content_type 
_pdbx_audit_revision_group.group 
1 2 'Structure model' 'Version format compliance' 
2 3 'Structure model' 'Version format compliance' 
3 4 'Structure model' 'Refinement description'    
4 5 'Structure model' 'Database references'       
5 6 'Structure model' 'Data collection'           
# 
loop_
_pdbx_audit_revision_category.ordinal 
_pdbx_audit_revision_category.revision_ordinal 
_pdbx_audit_revision_category.data_content_type 
_pdbx_audit_revision_category.category 
1 4 'Structure model' software           
2 5 'Structure model' database_2         
3 5 'Structure model' struct_ref_seq_dif 
4 6 'Structure model' chem_comp_atom     
5 6 'Structure model' chem_comp_bond     
# 
loop_
_pdbx_audit_revision_item.ordinal 
_pdbx_audit_revision_item.revision_ordinal 
_pdbx_audit_revision_item.data_content_type 
_pdbx_audit_revision_item.item 
1 4 'Structure model' '_software.classification'            
2 4 'Structure model' '_software.name'                      
3 5 'Structure model' '_database_2.pdbx_DOI'                
4 5 'Structure model' '_database_2.pdbx_database_accession' 
5 5 'Structure model' '_struct_ref_seq_dif.details'         
# 
_pdbx_database_status.status_code                     REL 
_pdbx_database_status.entry_id                        1L0A 
_pdbx_database_status.recvd_initial_deposition_date   2002-02-08 
_pdbx_database_status.deposit_site                    RCSB 
_pdbx_database_status.process_site                    RCSB 
_pdbx_database_status.SG_entry                        . 
_pdbx_database_status.status_code_sf                  REL 
_pdbx_database_status.pdb_format_compatible           Y 
_pdbx_database_status.status_code_mr                  ? 
_pdbx_database_status.status_code_cs                  ? 
_pdbx_database_status.methods_development_category    ? 
_pdbx_database_status.status_code_nmr_data            ? 
# 
_pdbx_database_related.db_name        PDB 
_pdbx_database_related.db_id          1KZZ 
_pdbx_database_related.details        'DOWNSTREAM REGULATOR TANK BINDS TO THE CD40 RECOGNITION SITE ON TRAF3' 
_pdbx_database_related.content_type   unspecified 
# 
loop_
_audit_author.name 
_audit_author.pdbx_ordinal 
'Li, C.'             1  
'Ni, C.-Z.'          2  
'Havert, M.L.'       3  
'Cabezas, E.'        4  
'He, J.'             5  
'Kaiser, D.'         6  
'Reed, J.C.'         7  
'Satterthwait, A.C.' 8  
'Cheng, G.'          9  
'Ely, K.R.'          10 
# 
_citation.id                        primary 
_citation.title                     'Downstream regulator TANK binds to the CD40 recognition site on TRAF3.' 
_citation.journal_abbrev            Structure 
_citation.journal_volume            10 
_citation.page_first                403 
_citation.page_last                 411 
_citation.year                      2002 
_citation.journal_id_ASTM           STRUE6 
_citation.country                   UK 
_citation.journal_id_ISSN           0969-2126 
_citation.journal_id_CSD            2005 
_citation.book_publisher            ? 
_citation.pdbx_database_id_PubMed   12005438 
_citation.pdbx_database_id_DOI      '10.1016/S0969-2126(02)00733-5' 
# 
loop_
_citation_author.citation_id 
_citation_author.name 
_citation_author.ordinal 
_citation_author.identifier_ORCID 
primary 'Li, C.'             1  ? 
primary 'Ni, C.Z.'           2  ? 
primary 'Havert, M.L.'       3  ? 
primary 'Cabezas, E.'        4  ? 
primary 'He, J.'             5  ? 
primary 'Kaiser, D.'         6  ? 
primary 'Reed, J.C.'         7  ? 
primary 'Satterthwait, A.C.' 8  ? 
primary 'Cheng, G.'          9  ? 
primary 'Ely, K.R.'          10 ? 
# 
loop_
_entity.id 
_entity.type 
_entity.src_method 
_entity.pdbx_description 
_entity.formula_weight 
_entity.pdbx_number_of_molecules 
_entity.pdbx_ec 
_entity.pdbx_mutation 
_entity.pdbx_fragment 
_entity.details 
1 polymer man 'TNF receptor associated factor 3'                   21833.135 1  ? T195K 'Residues 377-568' ? 
2 polymer man 'TRAF family member-associated NF-kappa-b activator' 2054.343  1  ? ?     'Residues 178-195' ? 
3 water   nat water                                                18.015    28 ? ?     ?                  ? 
# 
loop_
_entity_name_com.entity_id 
_entity_name_com.name 
1 'TRAF3, CD40 receptor associated factor 1, CRAF1, CD40 binding protein, CD40BP' 
2 'TANK, TRAF-interacting protein, I-TRAF'                                        
# 
loop_
_entity_poly.entity_id 
_entity_poly.type 
_entity_poly.nstd_linkage 
_entity_poly.nstd_monomer 
_entity_poly.pdbx_seq_one_letter_code 
_entity_poly.pdbx_seq_one_letter_code_can 
_entity_poly.pdbx_strand_id 
_entity_poly.pdbx_target_identifier 
1 'polypeptide(L)' no no 
;NTGLLESQLSRHDQMLSVHDIRLADMDLRFQVLETASYNGVLIWKIRDYKRRKQEAVMGKTLSLYSQPFYTGYFGYKMCA
RVYLNGDGMGKGTHLSLFFVIMRGEYDALLPWPFKQKVTLMLMDQGSSRRHLGDAFKPDPNSSSFKKPTGEMNIASGCPV
FVAQTVLENGTYIKDDTIFIKVIVDTSDLPDP
;
;NTGLLESQLSRHDQMLSVHDIRLADMDLRFQVLETASYNGVLIWKIRDYKRRKQEAVMGKTLSLYSQPFYTGYFGYKMCA
RVYLNGDGMGKGTHLSLFFVIMRGEYDALLPWPFKQKVTLMLMDQGSSRRHLGDAFKPDPNSSSFKKPTGEMNIASGCPV
FVAQTVLENGTYIKDDTIFIKVIVDTSDLPDP
;
A ? 
2 'polypeptide(L)' no no SVPIQCTDKTDKQEALFK SVPIQCTDKTDKQEALFK B ? 
# 
_pdbx_entity_nonpoly.entity_id   3 
_pdbx_entity_nonpoly.name        water 
_pdbx_entity_nonpoly.comp_id     HOH 
# 
loop_
_entity_poly_seq.entity_id 
_entity_poly_seq.num 
_entity_poly_seq.mon_id 
_entity_poly_seq.hetero 
1 1   ASN n 
1 2   THR n 
1 3   GLY n 
1 4   LEU n 
1 5   LEU n 
1 6   GLU n 
1 7   SER n 
1 8   GLN n 
1 9   LEU n 
1 10  SER n 
1 11  ARG n 
1 12  HIS n 
1 13  ASP n 
1 14  GLN n 
1 15  MET n 
1 16  LEU n 
1 17  SER n 
1 18  VAL n 
1 19  HIS n 
1 20  ASP n 
1 21  ILE n 
1 22  ARG n 
1 23  LEU n 
1 24  ALA n 
1 25  ASP n 
1 26  MET n 
1 27  ASP n 
1 28  LEU n 
1 29  ARG n 
1 30  PHE n 
1 31  GLN n 
1 32  VAL n 
1 33  LEU n 
1 34  GLU n 
1 35  THR n 
1 36  ALA n 
1 37  SER n 
1 38  TYR n 
1 39  ASN n 
1 40  GLY n 
1 41  VAL n 
1 42  LEU n 
1 43  ILE n 
1 44  TRP n 
1 45  LYS n 
1 46  ILE n 
1 47  ARG n 
1 48  ASP n 
1 49  TYR n 
1 50  LYS n 
1 51  ARG n 
1 52  ARG n 
1 53  LYS n 
1 54  GLN n 
1 55  GLU n 
1 56  ALA n 
1 57  VAL n 
1 58  MET n 
1 59  GLY n 
1 60  LYS n 
1 61  THR n 
1 62  LEU n 
1 63  SER n 
1 64  LEU n 
1 65  TYR n 
1 66  SER n 
1 67  GLN n 
1 68  PRO n 
1 69  PHE n 
1 70  TYR n 
1 71  THR n 
1 72  GLY n 
1 73  TYR n 
1 74  PHE n 
1 75  GLY n 
1 76  TYR n 
1 77  LYS n 
1 78  MET n 
1 79  CYS n 
1 80  ALA n 
1 81  ARG n 
1 82  VAL n 
1 83  TYR n 
1 84  LEU n 
1 85  ASN n 
1 86  GLY n 
1 87  ASP n 
1 88  GLY n 
1 89  MET n 
1 90  GLY n 
1 91  LYS n 
1 92  GLY n 
1 93  THR n 
1 94  HIS n 
1 95  LEU n 
1 96  SER n 
1 97  LEU n 
1 98  PHE n 
1 99  PHE n 
1 100 VAL n 
1 101 ILE n 
1 102 MET n 
1 103 ARG n 
1 104 GLY n 
1 105 GLU n 
1 106 TYR n 
1 107 ASP n 
1 108 ALA n 
1 109 LEU n 
1 110 LEU n 
1 111 PRO n 
1 112 TRP n 
1 113 PRO n 
1 114 PHE n 
1 115 LYS n 
1 116 GLN n 
1 117 LYS n 
1 118 VAL n 
1 119 THR n 
1 120 LEU n 
1 121 MET n 
1 122 LEU n 
1 123 MET n 
1 124 ASP n 
1 125 GLN n 
1 126 GLY n 
1 127 SER n 
1 128 SER n 
1 129 ARG n 
1 130 ARG n 
1 131 HIS n 
1 132 LEU n 
1 133 GLY n 
1 134 ASP n 
1 135 ALA n 
1 136 PHE n 
1 137 LYS n 
1 138 PRO n 
1 139 ASP n 
1 140 PRO n 
1 141 ASN n 
1 142 SER n 
1 143 SER n 
1 144 SER n 
1 145 PHE n 
1 146 LYS n 
1 147 LYS n 
1 148 PRO n 
1 149 THR n 
1 150 GLY n 
1 151 GLU n 
1 152 MET n 
1 153 ASN n 
1 154 ILE n 
1 155 ALA n 
1 156 SER n 
1 157 GLY n 
1 158 CYS n 
1 159 PRO n 
1 160 VAL n 
1 161 PHE n 
1 162 VAL n 
1 163 ALA n 
1 164 GLN n 
1 165 THR n 
1 166 VAL n 
1 167 LEU n 
1 168 GLU n 
1 169 ASN n 
1 170 GLY n 
1 171 THR n 
1 172 TYR n 
1 173 ILE n 
1 174 LYS n 
1 175 ASP n 
1 176 ASP n 
1 177 THR n 
1 178 ILE n 
1 179 PHE n 
1 180 ILE n 
1 181 LYS n 
1 182 VAL n 
1 183 ILE n 
1 184 VAL n 
1 185 ASP n 
1 186 THR n 
1 187 SER n 
1 188 ASP n 
1 189 LEU n 
1 190 PRO n 
1 191 ASP n 
1 192 PRO n 
2 1   SER n 
2 2   VAL n 
2 3   PRO n 
2 4   ILE n 
2 5   GLN n 
2 6   CYS n 
2 7   THR n 
2 8   ASP n 
2 9   LYS n 
2 10  THR n 
2 11  ASP n 
2 12  LYS n 
2 13  GLN n 
2 14  GLU n 
2 15  ALA n 
2 16  LEU n 
2 17  PHE n 
2 18  LYS n 
# 
loop_
_entity_src_gen.entity_id 
_entity_src_gen.pdbx_src_id 
_entity_src_gen.pdbx_alt_source_flag 
_entity_src_gen.pdbx_seq_type 
_entity_src_gen.pdbx_beg_seq_num 
_entity_src_gen.pdbx_end_seq_num 
_entity_src_gen.gene_src_common_name 
_entity_src_gen.gene_src_genus 
_entity_src_gen.pdbx_gene_src_gene 
_entity_src_gen.gene_src_species 
_entity_src_gen.gene_src_strain 
_entity_src_gen.gene_src_tissue 
_entity_src_gen.gene_src_tissue_fraction 
_entity_src_gen.gene_src_details 
_entity_src_gen.pdbx_gene_src_fragment 
_entity_src_gen.pdbx_gene_src_scientific_name 
_entity_src_gen.pdbx_gene_src_ncbi_taxonomy_id 
_entity_src_gen.pdbx_gene_src_variant 
_entity_src_gen.pdbx_gene_src_cell_line 
_entity_src_gen.pdbx_gene_src_atcc 
_entity_src_gen.pdbx_gene_src_organ 
_entity_src_gen.pdbx_gene_src_organelle 
_entity_src_gen.pdbx_gene_src_cell 
_entity_src_gen.pdbx_gene_src_cellular_location 
_entity_src_gen.host_org_common_name 
_entity_src_gen.pdbx_host_org_scientific_name 
_entity_src_gen.pdbx_host_org_ncbi_taxonomy_id 
_entity_src_gen.host_org_genus 
_entity_src_gen.pdbx_host_org_gene 
_entity_src_gen.pdbx_host_org_organ 
_entity_src_gen.host_org_species 
_entity_src_gen.pdbx_host_org_tissue 
_entity_src_gen.pdbx_host_org_tissue_fraction 
_entity_src_gen.pdbx_host_org_strain 
_entity_src_gen.pdbx_host_org_variant 
_entity_src_gen.pdbx_host_org_cell_line 
_entity_src_gen.pdbx_host_org_atcc 
_entity_src_gen.pdbx_host_org_culture_collection 
_entity_src_gen.pdbx_host_org_cell 
_entity_src_gen.pdbx_host_org_organelle 
_entity_src_gen.pdbx_host_org_cellular_location 
_entity_src_gen.pdbx_host_org_vector_type 
_entity_src_gen.pdbx_host_org_vector 
_entity_src_gen.host_org_details 
_entity_src_gen.expression_system_id 
_entity_src_gen.plasmid_name 
_entity_src_gen.plasmid_details 
_entity_src_gen.pdbx_description 
1 1 sample ? ? ? human Homo ? ? ? ? ? ? ? 'Homo sapiens' 9606 ? ? ? ? ? ? ? ? 'Escherichia coli' 562 Escherichia ? ? ? ? ? ? ? ? ? 
? ? ? ? ? ? ? ? ? ? ? 
2 1 sample ? ? ? human Homo ? ? ? ? ? ? ? 'Homo sapiens' 9606 ? ? ? ? ? ? ? ? 'Escherichia coli' 562 Escherichia ? ? ? ? ? ? ? ? ? 
? ? ? ? ? ? ? ? ? ? ? 
# 
loop_
_chem_comp.id 
_chem_comp.type 
_chem_comp.mon_nstd_flag 
_chem_comp.name 
_chem_comp.pdbx_synonyms 
_chem_comp.formula 
_chem_comp.formula_weight 
ALA 'L-peptide linking' y ALANINE         ? 'C3 H7 N O2'     89.093  
ARG 'L-peptide linking' y ARGININE        ? 'C6 H15 N4 O2 1' 175.209 
ASN 'L-peptide linking' y ASPARAGINE      ? 'C4 H8 N2 O3'    132.118 
ASP 'L-peptide linking' y 'ASPARTIC ACID' ? 'C4 H7 N O4'     133.103 
CYS 'L-peptide linking' y CYSTEINE        ? 'C3 H7 N O2 S'   121.158 
GLN 'L-peptide linking' y GLUTAMINE       ? 'C5 H10 N2 O3'   146.144 
GLU 'L-peptide linking' y 'GLUTAMIC ACID' ? 'C5 H9 N O4'     147.129 
GLY 'peptide linking'   y GLYCINE         ? 'C2 H5 N O2'     75.067  
HIS 'L-peptide linking' y HISTIDINE       ? 'C6 H10 N3 O2 1' 156.162 
HOH non-polymer         . WATER           ? 'H2 O'           18.015  
ILE 'L-peptide linking' y ISOLEUCINE      ? 'C6 H13 N O2'    131.173 
LEU 'L-peptide linking' y LEUCINE         ? 'C6 H13 N O2'    131.173 
LYS 'L-peptide linking' y LYSINE          ? 'C6 H15 N2 O2 1' 147.195 
MET 'L-peptide linking' y METHIONINE      ? 'C5 H11 N O2 S'  149.211 
PHE 'L-peptide linking' y PHENYLALANINE   ? 'C9 H11 N O2'    165.189 
PRO 'L-peptide linking' y PROLINE         ? 'C5 H9 N O2'     115.130 
SER 'L-peptide linking' y SERINE          ? 'C3 H7 N O3'     105.093 
THR 'L-peptide linking' y THREONINE       ? 'C4 H9 N O3'     119.119 
TRP 'L-peptide linking' y TRYPTOPHAN      ? 'C11 H12 N2 O2'  204.225 
TYR 'L-peptide linking' y TYROSINE        ? 'C9 H11 N O3'    181.189 
VAL 'L-peptide linking' y VALINE          ? 'C5 H11 N O2'    117.146 
# 
loop_
_pdbx_poly_seq_scheme.asym_id 
_pdbx_poly_seq_scheme.entity_id 
_pdbx_poly_seq_scheme.seq_id 
_pdbx_poly_seq_scheme.mon_id 
_pdbx_poly_seq_scheme.ndb_seq_num 
_pdbx_poly_seq_scheme.pdb_seq_num 
_pdbx_poly_seq_scheme.auth_seq_num 
_pdbx_poly_seq_scheme.pdb_mon_id 
_pdbx_poly_seq_scheme.auth_mon_id 
_pdbx_poly_seq_scheme.pdb_strand_id 
_pdbx_poly_seq_scheme.pdb_ins_code 
_pdbx_poly_seq_scheme.hetero 
A 1 1   ASN 1   313 313 ASN ASN A . n 
A 1 2   THR 2   314 314 THR THR A . n 
A 1 3   GLY 3   315 315 GLY GLY A . n 
A 1 4   LEU 4   316 316 LEU LEU A . n 
A 1 5   LEU 5   317 317 LEU LEU A . n 
A 1 6   GLU 6   318 318 GLU GLU A . n 
A 1 7   SER 7   319 319 SER SER A . n 
A 1 8   GLN 8   320 320 GLN GLN A . n 
A 1 9   LEU 9   321 321 LEU LEU A . n 
A 1 10  SER 10  322 322 SER SER A . n 
A 1 11  ARG 11  323 323 ARG ARG A . n 
A 1 12  HIS 12  324 324 HIS HIS A . n 
A 1 13  ASP 13  325 325 ASP ASP A . n 
A 1 14  GLN 14  326 326 GLN GLN A . n 
A 1 15  MET 15  327 327 MET MET A . n 
A 1 16  LEU 16  328 328 LEU LEU A . n 
A 1 17  SER 17  329 329 SER SER A . n 
A 1 18  VAL 18  330 330 VAL VAL A . n 
A 1 19  HIS 19  331 331 HIS HIS A . n 
A 1 20  ASP 20  332 332 ASP ASP A . n 
A 1 21  ILE 21  333 333 ILE ILE A . n 
A 1 22  ARG 22  334 334 ARG ARG A . n 
A 1 23  LEU 23  335 335 LEU LEU A . n 
A 1 24  ALA 24  336 336 ALA ALA A . n 
A 1 25  ASP 25  337 337 ASP ASP A . n 
A 1 26  MET 26  338 338 MET MET A . n 
A 1 27  ASP 27  339 339 ASP ASP A . n 
A 1 28  LEU 28  340 340 LEU LEU A . n 
A 1 29  ARG 29  341 341 ARG ARG A . n 
A 1 30  PHE 30  342 342 PHE PHE A . n 
A 1 31  GLN 31  343 343 GLN GLN A . n 
A 1 32  VAL 32  344 344 VAL VAL A . n 
A 1 33  LEU 33  345 345 LEU LEU A . n 
A 1 34  GLU 34  346 346 GLU GLU A . n 
A 1 35  THR 35  347 347 THR THR A . n 
A 1 36  ALA 36  348 348 ALA ALA A . n 
A 1 37  SER 37  349 349 SER SER A . n 
A 1 38  TYR 38  350 350 TYR TYR A . n 
A 1 39  ASN 39  351 351 ASN ASN A . n 
A 1 40  GLY 40  352 352 GLY GLY A . n 
A 1 41  VAL 41  353 353 VAL VAL A . n 
A 1 42  LEU 42  354 354 LEU LEU A . n 
A 1 43  ILE 43  355 355 ILE ILE A . n 
A 1 44  TRP 44  356 356 TRP TRP A . n 
A 1 45  LYS 45  357 357 LYS LYS A . n 
A 1 46  ILE 46  358 358 ILE ILE A . n 
A 1 47  ARG 47  359 359 ARG ARG A . n 
A 1 48  ASP 48  360 360 ASP ASP A . n 
A 1 49  TYR 49  361 361 TYR TYR A . n 
A 1 50  LYS 50  362 362 LYS LYS A . n 
A 1 51  ARG 51  363 363 ARG ARG A . n 
A 1 52  ARG 52  364 364 ARG ARG A . n 
A 1 53  LYS 53  365 365 LYS LYS A . n 
A 1 54  GLN 54  366 366 GLN GLN A . n 
A 1 55  GLU 55  367 367 GLU GLU A . n 
A 1 56  ALA 56  368 368 ALA ALA A . n 
A 1 57  VAL 57  369 369 VAL VAL A . n 
A 1 58  MET 58  370 370 MET MET A . n 
A 1 59  GLY 59  371 371 GLY GLY A . n 
A 1 60  LYS 60  372 372 LYS LYS A . n 
A 1 61  THR 61  373 373 THR THR A . n 
A 1 62  LEU 62  374 374 LEU LEU A . n 
A 1 63  SER 63  375 375 SER SER A . n 
A 1 64  LEU 64  376 376 LEU LEU A . n 
A 1 65  TYR 65  377 377 TYR TYR A . n 
A 1 66  SER 66  378 378 SER SER A . n 
A 1 67  GLN 67  379 379 GLN GLN A . n 
A 1 68  PRO 68  380 380 PRO PRO A . n 
A 1 69  PHE 69  381 381 PHE PHE A . n 
A 1 70  TYR 70  382 382 TYR TYR A . n 
A 1 71  THR 71  383 383 THR THR A . n 
A 1 72  GLY 72  384 384 GLY GLY A . n 
A 1 73  TYR 73  385 385 TYR TYR A . n 
A 1 74  PHE 74  386 386 PHE PHE A . n 
A 1 75  GLY 75  387 387 GLY GLY A . n 
A 1 76  TYR 76  388 388 TYR TYR A . n 
A 1 77  LYS 77  389 389 LYS LYS A . n 
A 1 78  MET 78  390 390 MET MET A . n 
A 1 79  CYS 79  391 391 CYS CYS A . n 
A 1 80  ALA 80  392 392 ALA ALA A . n 
A 1 81  ARG 81  393 393 ARG ARG A . n 
A 1 82  VAL 82  394 394 VAL VAL A . n 
A 1 83  TYR 83  395 395 TYR TYR A . n 
A 1 84  LEU 84  396 396 LEU LEU A . n 
A 1 85  ASN 85  397 397 ASN ASN A . n 
A 1 86  GLY 86  398 398 GLY GLY A . n 
A 1 87  ASP 87  399 399 ASP ASP A . n 
A 1 88  GLY 88  400 400 GLY GLY A . n 
A 1 89  MET 89  401 401 MET MET A . n 
A 1 90  GLY 90  402 402 GLY GLY A . n 
A 1 91  LYS 91  403 403 LYS LYS A . n 
A 1 92  GLY 92  404 404 GLY GLY A . n 
A 1 93  THR 93  405 405 THR THR A . n 
A 1 94  HIS 94  406 406 HIS HIS A . n 
A 1 95  LEU 95  407 407 LEU LEU A . n 
A 1 96  SER 96  408 408 SER SER A . n 
A 1 97  LEU 97  409 409 LEU LEU A . n 
A 1 98  PHE 98  410 410 PHE PHE A . n 
A 1 99  PHE 99  411 411 PHE PHE A . n 
A 1 100 VAL 100 412 412 VAL VAL A . n 
A 1 101 ILE 101 413 413 ILE ILE A . n 
A 1 102 MET 102 414 414 MET MET A . n 
A 1 103 ARG 103 415 415 ARG ARG A . n 
A 1 104 GLY 104 416 416 GLY GLY A . n 
A 1 105 GLU 105 417 417 GLU GLU A . n 
A 1 106 TYR 106 418 418 TYR TYR A . n 
A 1 107 ASP 107 419 419 ASP ASP A . n 
A 1 108 ALA 108 420 420 ALA ALA A . n 
A 1 109 LEU 109 421 421 LEU LEU A . n 
A 1 110 LEU 110 422 422 LEU LEU A . n 
A 1 111 PRO 111 423 423 PRO PRO A . n 
A 1 112 TRP 112 424 424 TRP TRP A . n 
A 1 113 PRO 113 425 425 PRO PRO A . n 
A 1 114 PHE 114 426 426 PHE PHE A . n 
A 1 115 LYS 115 427 427 LYS LYS A . n 
A 1 116 GLN 116 428 428 GLN GLN A . n 
A 1 117 LYS 117 429 429 LYS LYS A . n 
A 1 118 VAL 118 430 430 VAL VAL A . n 
A 1 119 THR 119 431 431 THR THR A . n 
A 1 120 LEU 120 432 432 LEU LEU A . n 
A 1 121 MET 121 433 433 MET MET A . n 
A 1 122 LEU 122 434 434 LEU LEU A . n 
A 1 123 MET 123 435 435 MET MET A . n 
A 1 124 ASP 124 436 436 ASP ASP A . n 
A 1 125 GLN 125 437 437 GLN GLN A . n 
A 1 126 GLY 126 438 438 GLY GLY A . n 
A 1 127 SER 127 439 439 SER SER A . n 
A 1 128 SER 128 440 440 SER SER A . n 
A 1 129 ARG 129 441 441 ARG ARG A . n 
A 1 130 ARG 130 442 442 ARG ARG A . n 
A 1 131 HIS 131 443 443 HIS HIS A . n 
A 1 132 LEU 132 444 444 LEU LEU A . n 
A 1 133 GLY 133 445 445 GLY GLY A . n 
A 1 134 ASP 134 446 446 ASP ASP A . n 
A 1 135 ALA 135 447 447 ALA ALA A . n 
A 1 136 PHE 136 448 448 PHE PHE A . n 
A 1 137 LYS 137 449 449 LYS LYS A . n 
A 1 138 PRO 138 450 450 PRO PRO A . n 
A 1 139 ASP 139 451 451 ASP ASP A . n 
A 1 140 PRO 140 452 452 PRO PRO A . n 
A 1 141 ASN 141 453 453 ASN ASN A . n 
A 1 142 SER 142 454 454 SER SER A . n 
A 1 143 SER 143 455 455 SER SER A . n 
A 1 144 SER 144 456 456 SER SER A . n 
A 1 145 PHE 145 457 457 PHE PHE A . n 
A 1 146 LYS 146 458 458 LYS LYS A . n 
A 1 147 LYS 147 459 459 LYS LYS A . n 
A 1 148 PRO 148 460 460 PRO PRO A . n 
A 1 149 THR 149 461 461 THR THR A . n 
A 1 150 GLY 150 462 462 GLY GLY A . n 
A 1 151 GLU 151 463 463 GLU GLU A . n 
A 1 152 MET 152 464 464 MET MET A . n 
A 1 153 ASN 153 465 465 ASN ASN A . n 
A 1 154 ILE 154 466 466 ILE ILE A . n 
A 1 155 ALA 155 467 467 ALA ALA A . n 
A 1 156 SER 156 468 468 SER SER A . n 
A 1 157 GLY 157 469 469 GLY GLY A . n 
A 1 158 CYS 158 470 470 CYS CYS A . n 
A 1 159 PRO 159 471 471 PRO PRO A . n 
A 1 160 VAL 160 472 472 VAL VAL A . n 
A 1 161 PHE 161 473 473 PHE PHE A . n 
A 1 162 VAL 162 474 474 VAL VAL A . n 
A 1 163 ALA 163 475 475 ALA ALA A . n 
A 1 164 GLN 164 476 476 GLN GLN A . n 
A 1 165 THR 165 477 477 THR THR A . n 
A 1 166 VAL 166 478 478 VAL VAL A . n 
A 1 167 LEU 167 479 479 LEU LEU A . n 
A 1 168 GLU 168 480 480 GLU GLU A . n 
A 1 169 ASN 169 481 481 ASN ASN A . n 
A 1 170 GLY 170 482 482 GLY GLY A . n 
A 1 171 THR 171 483 483 THR THR A . n 
A 1 172 TYR 172 484 484 TYR TYR A . n 
A 1 173 ILE 173 485 485 ILE ILE A . n 
A 1 174 LYS 174 486 486 LYS LYS A . n 
A 1 175 ASP 175 487 487 ASP ASP A . n 
A 1 176 ASP 176 488 488 ASP ASP A . n 
A 1 177 THR 177 489 489 THR THR A . n 
A 1 178 ILE 178 490 490 ILE ILE A . n 
A 1 179 PHE 179 491 491 PHE PHE A . n 
A 1 180 ILE 180 492 492 ILE ILE A . n 
A 1 181 LYS 181 493 493 LYS LYS A . n 
A 1 182 VAL 182 494 494 VAL VAL A . n 
A 1 183 ILE 183 495 495 ILE ILE A . n 
A 1 184 VAL 184 496 496 VAL VAL A . n 
A 1 185 ASP 185 497 497 ASP ASP A . n 
A 1 186 THR 186 498 498 THR THR A . n 
A 1 187 SER 187 499 499 SER SER A . n 
A 1 188 ASP 188 500 500 ASP ASP A . n 
A 1 189 LEU 189 501 501 LEU LEU A . n 
A 1 190 PRO 190 502 502 PRO PRO A . n 
A 1 191 ASP 191 503 503 ASP ASP A . n 
A 1 192 PRO 192 504 504 PRO PRO A . n 
B 2 1   SER 1   1   1   SER SER B . n 
B 2 2   VAL 2   2   2   VAL VAL B . n 
B 2 3   PRO 3   3   3   PRO PRO B . n 
B 2 4   ILE 4   4   4   ILE ILE B . n 
B 2 5   GLN 5   5   5   GLN GLN B . n 
B 2 6   CYS 6   6   6   CYS CYS B . n 
B 2 7   THR 7   7   7   THR THR B . n 
B 2 8   ASP 8   8   8   ASP ASP B . n 
B 2 9   LYS 9   9   9   LYS LYS B . n 
B 2 10  THR 10  10  10  THR THR B . n 
B 2 11  ASP 11  11  11  ASP ASP B . n 
B 2 12  LYS 12  12  12  LYS LYS B . n 
B 2 13  GLN 13  13  13  GLN GLN B . n 
B 2 14  GLU 14  14  14  GLU GLU B . n 
B 2 15  ALA 15  15  15  ALA ALA B . n 
B 2 16  LEU 16  16  16  LEU LEU B . n 
B 2 17  PHE 17  17  17  PHE PHE B . n 
B 2 18  LYS 18  18  18  LYS LYS B . n 
# 
loop_
_pdbx_nonpoly_scheme.asym_id 
_pdbx_nonpoly_scheme.entity_id 
_pdbx_nonpoly_scheme.mon_id 
_pdbx_nonpoly_scheme.ndb_seq_num 
_pdbx_nonpoly_scheme.pdb_seq_num 
_pdbx_nonpoly_scheme.auth_seq_num 
_pdbx_nonpoly_scheme.pdb_mon_id 
_pdbx_nonpoly_scheme.auth_mon_id 
_pdbx_nonpoly_scheme.pdb_strand_id 
_pdbx_nonpoly_scheme.pdb_ins_code 
C 3 HOH 1  752 752 HOH HOH A . 
C 3 HOH 2  753 753 HOH HOH A . 
C 3 HOH 3  754 754 HOH HOH A . 
C 3 HOH 4  755 755 HOH HOH A . 
C 3 HOH 5  756 756 HOH HOH A . 
C 3 HOH 6  757 757 HOH HOH A . 
C 3 HOH 7  758 758 HOH HOH A . 
C 3 HOH 8  759 759 HOH HOH A . 
C 3 HOH 9  760 760 HOH HOH A . 
C 3 HOH 10 761 761 HOH HOH A . 
C 3 HOH 11 762 762 HOH HOH A . 
C 3 HOH 12 763 763 HOH HOH A . 
C 3 HOH 13 765 765 HOH HOH A . 
C 3 HOH 14 766 766 HOH HOH A . 
C 3 HOH 15 767 767 HOH HOH A . 
C 3 HOH 16 768 768 HOH HOH A . 
C 3 HOH 17 769 769 HOH HOH A . 
C 3 HOH 18 770 770 HOH HOH A . 
C 3 HOH 19 771 771 HOH HOH A . 
C 3 HOH 20 772 772 HOH HOH A . 
C 3 HOH 21 773 773 HOH HOH A . 
C 3 HOH 22 774 774 HOH HOH A . 
C 3 HOH 23 775 775 HOH HOH A . 
C 3 HOH 24 776 776 HOH HOH A . 
C 3 HOH 25 777 777 HOH HOH A . 
D 3 HOH 1  750 750 HOH HOH B . 
D 3 HOH 2  751 751 HOH HOH B . 
D 3 HOH 3  764 764 HOH HOH B . 
# 
loop_
_software.name 
_software.classification 
_software.version 
_software.citation_id 
_software.pdbx_ordinal 
CNS    refinement        .         ? 1 
MAR345 'data collection' .         ? 2 
CCP4   'data scaling'    '(SCALA)' ? 3 
CNS    phasing           .         ? 4 
# 
_cell.entry_id           1L0A 
_cell.length_a           83.000 
_cell.length_b           83.000 
_cell.length_c           76.700 
_cell.angle_alpha        90.00 
_cell.angle_beta         90.00 
_cell.angle_gamma        120.00 
_cell.Z_PDB              6 
_cell.pdbx_unique_axis   ? 
# 
_symmetry.entry_id                         1L0A 
_symmetry.space_group_name_H-M             'P 3 2 1' 
_symmetry.pdbx_full_space_group_name_H-M   ? 
_symmetry.cell_setting                     ? 
_symmetry.Int_Tables_number                150 
# 
_exptl.entry_id          1L0A 
_exptl.method            'X-RAY DIFFRACTION' 
_exptl.crystals_number   1 
# 
_exptl_crystal.id                    1 
_exptl_crystal.density_meas          ? 
_exptl_crystal.density_Matthews      3.19 
_exptl_crystal.density_percent_sol   61.46 
_exptl_crystal.description           ? 
# 
_exptl_crystal_grow.crystal_id      1 
_exptl_crystal_grow.method          'VAPOR DIFFUSION, HANGING DROP' 
_exptl_crystal_grow.temp            298 
_exptl_crystal_grow.temp_details    ? 
_exptl_crystal_grow.pH              6.8 
_exptl_crystal_grow.pdbx_details    '100mM MES, 15% PEG1000, pH 6.8, VAPOR DIFFUSION, HANGING DROP, temperature 298K' 
_exptl_crystal_grow.pdbx_pH_range   . 
# 
_diffrn.id                     1 
_diffrn.ambient_temp           110 
_diffrn.ambient_temp_details   ? 
_diffrn.crystal_id             1 
# 
_diffrn_detector.diffrn_id              1 
_diffrn_detector.detector               'IMAGE PLATE' 
_diffrn_detector.type                   MARRESEARCH 
_diffrn_detector.pdbx_collection_date   2000-12-15 
_diffrn_detector.details                ? 
# 
_diffrn_radiation.diffrn_id                        1 
_diffrn_radiation.wavelength_id                    1 
_diffrn_radiation.pdbx_monochromatic_or_laue_m_l   M 
_diffrn_radiation.monochromator                    'SAGITALLY FOCUSED Si(111)' 
_diffrn_radiation.pdbx_diffrn_protocol             'SINGLE WAVELENGTH' 
_diffrn_radiation.pdbx_scattering_type             x-ray 
# 
_diffrn_radiation_wavelength.id           1 
_diffrn_radiation_wavelength.wavelength   0.97 
_diffrn_radiation_wavelength.wt           1.0 
# 
_diffrn_source.diffrn_id                   1 
_diffrn_source.source                      SYNCHROTRON 
_diffrn_source.type                        'SSRL BEAMLINE BL9-1' 
_diffrn_source.pdbx_synchrotron_site       SSRL 
_diffrn_source.pdbx_synchrotron_beamline   BL9-1 
_diffrn_source.pdbx_wavelength             ? 
_diffrn_source.pdbx_wavelength_list        0.97 
# 
_reflns.entry_id                     1L0A 
_reflns.observed_criterion_sigma_I   -3.0 
_reflns.observed_criterion_sigma_F   ? 
_reflns.d_resolution_low             50. 
_reflns.d_resolution_high            2.9 
_reflns.number_obs                   7042 
_reflns.number_all                   7076 
_reflns.percent_possible_obs         99.5 
_reflns.pdbx_Rmerge_I_obs            ? 
_reflns.pdbx_Rsym_value              ? 
_reflns.pdbx_netI_over_sigmaI        ? 
_reflns.B_iso_Wilson_estimate        ? 
_reflns.pdbx_redundancy              ? 
_reflns.R_free_details               ? 
_reflns.limit_h_max                  ? 
_reflns.limit_h_min                  ? 
_reflns.limit_k_max                  ? 
_reflns.limit_k_min                  ? 
_reflns.limit_l_max                  ? 
_reflns.limit_l_min                  ? 
_reflns.observed_criterion_F_max     ? 
_reflns.observed_criterion_F_min     ? 
_reflns.pdbx_diffrn_id               1 
_reflns.pdbx_ordinal                 1 
# 
_reflns_shell.d_res_high             2.90 
_reflns_shell.d_res_low              2.98 
_reflns_shell.percent_possible_all   100 
_reflns_shell.Rmerge_I_obs           ? 
_reflns_shell.pdbx_Rsym_value        ? 
_reflns_shell.meanI_over_sigI_obs    ? 
_reflns_shell.pdbx_redundancy        5.5 
_reflns_shell.percent_possible_obs   ? 
_reflns_shell.number_unique_all      ? 
_reflns_shell.pdbx_diffrn_id         ? 
_reflns_shell.pdbx_ordinal           1 
# 
_refine.entry_id                                 1L0A 
_refine.ls_number_reflns_obs                     7042 
_refine.ls_number_reflns_all                     7076 
_refine.pdbx_ls_sigma_I                          ? 
_refine.pdbx_ls_sigma_F                          2.0 
_refine.pdbx_data_cutoff_high_absF               ? 
_refine.pdbx_data_cutoff_low_absF                ? 
_refine.ls_d_res_low                             50. 
_refine.ls_d_res_high                            2.9 
_refine.ls_percent_reflns_obs                    99.5 
_refine.ls_R_factor_obs                          ? 
_refine.ls_R_factor_all                          ? 
_refine.ls_R_factor_R_work                       0.2300000 
_refine.ls_R_factor_R_free                       0.2950000 
_refine.ls_R_factor_R_free_error                 ? 
_refine.ls_R_factor_R_free_error_details         ? 
_refine.ls_percent_reflns_R_free                 ? 
_refine.ls_number_reflns_R_free                  386 
_refine.ls_number_parameters                     ? 
_refine.ls_number_restraints                     ? 
_refine.occupancy_min                            ? 
_refine.occupancy_max                            ? 
_refine.B_iso_mean                               37.3 
_refine.aniso_B[1][1]                            ? 
_refine.aniso_B[2][2]                            ? 
_refine.aniso_B[3][3]                            ? 
_refine.aniso_B[1][2]                            ? 
_refine.aniso_B[1][3]                            ? 
_refine.aniso_B[2][3]                            ? 
_refine.solvent_model_details                    ? 
_refine.solvent_model_param_ksol                 ? 
_refine.solvent_model_param_bsol                 ? 
_refine.pdbx_ls_cross_valid_method               THROUGHOUT 
_refine.details                                  ? 
_refine.pdbx_starting_model                      ? 
_refine.pdbx_method_to_determine_struct          'MOLECULAR REPLACEMENT' 
_refine.pdbx_isotropic_thermal_model             Isotropic 
_refine.pdbx_stereochemistry_target_values       'Engh & Huber' 
_refine.pdbx_stereochem_target_val_spec_case     ? 
_refine.pdbx_R_Free_selection_details            random 
_refine.pdbx_overall_ESU_R_Free                  ? 
_refine.overall_SU_B                             ? 
_refine.ls_redundancy_reflns_obs                 ? 
_refine.B_iso_min                                ? 
_refine.B_iso_max                                ? 
_refine.correlation_coeff_Fo_to_Fc               ? 
_refine.overall_SU_R_Cruickshank_DPI             ? 
_refine.overall_SU_R_free                        ? 
_refine.overall_SU_ML                            ? 
_refine.pdbx_overall_ESU_R                       ? 
_refine.pdbx_data_cutoff_high_rms_absF           ? 
_refine.correlation_coeff_Fo_to_Fc_free          ? 
_refine.pdbx_solvent_vdw_probe_radii             ? 
_refine.pdbx_solvent_ion_probe_radii             ? 
_refine.pdbx_solvent_shrinkage_radii             ? 
_refine.pdbx_refine_id                           'X-RAY DIFFRACTION' 
_refine.pdbx_diffrn_id                           1 
_refine.pdbx_TLS_residual_ADP_flag               ? 
_refine.pdbx_overall_phase_error                 ? 
_refine.pdbx_overall_SU_R_free_Cruickshank_DPI   ? 
_refine.pdbx_overall_SU_R_Blow_DPI               ? 
_refine.pdbx_overall_SU_R_free_Blow_DPI          ? 
# 
_refine_hist.pdbx_refine_id                   'X-RAY DIFFRACTION' 
_refine_hist.cycle_id                         LAST 
_refine_hist.pdbx_number_atoms_protein        1675 
_refine_hist.pdbx_number_atoms_nucleic_acid   0 
_refine_hist.pdbx_number_atoms_ligand         0 
_refine_hist.number_atoms_solvent             28 
_refine_hist.number_atoms_total               1703 
_refine_hist.d_res_high                       2.9 
_refine_hist.d_res_low                        50. 
# 
loop_
_refine_ls_restr.type 
_refine_ls_restr.dev_ideal 
_refine_ls_restr.dev_ideal_target 
_refine_ls_restr.weight 
_refine_ls_restr.number 
_refine_ls_restr.pdbx_refine_id 
_refine_ls_restr.pdbx_restraint_function 
c_bond_d  0.008 ? ? ? 'X-RAY DIFFRACTION' ? 
c_angle_d 1.42  ? ? ? 'X-RAY DIFFRACTION' ? 
# 
_struct.entry_id                  1L0A 
_struct.title                     'DOWNSTREAM REGULATOR TANK BINDS TO THE CD40 RECOGNITION SITE ON TRAF3' 
_struct.pdbx_model_details        ? 
_struct.pdbx_CASP_flag            ? 
_struct.pdbx_model_type_details   ? 
# 
_struct_keywords.entry_id        1L0A 
_struct_keywords.pdbx_keywords   'SIGNALING PROTEIN' 
_struct_keywords.text            'CD40, NF-kB signaling, TANK, TNF receptor, TRAF3, SIGNALING PROTEIN' 
# 
loop_
_struct_asym.id 
_struct_asym.pdbx_blank_PDB_chainid_flag 
_struct_asym.pdbx_modified 
_struct_asym.entity_id 
_struct_asym.details 
A N N 1 ? 
B N N 2 ? 
C N N 3 ? 
D N N 3 ? 
# 
loop_
_struct_ref.id 
_struct_ref.db_name 
_struct_ref.db_code 
_struct_ref.entity_id 
_struct_ref.pdbx_seq_one_letter_code 
_struct_ref.pdbx_align_begin 
_struct_ref.pdbx_db_accession 
_struct_ref.pdbx_db_isoform 
1 UNP TRAF3_HUMAN 1 
;MESSKKMDSPGALQTNPPLKLHTDRSAGTPVFVPEQGGYKEKFVKTVEDKYKCEKCHLVLCSPKQTECGHRFCESCMAAL
LSSSSPKCTACQESIVKDKVFKDNCCKREILALQIYCRNESRGCAEQLTLGHLLVHLKNDCHFEELPCVRPDCKEKVLRK
DLRDHVEKACKYREATCSHCKSQVPMIALQKHEDTDCPCVVVSCPHKCSVQTLLRSELSAHLSECVNAPSTCSFKRYGCV
FQGTNQQIKAHEASSAVQHVNLLKEWSNSLEKKVSLLQNESVEKNKSIQSLHNQICSFEIEIERQKEMLRNNESKILHLQ
RVIDSQAEKLKELDKEIRPFRQNWEEADSMKSSVESLQNRVTELESVDKSAGQVARNTGLLESQLSRHDQMLSVHDIRLA
DMDLRFQVLETASYNGVLIWKIRDYKRRKQEAVMGKTLSLYSQPFYTGYFGYKMCARVYLNGDGMGKGTHLSLFFVIMRG
EYDALLPWPFKQKVTLMLMDQGSSRRHLGDAFKPDPNSSSFKKPTGEMNIASGCPVFVAQTVLENGTYIKDDTIFIKVIV
DTSDLPDP
;
1   Q13114 ? 
2 UNP TANK_HUMAN  2 SVPIQCTDKTDKQEALFT 178 Q92844 ? 
# 
loop_
_struct_ref_seq.align_id 
_struct_ref_seq.ref_id 
_struct_ref_seq.pdbx_PDB_id_code 
_struct_ref_seq.pdbx_strand_id 
_struct_ref_seq.seq_align_beg 
_struct_ref_seq.pdbx_seq_align_beg_ins_code 
_struct_ref_seq.seq_align_end 
_struct_ref_seq.pdbx_seq_align_end_ins_code 
_struct_ref_seq.pdbx_db_accession 
_struct_ref_seq.db_align_beg 
_struct_ref_seq.pdbx_db_align_beg_ins_code 
_struct_ref_seq.db_align_end 
_struct_ref_seq.pdbx_db_align_end_ins_code 
_struct_ref_seq.pdbx_auth_seq_align_beg 
_struct_ref_seq.pdbx_auth_seq_align_end 
1 1 1L0A A 1 ? 192 ? Q13114 377 ? 568 ? 313 504 
2 2 1L0A B 1 ? 18  ? Q92844 178 ? 195 ? 1   18  
# 
_struct_ref_seq_dif.align_id                     2 
_struct_ref_seq_dif.pdbx_pdb_id_code             1L0A 
_struct_ref_seq_dif.mon_id                       LYS 
_struct_ref_seq_dif.pdbx_pdb_strand_id           B 
_struct_ref_seq_dif.seq_num                      18 
_struct_ref_seq_dif.pdbx_pdb_ins_code            ? 
_struct_ref_seq_dif.pdbx_seq_db_name             UNP 
_struct_ref_seq_dif.pdbx_seq_db_accession_code   Q92844 
_struct_ref_seq_dif.db_mon_id                    THR 
_struct_ref_seq_dif.pdbx_seq_db_seq_num          195 
_struct_ref_seq_dif.details                      'engineered mutation' 
_struct_ref_seq_dif.pdbx_auth_seq_num            18 
_struct_ref_seq_dif.pdbx_ordinal                 1 
# 
loop_
_pdbx_struct_assembly.id 
_pdbx_struct_assembly.details 
_pdbx_struct_assembly.method_details 
_pdbx_struct_assembly.oligomeric_details 
_pdbx_struct_assembly.oligomeric_count 
1 author_and_software_defined_assembly PISA dimeric   2 
2 software_defined_assembly            PISA hexameric 6 
# 
loop_
_pdbx_struct_assembly_prop.biol_id 
_pdbx_struct_assembly_prop.type 
_pdbx_struct_assembly_prop.value 
_pdbx_struct_assembly_prop.details 
1 'ABSA (A^2)' 2200  ? 
1 MORE         -10   ? 
1 'SSA (A^2)'  11800 ? 
2 'ABSA (A^2)' 13860 ? 
2 MORE         -77   ? 
2 'SSA (A^2)'  28140 ? 
# 
loop_
_pdbx_struct_assembly_gen.assembly_id 
_pdbx_struct_assembly_gen.oper_expression 
_pdbx_struct_assembly_gen.asym_id_list 
1 1     A,B,C,D 
2 1,2,3 A,B,C,D 
# 
loop_
_pdbx_struct_oper_list.id 
_pdbx_struct_oper_list.type 
_pdbx_struct_oper_list.name 
_pdbx_struct_oper_list.symmetry_operation 
_pdbx_struct_oper_list.matrix[1][1] 
_pdbx_struct_oper_list.matrix[1][2] 
_pdbx_struct_oper_list.matrix[1][3] 
_pdbx_struct_oper_list.vector[1] 
_pdbx_struct_oper_list.matrix[2][1] 
_pdbx_struct_oper_list.matrix[2][2] 
_pdbx_struct_oper_list.matrix[2][3] 
_pdbx_struct_oper_list.vector[2] 
_pdbx_struct_oper_list.matrix[3][1] 
_pdbx_struct_oper_list.matrix[3][2] 
_pdbx_struct_oper_list.matrix[3][3] 
_pdbx_struct_oper_list.vector[3] 
1 'identity operation'         1_555 x,y,z        1.0000000000 0.0000000000 0.0000000000  0.0000000000   0.0000000000 1.0000000000 0.0000000000  0.0000000000  0.0000000000  0.0000000000  1.0000000000  0.0000000000  
2 'crystal symmetry operation' 2_665 -y+1,x-y+1,z 0.2476769389 0.3090870184 -0.9182163955 -2.1596200262  0.9612997668 0.0396323265 0.2726390233  19.0655239602 0.1206602347  -0.9502076056 -0.2873092654 26.3193923421 
3 'crystal symmetry operation' 3_565 -x+y,-x+1,z  0.2476769389 0.9612997668 0.1206602347  -20.9684997187 0.3090870184 0.0396323265 -0.9502076056 24.9207862249 -0.9182163955 0.2726390233  -0.2873092654 0.3808009318 
# 
_struct_biol.id                    1 
_struct_biol.pdbx_parent_biol_id   ? 
_struct_biol.details               ? 
# 
loop_
_struct_conf.conf_type_id 
_struct_conf.id 
_struct_conf.pdbx_PDB_helix_id 
_struct_conf.beg_label_comp_id 
_struct_conf.beg_label_asym_id 
_struct_conf.beg_label_seq_id 
_struct_conf.pdbx_beg_PDB_ins_code 
_struct_conf.end_label_comp_id 
_struct_conf.end_label_asym_id 
_struct_conf.end_label_seq_id 
_struct_conf.pdbx_end_PDB_ins_code 
_struct_conf.beg_auth_comp_id 
_struct_conf.beg_auth_asym_id 
_struct_conf.beg_auth_seq_id 
_struct_conf.end_auth_comp_id 
_struct_conf.end_auth_asym_id 
_struct_conf.end_auth_seq_id 
_struct_conf.pdbx_PDB_helix_class 
_struct_conf.details 
_struct_conf.pdbx_PDB_helix_length 
HELX_P HELX_P1 1 ASN A 1   ? ALA A 36  ? ASN A 313 ALA A 348 1 ? 36 
HELX_P HELX_P2 2 ASP A 48  ? MET A 58  ? ASP A 360 MET A 370 1 ? 11 
HELX_P HELX_P3 3 ASP A 87  ? LYS A 91  ? ASP A 399 LYS A 403 5 ? 5  
HELX_P HELX_P4 4 GLN A 164 ? ASN A 169 ? GLN A 476 ASN A 481 1 ? 6  
# 
_struct_conf_type.id          HELX_P 
_struct_conf_type.criteria    ? 
_struct_conf_type.reference   ? 
# 
_struct_mon_prot_cis.pdbx_id                1 
_struct_mon_prot_cis.label_comp_id          TRP 
_struct_mon_prot_cis.label_seq_id           112 
_struct_mon_prot_cis.label_asym_id          A 
_struct_mon_prot_cis.label_alt_id           . 
_struct_mon_prot_cis.pdbx_PDB_ins_code      ? 
_struct_mon_prot_cis.auth_comp_id           TRP 
_struct_mon_prot_cis.auth_seq_id            424 
_struct_mon_prot_cis.auth_asym_id           A 
_struct_mon_prot_cis.pdbx_label_comp_id_2   PRO 
_struct_mon_prot_cis.pdbx_label_seq_id_2    113 
_struct_mon_prot_cis.pdbx_label_asym_id_2   A 
_struct_mon_prot_cis.pdbx_PDB_ins_code_2    ? 
_struct_mon_prot_cis.pdbx_auth_comp_id_2    PRO 
_struct_mon_prot_cis.pdbx_auth_seq_id_2     425 
_struct_mon_prot_cis.pdbx_auth_asym_id_2    A 
_struct_mon_prot_cis.pdbx_PDB_model_num     1 
_struct_mon_prot_cis.pdbx_omega_angle       -0.14 
# 
loop_
_struct_sheet.id 
_struct_sheet.type 
_struct_sheet.number_strands 
_struct_sheet.details 
A ? 4 ? 
B ? 5 ? 
C ? 4 ? 
# 
loop_
_struct_sheet_order.sheet_id 
_struct_sheet_order.range_id_1 
_struct_sheet_order.range_id_2 
_struct_sheet_order.offset 
_struct_sheet_order.sense 
A 1 2 ? anti-parallel 
A 2 3 ? anti-parallel 
A 3 4 ? anti-parallel 
B 1 2 ? anti-parallel 
B 2 3 ? anti-parallel 
B 3 4 ? anti-parallel 
B 4 5 ? parallel      
C 1 2 ? anti-parallel 
C 2 3 ? anti-parallel 
C 3 4 ? anti-parallel 
# 
loop_
_struct_sheet_range.sheet_id 
_struct_sheet_range.id 
_struct_sheet_range.beg_label_comp_id 
_struct_sheet_range.beg_label_asym_id 
_struct_sheet_range.beg_label_seq_id 
_struct_sheet_range.pdbx_beg_PDB_ins_code 
_struct_sheet_range.end_label_comp_id 
_struct_sheet_range.end_label_asym_id 
_struct_sheet_range.end_label_seq_id 
_struct_sheet_range.pdbx_end_PDB_ins_code 
_struct_sheet_range.beg_auth_comp_id 
_struct_sheet_range.beg_auth_asym_id 
_struct_sheet_range.beg_auth_seq_id 
_struct_sheet_range.end_auth_comp_id 
_struct_sheet_range.end_auth_asym_id 
_struct_sheet_range.end_auth_seq_id 
A 1 VAL A 41  ? ARG A 47  ? VAL A 353 ARG A 359 
A 2 THR A 177 ? VAL A 184 ? THR A 489 VAL A 496 
A 3 VAL A 118 ? LEU A 122 ? VAL A 430 LEU A 434 
A 4 LEU A 132 ? PHE A 136 ? LEU A 444 PHE A 448 
B 1 SER A 156 ? ALA A 163 ? SER A 468 ALA A 475 
B 2 HIS A 94  ? MET A 102 ? HIS A 406 MET A 414 
B 3 LYS A 77  ? TYR A 83  ? LYS A 389 TYR A 395 
B 4 SER A 63  ? TYR A 65  ? SER A 375 TYR A 377 
B 5 GLU B 14  ? LEU B 16  ? GLU B 14  LEU B 16  
C 1 SER A 156 ? ALA A 163 ? SER A 468 ALA A 475 
C 2 HIS A 94  ? MET A 102 ? HIS A 406 MET A 414 
C 3 LYS A 77  ? TYR A 83  ? LYS A 389 TYR A 395 
C 4 PHE A 69  ? TYR A 70  ? PHE A 381 TYR A 382 
# 
loop_
_pdbx_struct_sheet_hbond.sheet_id 
_pdbx_struct_sheet_hbond.range_id_1 
_pdbx_struct_sheet_hbond.range_id_2 
_pdbx_struct_sheet_hbond.range_1_label_atom_id 
_pdbx_struct_sheet_hbond.range_1_label_comp_id 
_pdbx_struct_sheet_hbond.range_1_label_asym_id 
_pdbx_struct_sheet_hbond.range_1_label_seq_id 
_pdbx_struct_sheet_hbond.range_1_PDB_ins_code 
_pdbx_struct_sheet_hbond.range_1_auth_atom_id 
_pdbx_struct_sheet_hbond.range_1_auth_comp_id 
_pdbx_struct_sheet_hbond.range_1_auth_asym_id 
_pdbx_struct_sheet_hbond.range_1_auth_seq_id 
_pdbx_struct_sheet_hbond.range_2_label_atom_id 
_pdbx_struct_sheet_hbond.range_2_label_comp_id 
_pdbx_struct_sheet_hbond.range_2_label_asym_id 
_pdbx_struct_sheet_hbond.range_2_label_seq_id 
_pdbx_struct_sheet_hbond.range_2_PDB_ins_code 
_pdbx_struct_sheet_hbond.range_2_auth_atom_id 
_pdbx_struct_sheet_hbond.range_2_auth_comp_id 
_pdbx_struct_sheet_hbond.range_2_auth_asym_id 
_pdbx_struct_sheet_hbond.range_2_auth_seq_id 
A 1 2 N TRP A 44  ? N TRP A 356 O ILE A 180 ? O ILE A 492 
A 2 3 O LYS A 181 ? O LYS A 493 N MET A 121 ? N MET A 433 
A 3 4 N LEU A 122 ? N LEU A 434 O LEU A 132 ? O LEU A 444 
B 1 2 O CYS A 158 ? O CYS A 470 N LEU A 97  ? N LEU A 409 
B 2 3 O PHE A 98  ? O PHE A 410 N ARG A 81  ? N ARG A 393 
B 3 4 O VAL A 82  ? O VAL A 394 N LEU A 64  ? N LEU A 376 
B 4 5 N SER A 63  ? N SER A 375 O ALA B 15  ? O ALA B 15  
C 1 2 O CYS A 158 ? O CYS A 470 N LEU A 97  ? N LEU A 409 
C 2 3 O PHE A 98  ? O PHE A 410 N ARG A 81  ? N ARG A 393 
C 3 4 O MET A 78  ? O MET A 390 N PHE A 69  ? N PHE A 381 
# 
_pdbx_validate_rmsd_angle.id                         1 
_pdbx_validate_rmsd_angle.PDB_model_num              1 
_pdbx_validate_rmsd_angle.auth_atom_id_1             C 
_pdbx_validate_rmsd_angle.auth_asym_id_1             A 
_pdbx_validate_rmsd_angle.auth_comp_id_1             LEU 
_pdbx_validate_rmsd_angle.auth_seq_id_1              501 
_pdbx_validate_rmsd_angle.PDB_ins_code_1             ? 
_pdbx_validate_rmsd_angle.label_alt_id_1             ? 
_pdbx_validate_rmsd_angle.auth_atom_id_2             N 
_pdbx_validate_rmsd_angle.auth_asym_id_2             A 
_pdbx_validate_rmsd_angle.auth_comp_id_2             PRO 
_pdbx_validate_rmsd_angle.auth_seq_id_2              502 
_pdbx_validate_rmsd_angle.PDB_ins_code_2             ? 
_pdbx_validate_rmsd_angle.label_alt_id_2             ? 
_pdbx_validate_rmsd_angle.auth_atom_id_3             CA 
_pdbx_validate_rmsd_angle.auth_asym_id_3             A 
_pdbx_validate_rmsd_angle.auth_comp_id_3             PRO 
_pdbx_validate_rmsd_angle.auth_seq_id_3              502 
_pdbx_validate_rmsd_angle.PDB_ins_code_3             ? 
_pdbx_validate_rmsd_angle.label_alt_id_3             ? 
_pdbx_validate_rmsd_angle.angle_value                130.34 
_pdbx_validate_rmsd_angle.angle_target_value         119.30 
_pdbx_validate_rmsd_angle.angle_deviation            11.04 
_pdbx_validate_rmsd_angle.angle_standard_deviation   1.50 
_pdbx_validate_rmsd_angle.linker_flag                Y 
# 
loop_
_pdbx_validate_torsion.id 
_pdbx_validate_torsion.PDB_model_num 
_pdbx_validate_torsion.auth_comp_id 
_pdbx_validate_torsion.auth_asym_id 
_pdbx_validate_torsion.auth_seq_id 
_pdbx_validate_torsion.PDB_ins_code 
_pdbx_validate_torsion.label_alt_id 
_pdbx_validate_torsion.phi 
_pdbx_validate_torsion.psi 
1  1 MET A 401 ? ? -71.05  34.24   
2  1 GLN A 437 ? ? -68.83  5.18    
3  1 PRO A 450 ? ? -32.12  141.46  
4  1 PRO A 460 ? ? -48.64  155.14  
5  1 THR A 461 ? ? -124.06 -51.54  
6  1 ASN A 465 ? ? -64.96  -178.00 
7  1 ALA A 467 ? ? -50.00  152.50  
8  1 PHE A 473 ? ? -56.44  -71.37  
9  1 ASN A 481 ? ? -112.65 61.55   
10 1 ASP A 500 ? ? -80.60  -84.60  
11 1 LEU A 501 ? ? -25.19  157.66  
12 1 PRO A 502 ? ? 12.18   -171.23 
13 1 ASP A 503 ? ? 97.63   119.13  
14 1 GLN B 5   ? ? -50.33  -158.75 
15 1 ASP B 8   ? ? -61.50  12.88   
16 1 LYS B 9   ? ? -66.11  9.04    
17 1 LYS B 12  ? ? -100.46 45.80   
18 1 PHE B 17  ? ? -160.43 98.27   
# 
loop_
_chem_comp_atom.comp_id 
_chem_comp_atom.atom_id 
_chem_comp_atom.type_symbol 
_chem_comp_atom.pdbx_aromatic_flag 
_chem_comp_atom.pdbx_stereo_config 
_chem_comp_atom.pdbx_ordinal 
ALA N    N N N 1   
ALA CA   C N S 2   
ALA C    C N N 3   
ALA O    O N N 4   
ALA CB   C N N 5   
ALA OXT  O N N 6   
ALA H    H N N 7   
ALA H2   H N N 8   
ALA HA   H N N 9   
ALA HB1  H N N 10  
ALA HB2  H N N 11  
ALA HB3  H N N 12  
ALA HXT  H N N 13  
ARG N    N N N 14  
ARG CA   C N S 15  
ARG C    C N N 16  
ARG O    O N N 17  
ARG CB   C N N 18  
ARG CG   C N N 19  
ARG CD   C N N 20  
ARG NE   N N N 21  
ARG CZ   C N N 22  
ARG NH1  N N N 23  
ARG NH2  N N N 24  
ARG OXT  O N N 25  
ARG H    H N N 26  
ARG H2   H N N 27  
ARG HA   H N N 28  
ARG HB2  H N N 29  
ARG HB3  H N N 30  
ARG HG2  H N N 31  
ARG HG3  H N N 32  
ARG HD2  H N N 33  
ARG HD3  H N N 34  
ARG HE   H N N 35  
ARG HH11 H N N 36  
ARG HH12 H N N 37  
ARG HH21 H N N 38  
ARG HH22 H N N 39  
ARG HXT  H N N 40  
ASN N    N N N 41  
ASN CA   C N S 42  
ASN C    C N N 43  
ASN O    O N N 44  
ASN CB   C N N 45  
ASN CG   C N N 46  
ASN OD1  O N N 47  
ASN ND2  N N N 48  
ASN OXT  O N N 49  
ASN H    H N N 50  
ASN H2   H N N 51  
ASN HA   H N N 52  
ASN HB2  H N N 53  
ASN HB3  H N N 54  
ASN HD21 H N N 55  
ASN HD22 H N N 56  
ASN HXT  H N N 57  
ASP N    N N N 58  
ASP CA   C N S 59  
ASP C    C N N 60  
ASP O    O N N 61  
ASP CB   C N N 62  
ASP CG   C N N 63  
ASP OD1  O N N 64  
ASP OD2  O N N 65  
ASP OXT  O N N 66  
ASP H    H N N 67  
ASP H2   H N N 68  
ASP HA   H N N 69  
ASP HB2  H N N 70  
ASP HB3  H N N 71  
ASP HD2  H N N 72  
ASP HXT  H N N 73  
CYS N    N N N 74  
CYS CA   C N R 75  
CYS C    C N N 76  
CYS O    O N N 77  
CYS CB   C N N 78  
CYS SG   S N N 79  
CYS OXT  O N N 80  
CYS H    H N N 81  
CYS H2   H N N 82  
CYS HA   H N N 83  
CYS HB2  H N N 84  
CYS HB3  H N N 85  
CYS HG   H N N 86  
CYS HXT  H N N 87  
GLN N    N N N 88  
GLN CA   C N S 89  
GLN C    C N N 90  
GLN O    O N N 91  
GLN CB   C N N 92  
GLN CG   C N N 93  
GLN CD   C N N 94  
GLN OE1  O N N 95  
GLN NE2  N N N 96  
GLN OXT  O N N 97  
GLN H    H N N 98  
GLN H2   H N N 99  
GLN HA   H N N 100 
GLN HB2  H N N 101 
GLN HB3  H N N 102 
GLN HG2  H N N 103 
GLN HG3  H N N 104 
GLN HE21 H N N 105 
GLN HE22 H N N 106 
GLN HXT  H N N 107 
GLU N    N N N 108 
GLU CA   C N S 109 
GLU C    C N N 110 
GLU O    O N N 111 
GLU CB   C N N 112 
GLU CG   C N N 113 
GLU CD   C N N 114 
GLU OE1  O N N 115 
GLU OE2  O N N 116 
GLU OXT  O N N 117 
GLU H    H N N 118 
GLU H2   H N N 119 
GLU HA   H N N 120 
GLU HB2  H N N 121 
GLU HB3  H N N 122 
GLU HG2  H N N 123 
GLU HG3  H N N 124 
GLU HE2  H N N 125 
GLU HXT  H N N 126 
GLY N    N N N 127 
GLY CA   C N N 128 
GLY C    C N N 129 
GLY O    O N N 130 
GLY OXT  O N N 131 
GLY H    H N N 132 
GLY H2   H N N 133 
GLY HA2  H N N 134 
GLY HA3  H N N 135 
GLY HXT  H N N 136 
HIS N    N N N 137 
HIS CA   C N S 138 
HIS C    C N N 139 
HIS O    O N N 140 
HIS CB   C N N 141 
HIS CG   C Y N 142 
HIS ND1  N Y N 143 
HIS CD2  C Y N 144 
HIS CE1  C Y N 145 
HIS NE2  N Y N 146 
HIS OXT  O N N 147 
HIS H    H N N 148 
HIS H2   H N N 149 
HIS HA   H N N 150 
HIS HB2  H N N 151 
HIS HB3  H N N 152 
HIS HD1  H N N 153 
HIS HD2  H N N 154 
HIS HE1  H N N 155 
HIS HE2  H N N 156 
HIS HXT  H N N 157 
HOH O    O N N 158 
HOH H1   H N N 159 
HOH H2   H N N 160 
ILE N    N N N 161 
ILE CA   C N S 162 
ILE C    C N N 163 
ILE O    O N N 164 
ILE CB   C N S 165 
ILE CG1  C N N 166 
ILE CG2  C N N 167 
ILE CD1  C N N 168 
ILE OXT  O N N 169 
ILE H    H N N 170 
ILE H2   H N N 171 
ILE HA   H N N 172 
ILE HB   H N N 173 
ILE HG12 H N N 174 
ILE HG13 H N N 175 
ILE HG21 H N N 176 
ILE HG22 H N N 177 
ILE HG23 H N N 178 
ILE HD11 H N N 179 
ILE HD12 H N N 180 
ILE HD13 H N N 181 
ILE HXT  H N N 182 
LEU N    N N N 183 
LEU CA   C N S 184 
LEU C    C N N 185 
LEU O    O N N 186 
LEU CB   C N N 187 
LEU CG   C N N 188 
LEU CD1  C N N 189 
LEU CD2  C N N 190 
LEU OXT  O N N 191 
LEU H    H N N 192 
LEU H2   H N N 193 
LEU HA   H N N 194 
LEU HB2  H N N 195 
LEU HB3  H N N 196 
LEU HG   H N N 197 
LEU HD11 H N N 198 
LEU HD12 H N N 199 
LEU HD13 H N N 200 
LEU HD21 H N N 201 
LEU HD22 H N N 202 
LEU HD23 H N N 203 
LEU HXT  H N N 204 
LYS N    N N N 205 
LYS CA   C N S 206 
LYS C    C N N 207 
LYS O    O N N 208 
LYS CB   C N N 209 
LYS CG   C N N 210 
LYS CD   C N N 211 
LYS CE   C N N 212 
LYS NZ   N N N 213 
LYS OXT  O N N 214 
LYS H    H N N 215 
LYS H2   H N N 216 
LYS HA   H N N 217 
LYS HB2  H N N 218 
LYS HB3  H N N 219 
LYS HG2  H N N 220 
LYS HG3  H N N 221 
LYS HD2  H N N 222 
LYS HD3  H N N 223 
LYS HE2  H N N 224 
LYS HE3  H N N 225 
LYS HZ1  H N N 226 
LYS HZ2  H N N 227 
LYS HZ3  H N N 228 
LYS HXT  H N N 229 
MET N    N N N 230 
MET CA   C N S 231 
MET C    C N N 232 
MET O    O N N 233 
MET CB   C N N 234 
MET CG   C N N 235 
MET SD   S N N 236 
MET CE   C N N 237 
MET OXT  O N N 238 
MET H    H N N 239 
MET H2   H N N 240 
MET HA   H N N 241 
MET HB2  H N N 242 
MET HB3  H N N 243 
MET HG2  H N N 244 
MET HG3  H N N 245 
MET HE1  H N N 246 
MET HE2  H N N 247 
MET HE3  H N N 248 
MET HXT  H N N 249 
PHE N    N N N 250 
PHE CA   C N S 251 
PHE C    C N N 252 
PHE O    O N N 253 
PHE CB   C N N 254 
PHE CG   C Y N 255 
PHE CD1  C Y N 256 
PHE CD2  C Y N 257 
PHE CE1  C Y N 258 
PHE CE2  C Y N 259 
PHE CZ   C Y N 260 
PHE OXT  O N N 261 
PHE H    H N N 262 
PHE H2   H N N 263 
PHE HA   H N N 264 
PHE HB2  H N N 265 
PHE HB3  H N N 266 
PHE HD1  H N N 267 
PHE HD2  H N N 268 
PHE HE1  H N N 269 
PHE HE2  H N N 270 
PHE HZ   H N N 271 
PHE HXT  H N N 272 
PRO N    N N N 273 
PRO CA   C N S 274 
PRO C    C N N 275 
PRO O    O N N 276 
PRO CB   C N N 277 
PRO CG   C N N 278 
PRO CD   C N N 279 
PRO OXT  O N N 280 
PRO H    H N N 281 
PRO HA   H N N 282 
PRO HB2  H N N 283 
PRO HB3  H N N 284 
PRO HG2  H N N 285 
PRO HG3  H N N 286 
PRO HD2  H N N 287 
PRO HD3  H N N 288 
PRO HXT  H N N 289 
SER N    N N N 290 
SER CA   C N S 291 
SER C    C N N 292 
SER O    O N N 293 
SER CB   C N N 294 
SER OG   O N N 295 
SER OXT  O N N 296 
SER H    H N N 297 
SER H2   H N N 298 
SER HA   H N N 299 
SER HB2  H N N 300 
SER HB3  H N N 301 
SER HG   H N N 302 
SER HXT  H N N 303 
THR N    N N N 304 
THR CA   C N S 305 
THR C    C N N 306 
THR O    O N N 307 
THR CB   C N R 308 
THR OG1  O N N 309 
THR CG2  C N N 310 
THR OXT  O N N 311 
THR H    H N N 312 
THR H2   H N N 313 
THR HA   H N N 314 
THR HB   H N N 315 
THR HG1  H N N 316 
THR HG21 H N N 317 
THR HG22 H N N 318 
THR HG23 H N N 319 
THR HXT  H N N 320 
TRP N    N N N 321 
TRP CA   C N S 322 
TRP C    C N N 323 
TRP O    O N N 324 
TRP CB   C N N 325 
TRP CG   C Y N 326 
TRP CD1  C Y N 327 
TRP CD2  C Y N 328 
TRP NE1  N Y N 329 
TRP CE2  C Y N 330 
TRP CE3  C Y N 331 
TRP CZ2  C Y N 332 
TRP CZ3  C Y N 333 
TRP CH2  C Y N 334 
TRP OXT  O N N 335 
TRP H    H N N 336 
TRP H2   H N N 337 
TRP HA   H N N 338 
TRP HB2  H N N 339 
TRP HB3  H N N 340 
TRP HD1  H N N 341 
TRP HE1  H N N 342 
TRP HE3  H N N 343 
TRP HZ2  H N N 344 
TRP HZ3  H N N 345 
TRP HH2  H N N 346 
TRP HXT  H N N 347 
TYR N    N N N 348 
TYR CA   C N S 349 
TYR C    C N N 350 
TYR O    O N N 351 
TYR CB   C N N 352 
TYR CG   C Y N 353 
TYR CD1  C Y N 354 
TYR CD2  C Y N 355 
TYR CE1  C Y N 356 
TYR CE2  C Y N 357 
TYR CZ   C Y N 358 
TYR OH   O N N 359 
TYR OXT  O N N 360 
TYR H    H N N 361 
TYR H2   H N N 362 
TYR HA   H N N 363 
TYR HB2  H N N 364 
TYR HB3  H N N 365 
TYR HD1  H N N 366 
TYR HD2  H N N 367 
TYR HE1  H N N 368 
TYR HE2  H N N 369 
TYR HH   H N N 370 
TYR HXT  H N N 371 
VAL N    N N N 372 
VAL CA   C N S 373 
VAL C    C N N 374 
VAL O    O N N 375 
VAL CB   C N N 376 
VAL CG1  C N N 377 
VAL CG2  C N N 378 
VAL OXT  O N N 379 
VAL H    H N N 380 
VAL H2   H N N 381 
VAL HA   H N N 382 
VAL HB   H N N 383 
VAL HG11 H N N 384 
VAL HG12 H N N 385 
VAL HG13 H N N 386 
VAL HG21 H N N 387 
VAL HG22 H N N 388 
VAL HG23 H N N 389 
VAL HXT  H N N 390 
# 
loop_
_chem_comp_bond.comp_id 
_chem_comp_bond.atom_id_1 
_chem_comp_bond.atom_id_2 
_chem_comp_bond.value_order 
_chem_comp_bond.pdbx_aromatic_flag 
_chem_comp_bond.pdbx_stereo_config 
_chem_comp_bond.pdbx_ordinal 
ALA N   CA   sing N N 1   
ALA N   H    sing N N 2   
ALA N   H2   sing N N 3   
ALA CA  C    sing N N 4   
ALA CA  CB   sing N N 5   
ALA CA  HA   sing N N 6   
ALA C   O    doub N N 7   
ALA C   OXT  sing N N 8   
ALA CB  HB1  sing N N 9   
ALA CB  HB2  sing N N 10  
ALA CB  HB3  sing N N 11  
ALA OXT HXT  sing N N 12  
ARG N   CA   sing N N 13  
ARG N   H    sing N N 14  
ARG N   H2   sing N N 15  
ARG CA  C    sing N N 16  
ARG CA  CB   sing N N 17  
ARG CA  HA   sing N N 18  
ARG C   O    doub N N 19  
ARG C   OXT  sing N N 20  
ARG CB  CG   sing N N 21  
ARG CB  HB2  sing N N 22  
ARG CB  HB3  sing N N 23  
ARG CG  CD   sing N N 24  
ARG CG  HG2  sing N N 25  
ARG CG  HG3  sing N N 26  
ARG CD  NE   sing N N 27  
ARG CD  HD2  sing N N 28  
ARG CD  HD3  sing N N 29  
ARG NE  CZ   sing N N 30  
ARG NE  HE   sing N N 31  
ARG CZ  NH1  sing N N 32  
ARG CZ  NH2  doub N N 33  
ARG NH1 HH11 sing N N 34  
ARG NH1 HH12 sing N N 35  
ARG NH2 HH21 sing N N 36  
ARG NH2 HH22 sing N N 37  
ARG OXT HXT  sing N N 38  
ASN N   CA   sing N N 39  
ASN N   H    sing N N 40  
ASN N   H2   sing N N 41  
ASN CA  C    sing N N 42  
ASN CA  CB   sing N N 43  
ASN CA  HA   sing N N 44  
ASN C   O    doub N N 45  
ASN C   OXT  sing N N 46  
ASN CB  CG   sing N N 47  
ASN CB  HB2  sing N N 48  
ASN CB  HB3  sing N N 49  
ASN CG  OD1  doub N N 50  
ASN CG  ND2  sing N N 51  
ASN ND2 HD21 sing N N 52  
ASN ND2 HD22 sing N N 53  
ASN OXT HXT  sing N N 54  
ASP N   CA   sing N N 55  
ASP N   H    sing N N 56  
ASP N   H2   sing N N 57  
ASP CA  C    sing N N 58  
ASP CA  CB   sing N N 59  
ASP CA  HA   sing N N 60  
ASP C   O    doub N N 61  
ASP C   OXT  sing N N 62  
ASP CB  CG   sing N N 63  
ASP CB  HB2  sing N N 64  
ASP CB  HB3  sing N N 65  
ASP CG  OD1  doub N N 66  
ASP CG  OD2  sing N N 67  
ASP OD2 HD2  sing N N 68  
ASP OXT HXT  sing N N 69  
CYS N   CA   sing N N 70  
CYS N   H    sing N N 71  
CYS N   H2   sing N N 72  
CYS CA  C    sing N N 73  
CYS CA  CB   sing N N 74  
CYS CA  HA   sing N N 75  
CYS C   O    doub N N 76  
CYS C   OXT  sing N N 77  
CYS CB  SG   sing N N 78  
CYS CB  HB2  sing N N 79  
CYS CB  HB3  sing N N 80  
CYS SG  HG   sing N N 81  
CYS OXT HXT  sing N N 82  
GLN N   CA   sing N N 83  
GLN N   H    sing N N 84  
GLN N   H2   sing N N 85  
GLN CA  C    sing N N 86  
GLN CA  CB   sing N N 87  
GLN CA  HA   sing N N 88  
GLN C   O    doub N N 89  
GLN C   OXT  sing N N 90  
GLN CB  CG   sing N N 91  
GLN CB  HB2  sing N N 92  
GLN CB  HB3  sing N N 93  
GLN CG  CD   sing N N 94  
GLN CG  HG2  sing N N 95  
GLN CG  HG3  sing N N 96  
GLN CD  OE1  doub N N 97  
GLN CD  NE2  sing N N 98  
GLN NE2 HE21 sing N N 99  
GLN NE2 HE22 sing N N 100 
GLN OXT HXT  sing N N 101 
GLU N   CA   sing N N 102 
GLU N   H    sing N N 103 
GLU N   H2   sing N N 104 
GLU CA  C    sing N N 105 
GLU CA  CB   sing N N 106 
GLU CA  HA   sing N N 107 
GLU C   O    doub N N 108 
GLU C   OXT  sing N N 109 
GLU CB  CG   sing N N 110 
GLU CB  HB2  sing N N 111 
GLU CB  HB3  sing N N 112 
GLU CG  CD   sing N N 113 
GLU CG  HG2  sing N N 114 
GLU CG  HG3  sing N N 115 
GLU CD  OE1  doub N N 116 
GLU CD  OE2  sing N N 117 
GLU OE2 HE2  sing N N 118 
GLU OXT HXT  sing N N 119 
GLY N   CA   sing N N 120 
GLY N   H    sing N N 121 
GLY N   H2   sing N N 122 
GLY CA  C    sing N N 123 
GLY CA  HA2  sing N N 124 
GLY CA  HA3  sing N N 125 
GLY C   O    doub N N 126 
GLY C   OXT  sing N N 127 
GLY OXT HXT  sing N N 128 
HIS N   CA   sing N N 129 
HIS N   H    sing N N 130 
HIS N   H2   sing N N 131 
HIS CA  C    sing N N 132 
HIS CA  CB   sing N N 133 
HIS CA  HA   sing N N 134 
HIS C   O    doub N N 135 
HIS C   OXT  sing N N 136 
HIS CB  CG   sing N N 137 
HIS CB  HB2  sing N N 138 
HIS CB  HB3  sing N N 139 
HIS CG  ND1  sing Y N 140 
HIS CG  CD2  doub Y N 141 
HIS ND1 CE1  doub Y N 142 
HIS ND1 HD1  sing N N 143 
HIS CD2 NE2  sing Y N 144 
HIS CD2 HD2  sing N N 145 
HIS CE1 NE2  sing Y N 146 
HIS CE1 HE1  sing N N 147 
HIS NE2 HE2  sing N N 148 
HIS OXT HXT  sing N N 149 
HOH O   H1   sing N N 150 
HOH O   H2   sing N N 151 
ILE N   CA   sing N N 152 
ILE N   H    sing N N 153 
ILE N   H2   sing N N 154 
ILE CA  C    sing N N 155 
ILE CA  CB   sing N N 156 
ILE CA  HA   sing N N 157 
ILE C   O    doub N N 158 
ILE C   OXT  sing N N 159 
ILE CB  CG1  sing N N 160 
ILE CB  CG2  sing N N 161 
ILE CB  HB   sing N N 162 
ILE CG1 CD1  sing N N 163 
ILE CG1 HG12 sing N N 164 
ILE CG1 HG13 sing N N 165 
ILE CG2 HG21 sing N N 166 
ILE CG2 HG22 sing N N 167 
ILE CG2 HG23 sing N N 168 
ILE CD1 HD11 sing N N 169 
ILE CD1 HD12 sing N N 170 
ILE CD1 HD13 sing N N 171 
ILE OXT HXT  sing N N 172 
LEU N   CA   sing N N 173 
LEU N   H    sing N N 174 
LEU N   H2   sing N N 175 
LEU CA  C    sing N N 176 
LEU CA  CB   sing N N 177 
LEU CA  HA   sing N N 178 
LEU C   O    doub N N 179 
LEU C   OXT  sing N N 180 
LEU CB  CG   sing N N 181 
LEU CB  HB2  sing N N 182 
LEU CB  HB3  sing N N 183 
LEU CG  CD1  sing N N 184 
LEU CG  CD2  sing N N 185 
LEU CG  HG   sing N N 186 
LEU CD1 HD11 sing N N 187 
LEU CD1 HD12 sing N N 188 
LEU CD1 HD13 sing N N 189 
LEU CD2 HD21 sing N N 190 
LEU CD2 HD22 sing N N 191 
LEU CD2 HD23 sing N N 192 
LEU OXT HXT  sing N N 193 
LYS N   CA   sing N N 194 
LYS N   H    sing N N 195 
LYS N   H2   sing N N 196 
LYS CA  C    sing N N 197 
LYS CA  CB   sing N N 198 
LYS CA  HA   sing N N 199 
LYS C   O    doub N N 200 
LYS C   OXT  sing N N 201 
LYS CB  CG   sing N N 202 
LYS CB  HB2  sing N N 203 
LYS CB  HB3  sing N N 204 
LYS CG  CD   sing N N 205 
LYS CG  HG2  sing N N 206 
LYS CG  HG3  sing N N 207 
LYS CD  CE   sing N N 208 
LYS CD  HD2  sing N N 209 
LYS CD  HD3  sing N N 210 
LYS CE  NZ   sing N N 211 
LYS CE  HE2  sing N N 212 
LYS CE  HE3  sing N N 213 
LYS NZ  HZ1  sing N N 214 
LYS NZ  HZ2  sing N N 215 
LYS NZ  HZ3  sing N N 216 
LYS OXT HXT  sing N N 217 
MET N   CA   sing N N 218 
MET N   H    sing N N 219 
MET N   H2   sing N N 220 
MET CA  C    sing N N 221 
MET CA  CB   sing N N 222 
MET CA  HA   sing N N 223 
MET C   O    doub N N 224 
MET C   OXT  sing N N 225 
MET CB  CG   sing N N 226 
MET CB  HB2  sing N N 227 
MET CB  HB3  sing N N 228 
MET CG  SD   sing N N 229 
MET CG  HG2  sing N N 230 
MET CG  HG3  sing N N 231 
MET SD  CE   sing N N 232 
MET CE  HE1  sing N N 233 
MET CE  HE2  sing N N 234 
MET CE  HE3  sing N N 235 
MET OXT HXT  sing N N 236 
PHE N   CA   sing N N 237 
PHE N   H    sing N N 238 
PHE N   H2   sing N N 239 
PHE CA  C    sing N N 240 
PHE CA  CB   sing N N 241 
PHE CA  HA   sing N N 242 
PHE C   O    doub N N 243 
PHE C   OXT  sing N N 244 
PHE CB  CG   sing N N 245 
PHE CB  HB2  sing N N 246 
PHE CB  HB3  sing N N 247 
PHE CG  CD1  doub Y N 248 
PHE CG  CD2  sing Y N 249 
PHE CD1 CE1  sing Y N 250 
PHE CD1 HD1  sing N N 251 
PHE CD2 CE2  doub Y N 252 
PHE CD2 HD2  sing N N 253 
PHE CE1 CZ   doub Y N 254 
PHE CE1 HE1  sing N N 255 
PHE CE2 CZ   sing Y N 256 
PHE CE2 HE2  sing N N 257 
PHE CZ  HZ   sing N N 258 
PHE OXT HXT  sing N N 259 
PRO N   CA   sing N N 260 
PRO N   CD   sing N N 261 
PRO N   H    sing N N 262 
PRO CA  C    sing N N 263 
PRO CA  CB   sing N N 264 
PRO CA  HA   sing N N 265 
PRO C   O    doub N N 266 
PRO C   OXT  sing N N 267 
PRO CB  CG   sing N N 268 
PRO CB  HB2  sing N N 269 
PRO CB  HB3  sing N N 270 
PRO CG  CD   sing N N 271 
PRO CG  HG2  sing N N 272 
PRO CG  HG3  sing N N 273 
PRO CD  HD2  sing N N 274 
PRO CD  HD3  sing N N 275 
PRO OXT HXT  sing N N 276 
SER N   CA   sing N N 277 
SER N   H    sing N N 278 
SER N   H2   sing N N 279 
SER CA  C    sing N N 280 
SER CA  CB   sing N N 281 
SER CA  HA   sing N N 282 
SER C   O    doub N N 283 
SER C   OXT  sing N N 284 
SER CB  OG   sing N N 285 
SER CB  HB2  sing N N 286 
SER CB  HB3  sing N N 287 
SER OG  HG   sing N N 288 
SER OXT HXT  sing N N 289 
THR N   CA   sing N N 290 
THR N   H    sing N N 291 
THR N   H2   sing N N 292 
THR CA  C    sing N N 293 
THR CA  CB   sing N N 294 
THR CA  HA   sing N N 295 
THR C   O    doub N N 296 
THR C   OXT  sing N N 297 
THR CB  OG1  sing N N 298 
THR CB  CG2  sing N N 299 
THR CB  HB   sing N N 300 
THR OG1 HG1  sing N N 301 
THR CG2 HG21 sing N N 302 
THR CG2 HG22 sing N N 303 
THR CG2 HG23 sing N N 304 
THR OXT HXT  sing N N 305 
TRP N   CA   sing N N 306 
TRP N   H    sing N N 307 
TRP N   H2   sing N N 308 
TRP CA  C    sing N N 309 
TRP CA  CB   sing N N 310 
TRP CA  HA   sing N N 311 
TRP C   O    doub N N 312 
TRP C   OXT  sing N N 313 
TRP CB  CG   sing N N 314 
TRP CB  HB2  sing N N 315 
TRP CB  HB3  sing N N 316 
TRP CG  CD1  doub Y N 317 
TRP CG  CD2  sing Y N 318 
TRP CD1 NE1  sing Y N 319 
TRP CD1 HD1  sing N N 320 
TRP CD2 CE2  doub Y N 321 
TRP CD2 CE3  sing Y N 322 
TRP NE1 CE2  sing Y N 323 
TRP NE1 HE1  sing N N 324 
TRP CE2 CZ2  sing Y N 325 
TRP CE3 CZ3  doub Y N 326 
TRP CE3 HE3  sing N N 327 
TRP CZ2 CH2  doub Y N 328 
TRP CZ2 HZ2  sing N N 329 
TRP CZ3 CH2  sing Y N 330 
TRP CZ3 HZ3  sing N N 331 
TRP CH2 HH2  sing N N 332 
TRP OXT HXT  sing N N 333 
TYR N   CA   sing N N 334 
TYR N   H    sing N N 335 
TYR N   H2   sing N N 336 
TYR CA  C    sing N N 337 
TYR CA  CB   sing N N 338 
TYR CA  HA   sing N N 339 
TYR C   O    doub N N 340 
TYR C   OXT  sing N N 341 
TYR CB  CG   sing N N 342 
TYR CB  HB2  sing N N 343 
TYR CB  HB3  sing N N 344 
TYR CG  CD1  doub Y N 345 
TYR CG  CD2  sing Y N 346 
TYR CD1 CE1  sing Y N 347 
TYR CD1 HD1  sing N N 348 
TYR CD2 CE2  doub Y N 349 
TYR CD2 HD2  sing N N 350 
TYR CE1 CZ   doub Y N 351 
TYR CE1 HE1  sing N N 352 
TYR CE2 CZ   sing Y N 353 
TYR CE2 HE2  sing N N 354 
TYR CZ  OH   sing N N 355 
TYR OH  HH   sing N N 356 
TYR OXT HXT  sing N N 357 
VAL N   CA   sing N N 358 
VAL N   H    sing N N 359 
VAL N   H2   sing N N 360 
VAL CA  C    sing N N 361 
VAL CA  CB   sing N N 362 
VAL CA  HA   sing N N 363 
VAL C   O    doub N N 364 
VAL C   OXT  sing N N 365 
VAL CB  CG1  sing N N 366 
VAL CB  CG2  sing N N 367 
VAL CB  HB   sing N N 368 
VAL CG1 HG11 sing N N 369 
VAL CG1 HG12 sing N N 370 
VAL CG1 HG13 sing N N 371 
VAL CG2 HG21 sing N N 372 
VAL CG2 HG22 sing N N 373 
VAL CG2 HG23 sing N N 374 
VAL OXT HXT  sing N N 375 
# 
_atom_sites.entry_id                    1L0A 
_atom_sites.fract_transf_matrix[1][1]   -0.00596166 
_atom_sites.fract_transf_matrix[1][2]   0.01092265 
_atom_sites.fract_transf_matrix[1][3]   0.00622050 
_atom_sites.fract_transf_matrix[2][1]   -0.00977404 
_atom_sites.fract_transf_matrix[2][2]   0.00732065 
_atom_sites.fract_transf_matrix[2][3]   -0.00666483 
_atom_sites.fract_transf_matrix[3][1]   -0.00920497 
_atom_sites.fract_transf_matrix[3][2]   -0.00782014 
_atom_sites.fract_transf_matrix[3][3]   0.00490953 
_atom_sites.fract_transf_vector[1]      0.071860 
_atom_sites.fract_transf_vector[2]      0.543294 
_atom_sites.fract_transf_vector[3]      0.232260 
# 
loop_
_atom_type.symbol 
C 
N 
O 
S 
# 
loop_
_atom_site.group_PDB 
_atom_site.id 
_atom_site.type_symbol 
_atom_site.label_atom_id 
_atom_site.label_alt_id 
_atom_site.label_comp_id 
_atom_site.label_asym_id 
_atom_site.label_entity_id 
_atom_site.label_seq_id 
_atom_site.pdbx_PDB_ins_code 
_atom_site.Cartn_x 
_atom_site.Cartn_y 
_atom_site.Cartn_z 
_atom_site.occupancy 
_atom_site.B_iso_or_equiv 
_atom_site.pdbx_formal_charge 
_atom_site.auth_seq_id 
_atom_site.auth_comp_id 
_atom_site.auth_asym_id 
_atom_site.auth_atom_id 
_atom_site.pdbx_PDB_model_num 
ATOM   1    N N   . ASN A 1 1   ? 31.567  43.237  -2.852  1.00 68.14 ? 313 ASN A N   1 
ATOM   2    C CA  . ASN A 1 1   ? 32.090  42.705  -4.143  1.00 67.43 ? 313 ASN A CA  1 
ATOM   3    C C   . ASN A 1 1   ? 31.047  41.901  -4.927  1.00 65.87 ? 313 ASN A C   1 
ATOM   4    O O   . ASN A 1 1   ? 30.184  41.234  -4.342  1.00 65.30 ? 313 ASN A O   1 
ATOM   5    C CB  . ASN A 1 1   ? 33.322  41.827  -3.882  1.00 68.97 ? 313 ASN A CB  1 
ATOM   6    C CG  . ASN A 1 1   ? 33.827  41.132  -5.146  1.00 70.76 ? 313 ASN A CG  1 
ATOM   7    O OD1 . ASN A 1 1   ? 34.144  41.783  -6.155  1.00 71.32 ? 313 ASN A OD1 1 
ATOM   8    N ND2 . ASN A 1 1   ? 33.904  39.801  -5.095  1.00 71.45 ? 313 ASN A ND2 1 
ATOM   9    N N   . THR A 1 2   ? 31.133  41.976  -6.254  1.00 63.19 ? 314 THR A N   1 
ATOM   10   C CA  . THR A 1 2   ? 30.224  41.237  -7.125  1.00 61.11 ? 314 THR A CA  1 
ATOM   11   C C   . THR A 1 2   ? 30.215  39.768  -6.693  1.00 59.23 ? 314 THR A C   1 
ATOM   12   O O   . THR A 1 2   ? 29.219  39.057  -6.888  1.00 59.17 ? 314 THR A O   1 
ATOM   13   C CB  . THR A 1 2   ? 30.676  41.324  -8.598  1.00 61.42 ? 314 THR A CB  1 
ATOM   14   O OG1 . THR A 1 2   ? 29.937  40.377  -9.386  1.00 61.59 ? 314 THR A OG1 1 
ATOM   15   C CG2 . THR A 1 2   ? 32.178  41.044  -8.716  1.00 60.77 ? 314 THR A CG2 1 
ATOM   16   N N   . GLY A 1 3   ? 31.340  39.334  -6.109  1.00 56.93 ? 315 GLY A N   1 
ATOM   17   C CA  . GLY A 1 3   ? 31.493  37.971  -5.623  1.00 51.07 ? 315 GLY A CA  1 
ATOM   18   C C   . GLY A 1 3   ? 30.634  37.740  -4.394  1.00 46.96 ? 315 GLY A C   1 
ATOM   19   O O   . GLY A 1 3   ? 30.196  36.619  -4.128  1.00 45.95 ? 315 GLY A O   1 
ATOM   20   N N   . LEU A 1 4   ? 30.391  38.813  -3.648  1.00 43.23 ? 316 LEU A N   1 
ATOM   21   C CA  . LEU A 1 4   ? 29.566  38.751  -2.452  1.00 39.63 ? 316 LEU A CA  1 
ATOM   22   C C   . LEU A 1 4   ? 28.093  38.686  -2.897  1.00 38.16 ? 316 LEU A C   1 
ATOM   23   O O   . LEU A 1 4   ? 27.280  37.989  -2.288  1.00 36.67 ? 316 LEU A O   1 
ATOM   24   C CB  . LEU A 1 4   ? 29.835  39.990  -1.586  1.00 39.84 ? 316 LEU A CB  1 
ATOM   25   C CG  . LEU A 1 4   ? 29.816  39.916  -0.048  1.00 39.01 ? 316 LEU A CG  1 
ATOM   26   C CD1 . LEU A 1 4   ? 30.676  38.770  0.456   1.00 38.32 ? 316 LEU A CD1 1 
ATOM   27   C CD2 . LEU A 1 4   ? 30.325  41.230  0.515   1.00 37.18 ? 316 LEU A CD2 1 
ATOM   28   N N   . LEU A 1 5   ? 27.753  39.404  -3.967  1.00 35.73 ? 317 LEU A N   1 
ATOM   29   C CA  . LEU A 1 5   ? 26.389  39.373  -4.482  1.00 33.46 ? 317 LEU A CA  1 
ATOM   30   C C   . LEU A 1 5   ? 26.077  37.951  -4.888  1.00 32.76 ? 317 LEU A C   1 
ATOM   31   O O   . LEU A 1 5   ? 24.993  37.435  -4.633  1.00 32.70 ? 317 LEU A O   1 
ATOM   32   C CB  . LEU A 1 5   ? 26.252  40.256  -5.709  1.00 33.43 ? 317 LEU A CB  1 
ATOM   33   C CG  . LEU A 1 5   ? 26.346  41.760  -5.496  1.00 34.36 ? 317 LEU A CG  1 
ATOM   34   C CD1 . LEU A 1 5   ? 26.344  42.443  -6.850  1.00 34.01 ? 317 LEU A CD1 1 
ATOM   35   C CD2 . LEU A 1 5   ? 25.183  42.242  -4.653  1.00 33.50 ? 317 LEU A CD2 1 
ATOM   36   N N   . GLU A 1 6   ? 27.040  37.314  -5.534  1.00 32.55 ? 318 GLU A N   1 
ATOM   37   C CA  . GLU A 1 6   ? 26.859  35.947  -5.970  1.00 32.71 ? 318 GLU A CA  1 
ATOM   38   C C   . GLU A 1 6   ? 26.761  34.984  -4.799  1.00 32.67 ? 318 GLU A C   1 
ATOM   39   O O   . GLU A 1 6   ? 25.999  34.015  -4.853  1.00 32.41 ? 318 GLU A O   1 
ATOM   40   C CB  . GLU A 1 6   ? 27.994  35.565  -6.906  1.00 33.78 ? 318 GLU A CB  1 
ATOM   41   C CG  . GLU A 1 6   ? 27.848  36.235  -8.255  1.00 37.92 ? 318 GLU A CG  1 
ATOM   42   C CD  . GLU A 1 6   ? 29.094  36.141  -9.093  1.00 39.50 ? 318 GLU A CD  1 
ATOM   43   O OE1 . GLU A 1 6   ? 29.047  36.553  -10.276 1.00 41.82 ? 318 GLU A OE1 1 
ATOM   44   O OE2 . GLU A 1 6   ? 30.118  35.665  -8.565  1.00 40.27 ? 318 GLU A OE2 1 
ATOM   45   N N   . SER A 1 7   ? 27.517  35.249  -3.735  1.00 33.00 ? 319 SER A N   1 
ATOM   46   C CA  . SER A 1 7   ? 27.470  34.395  -2.551  1.00 32.84 ? 319 SER A CA  1 
ATOM   47   C C   . SER A 1 7   ? 26.040  34.379  -2.027  1.00 33.55 ? 319 SER A C   1 
ATOM   48   O O   . SER A 1 7   ? 25.508  33.329  -1.670  1.00 33.76 ? 319 SER A O   1 
ATOM   49   C CB  . SER A 1 7   ? 28.394  34.927  -1.464  1.00 33.14 ? 319 SER A CB  1 
ATOM   50   O OG  . SER A 1 7   ? 29.709  35.062  -1.950  1.00 36.44 ? 319 SER A OG  1 
ATOM   51   N N   . GLN A 1 8   ? 25.421  35.554  -1.989  1.00 32.38 ? 320 GLN A N   1 
ATOM   52   C CA  . GLN A 1 8   ? 24.057  35.665  -1.520  1.00 31.99 ? 320 GLN A CA  1 
ATOM   53   C C   . GLN A 1 8   ? 23.062  35.051  -2.503  1.00 31.97 ? 320 GLN A C   1 
ATOM   54   O O   . GLN A 1 8   ? 22.089  34.414  -2.086  1.00 30.88 ? 320 GLN A O   1 
ATOM   55   C CB  . GLN A 1 8   ? 23.723  37.128  -1.247  1.00 32.41 ? 320 GLN A CB  1 
ATOM   56   C CG  . GLN A 1 8   ? 24.434  37.668  -0.031  1.00 34.01 ? 320 GLN A CG  1 
ATOM   57   C CD  . GLN A 1 8   ? 24.388  36.694  1.137   1.00 35.29 ? 320 GLN A CD  1 
ATOM   58   O OE1 . GLN A 1 8   ? 23.318  36.237  1.539   1.00 35.75 ? 320 GLN A OE1 1 
ATOM   59   N NE2 . GLN A 1 8   ? 25.553  36.371  1.686   1.00 36.41 ? 320 GLN A NE2 1 
ATOM   60   N N   . LEU A 1 9   ? 23.302  35.242  -3.802  1.00 31.96 ? 321 LEU A N   1 
ATOM   61   C CA  . LEU A 1 9   ? 22.424  34.675  -4.831  1.00 31.57 ? 321 LEU A CA  1 
ATOM   62   C C   . LEU A 1 9   ? 22.484  33.161  -4.740  1.00 32.29 ? 321 LEU A C   1 
ATOM   63   O O   . LEU A 1 9   ? 21.472  32.471  -4.843  1.00 32.73 ? 321 LEU A O   1 
ATOM   64   C CB  . LEU A 1 9   ? 22.873  35.080  -6.227  1.00 29.97 ? 321 LEU A CB  1 
ATOM   65   C CG  . LEU A 1 9   ? 22.431  36.405  -6.826  1.00 29.47 ? 321 LEU A CG  1 
ATOM   66   C CD1 . LEU A 1 9   ? 23.032  36.514  -8.226  1.00 27.40 ? 321 LEU A CD1 1 
ATOM   67   C CD2 . LEU A 1 9   ? 20.915  36.475  -6.883  1.00 27.23 ? 321 LEU A CD2 1 
ATOM   68   N N   . SER A 1 10  ? 23.689  32.645  -4.549  1.00 32.62 ? 322 SER A N   1 
ATOM   69   C CA  . SER A 1 10  ? 23.859  31.215  -4.437  1.00 32.96 ? 322 SER A CA  1 
ATOM   70   C C   . SER A 1 10  ? 23.110  30.698  -3.210  1.00 32.30 ? 322 SER A C   1 
ATOM   71   O O   . SER A 1 10  ? 22.467  29.650  -3.264  1.00 33.07 ? 322 SER A O   1 
ATOM   72   C CB  . SER A 1 10  ? 25.341  30.873  -4.338  1.00 33.55 ? 322 SER A CB  1 
ATOM   73   O OG  . SER A 1 10  ? 25.524  29.468  -4.333  1.00 36.20 ? 322 SER A OG  1 
ATOM   74   N N   . ARG A 1 11  ? 23.185  31.439  -2.109  1.00 30.80 ? 323 ARG A N   1 
ATOM   75   C CA  . ARG A 1 11  ? 22.505  31.042  -0.888  1.00 29.79 ? 323 ARG A CA  1 
ATOM   76   C C   . ARG A 1 11  ? 20.994  30.973  -1.064  1.00 28.70 ? 323 ARG A C   1 
ATOM   77   O O   . ARG A 1 11  ? 20.343  30.080  -0.530  1.00 28.59 ? 323 ARG A O   1 
ATOM   78   C CB  . ARG A 1 11  ? 22.843  32.015  0.241   1.00 32.12 ? 323 ARG A CB  1 
ATOM   79   C CG  . ARG A 1 11  ? 21.826  32.037  1.381   1.00 36.21 ? 323 ARG A CG  1 
ATOM   80   C CD  . ARG A 1 11  ? 22.273  32.897  2.551   1.00 37.26 ? 323 ARG A CD  1 
ATOM   81   N NE  . ARG A 1 11  ? 22.740  32.060  3.649   1.00 43.77 ? 323 ARG A NE  1 
ATOM   82   C CZ  . ARG A 1 11  ? 21.971  31.186  4.303   1.00 47.86 ? 323 ARG A CZ  1 
ATOM   83   N NH1 . ARG A 1 11  ? 20.694  31.040  3.968   1.00 49.04 ? 323 ARG A NH1 1 
ATOM   84   N NH2 . ARG A 1 11  ? 22.475  30.449  5.293   1.00 49.47 ? 323 ARG A NH2 1 
ATOM   85   N N   . HIS A 1 12  ? 20.437  31.917  -1.813  1.00 27.92 ? 324 HIS A N   1 
ATOM   86   C CA  . HIS A 1 12  ? 18.998  31.947  -2.029  1.00 26.77 ? 324 HIS A CA  1 
ATOM   87   C C   . HIS A 1 12  ? 18.528  30.829  -2.902  1.00 26.74 ? 324 HIS A C   1 
ATOM   88   O O   . HIS A 1 12  ? 17.448  30.282  -2.681  1.00 25.62 ? 324 HIS A O   1 
ATOM   89   C CB  . HIS A 1 12  ? 18.578  33.268  -2.643  1.00 25.74 ? 324 HIS A CB  1 
ATOM   90   C CG  . HIS A 1 12  ? 18.760  34.430  -1.723  1.00 25.59 ? 324 HIS A CG  1 
ATOM   91   N ND1 . HIS A 1 12  ? 18.618  35.736  -2.134  1.00 24.72 ? 324 HIS A ND1 1 
ATOM   92   C CD2 . HIS A 1 12  ? 19.085  34.480  -0.411  1.00 22.96 ? 324 HIS A CD2 1 
ATOM   93   C CE1 . HIS A 1 12  ? 18.851  36.542  -1.114  1.00 21.76 ? 324 HIS A CE1 1 
ATOM   94   N NE2 . HIS A 1 12  ? 19.135  35.804  -0.059  1.00 22.94 ? 324 HIS A NE2 1 
ATOM   95   N N   . ASP A 1 13  ? 19.333  30.486  -3.904  1.00 28.37 ? 325 ASP A N   1 
ATOM   96   C CA  . ASP A 1 13  ? 18.964  29.406  -4.802  1.00 29.01 ? 325 ASP A CA  1 
ATOM   97   C C   . ASP A 1 13  ? 18.948  28.120  -4.000  1.00 29.65 ? 325 ASP A C   1 
ATOM   98   O O   . ASP A 1 13  ? 18.039  27.314  -4.147  1.00 30.17 ? 325 ASP A O   1 
ATOM   99   C CB  . ASP A 1 13  ? 19.938  29.291  -5.973  1.00 29.09 ? 325 ASP A CB  1 
ATOM   100  C CG  . ASP A 1 13  ? 19.314  28.582  -7.174  1.00 31.84 ? 325 ASP A CG  1 
ATOM   101  O OD1 . ASP A 1 13  ? 18.344  29.119  -7.769  1.00 31.00 ? 325 ASP A OD1 1 
ATOM   102  O OD2 . ASP A 1 13  ? 19.783  27.472  -7.515  1.00 33.57 ? 325 ASP A OD2 1 
ATOM   103  N N   . GLN A 1 14  ? 19.936  27.932  -3.132  1.00 30.95 ? 326 GLN A N   1 
ATOM   104  C CA  . GLN A 1 14  ? 19.968  26.728  -2.319  1.00 32.40 ? 326 GLN A CA  1 
ATOM   105  C C   . GLN A 1 14  ? 18.733  26.662  -1.436  1.00 31.99 ? 326 GLN A C   1 
ATOM   106  O O   . GLN A 1 14  ? 18.084  25.622  -1.329  1.00 31.01 ? 326 GLN A O   1 
ATOM   107  C CB  . GLN A 1 14  ? 21.218  26.698  -1.453  1.00 36.05 ? 326 GLN A CB  1 
ATOM   108  C CG  . GLN A 1 14  ? 22.329  25.824  -2.000  1.00 40.99 ? 326 GLN A CG  1 
ATOM   109  C CD  . GLN A 1 14  ? 23.482  25.683  -1.018  1.00 44.98 ? 326 GLN A CD  1 
ATOM   110  O OE1 . GLN A 1 14  ? 24.216  26.645  -0.762  1.00 45.75 ? 326 GLN A OE1 1 
ATOM   111  N NE2 . GLN A 1 14  ? 23.641  24.484  -0.449  1.00 45.77 ? 326 GLN A NE2 1 
ATOM   112  N N   . MET A 1 15  ? 18.410  27.786  -0.811  1.00 32.00 ? 327 MET A N   1 
ATOM   113  C CA  . MET A 1 15  ? 17.251  27.882  0.063   1.00 32.47 ? 327 MET A CA  1 
ATOM   114  C C   . MET A 1 15  ? 15.974  27.581  -0.720  1.00 31.19 ? 327 MET A C   1 
ATOM   115  O O   . MET A 1 15  ? 15.126  26.797  -0.280  1.00 32.21 ? 327 MET A O   1 
ATOM   116  C CB  . MET A 1 15  ? 17.164  29.287  0.644   1.00 36.20 ? 327 MET A CB  1 
ATOM   117  C CG  . MET A 1 15  ? 16.439  29.349  1.958   1.00 41.47 ? 327 MET A CG  1 
ATOM   118  S SD  . MET A 1 15  ? 17.565  28.902  3.270   1.00 49.58 ? 327 MET A SD  1 
ATOM   119  C CE  . MET A 1 15  ? 17.684  27.097  3.074   1.00 48.40 ? 327 MET A CE  1 
ATOM   120  N N   . LEU A 1 16  ? 15.846  28.225  -1.877  1.00 27.38 ? 328 LEU A N   1 
ATOM   121  C CA  . LEU A 1 16  ? 14.706  28.050  -2.757  1.00 24.19 ? 328 LEU A CA  1 
ATOM   122  C C   . LEU A 1 16  ? 14.530  26.562  -3.079  1.00 24.49 ? 328 LEU A C   1 
ATOM   123  O O   . LEU A 1 16  ? 13.404  26.073  -3.201  1.00 23.71 ? 328 LEU A O   1 
ATOM   124  C CB  . LEU A 1 16  ? 14.942  28.864  -4.030  1.00 22.04 ? 328 LEU A CB  1 
ATOM   125  C CG  . LEU A 1 16  ? 13.943  29.927  -4.499  1.00 19.12 ? 328 LEU A CG  1 
ATOM   126  C CD1 . LEU A 1 16  ? 12.973  30.263  -3.422  1.00 18.24 ? 328 LEU A CD1 1 
ATOM   127  C CD2 . LEU A 1 16  ? 14.699  31.168  -4.921  1.00 17.21 ? 328 LEU A CD2 1 
ATOM   128  N N   . SER A 1 17  ? 15.651  25.848  -3.208  1.00 24.86 ? 329 SER A N   1 
ATOM   129  C CA  . SER A 1 17  ? 15.649  24.408  -3.490  1.00 24.53 ? 329 SER A CA  1 
ATOM   130  C C   . SER A 1 17  ? 15.088  23.666  -2.306  1.00 23.66 ? 329 SER A C   1 
ATOM   131  O O   . SER A 1 17  ? 14.263  22.776  -2.467  1.00 24.82 ? 329 SER A O   1 
ATOM   132  C CB  . SER A 1 17  ? 17.060  23.880  -3.737  1.00 24.50 ? 329 SER A CB  1 
ATOM   133  O OG  . SER A 1 17  ? 17.502  24.172  -5.042  1.00 29.95 ? 329 SER A OG  1 
ATOM   134  N N   . VAL A 1 18  ? 15.565  24.013  -1.113  1.00 22.72 ? 330 VAL A N   1 
ATOM   135  C CA  . VAL A 1 18  ? 15.073  23.380  0.106   1.00 22.34 ? 330 VAL A CA  1 
ATOM   136  C C   . VAL A 1 18  ? 13.574  23.578  0.144   1.00 22.37 ? 330 VAL A C   1 
ATOM   137  O O   . VAL A 1 18  ? 12.807  22.619  0.278   1.00 21.05 ? 330 VAL A O   1 
ATOM   138  C CB  . VAL A 1 18  ? 15.675  24.018  1.366   1.00 20.91 ? 330 VAL A CB  1 
ATOM   139  C CG1 . VAL A 1 18  ? 14.948  23.518  2.596   1.00 15.92 ? 330 VAL A CG1 1 
ATOM   140  C CG2 . VAL A 1 18  ? 17.148  23.691  1.445   1.00 18.58 ? 330 VAL A CG2 1 
ATOM   141  N N   . HIS A 1 19  ? 13.162  24.833  0.016   1.00 21.45 ? 331 HIS A N   1 
ATOM   142  C CA  . HIS A 1 19  ? 11.751  25.139  0.017   1.00 22.98 ? 331 HIS A CA  1 
ATOM   143  C C   . HIS A 1 19  ? 10.985  24.283  -0.990  1.00 23.46 ? 331 HIS A C   1 
ATOM   144  O O   . HIS A 1 19  ? 9.887   23.821  -0.687  1.00 23.91 ? 331 HIS A O   1 
ATOM   145  C CB  . HIS A 1 19  ? 11.527  26.625  -0.256  1.00 22.49 ? 331 HIS A CB  1 
ATOM   146  C CG  . HIS A 1 19  ? 11.881  27.505  0.902   1.00 22.85 ? 331 HIS A CG  1 
ATOM   147  N ND1 . HIS A 1 19  ? 11.860  27.059  2.205   1.00 23.35 ? 331 HIS A ND1 1 
ATOM   148  C CD2 . HIS A 1 19  ? 12.255  28.804  0.956   1.00 23.80 ? 331 HIS A CD2 1 
ATOM   149  C CE1 . HIS A 1 19  ? 12.210  28.042  3.014   1.00 23.05 ? 331 HIS A CE1 1 
ATOM   150  N NE2 . HIS A 1 19  ? 12.455  29.112  2.282   1.00 25.18 ? 331 HIS A NE2 1 
ATOM   151  N N   . ASP A 1 20  ? 11.557  24.061  -2.176  1.00 24.13 ? 332 ASP A N   1 
ATOM   152  C CA  . ASP A 1 20  ? 10.899  23.237  -3.195  1.00 24.14 ? 332 ASP A CA  1 
ATOM   153  C C   . ASP A 1 20  ? 10.697  21.812  -2.690  1.00 23.20 ? 332 ASP A C   1 
ATOM   154  O O   . ASP A 1 20  ? 9.597   21.270  -2.763  1.00 22.70 ? 332 ASP A O   1 
ATOM   155  C CB  . ASP A 1 20  ? 11.710  23.223  -4.494  1.00 26.33 ? 332 ASP A CB  1 
ATOM   156  C CG  . ASP A 1 20  ? 10.998  23.947  -5.636  1.00 28.98 ? 332 ASP A CG  1 
ATOM   157  O OD1 . ASP A 1 20  ? 9.809   23.650  -5.856  1.00 31.23 ? 332 ASP A OD1 1 
ATOM   158  O OD2 . ASP A 1 20  ? 11.611  24.804  -6.315  1.00 29.19 ? 332 ASP A OD2 1 
ATOM   159  N N   . ILE A 1 21  ? 11.762  21.205  -2.181  1.00 23.64 ? 333 ILE A N   1 
ATOM   160  C CA  . ILE A 1 21  ? 11.681  19.858  -1.630  1.00 23.59 ? 333 ILE A CA  1 
ATOM   161  C C   . ILE A 1 21  ? 10.629  19.896  -0.528  1.00 26.18 ? 333 ILE A C   1 
ATOM   162  O O   . ILE A 1 21  ? 9.601   19.225  -0.607  1.00 28.22 ? 333 ILE A O   1 
ATOM   163  C CB  . ILE A 1 21  ? 13.004  19.431  -0.992  1.00 22.15 ? 333 ILE A CB  1 
ATOM   164  C CG1 . ILE A 1 21  ? 14.109  19.350  -2.048  1.00 21.72 ? 333 ILE A CG1 1 
ATOM   165  C CG2 . ILE A 1 21  ? 12.816  18.120  -0.280  1.00 19.47 ? 333 ILE A CG2 1 
ATOM   166  C CD1 . ILE A 1 21  ? 15.500  19.198  -1.462  1.00 20.45 ? 333 ILE A CD1 1 
ATOM   167  N N   . ARG A 1 22  ? 10.904  20.690  0.503   1.00 25.72 ? 334 ARG A N   1 
ATOM   168  C CA  . ARG A 1 22  ? 9.993   20.857  1.624   1.00 26.88 ? 334 ARG A CA  1 
ATOM   169  C C   . ARG A 1 22  ? 8.535   20.916  1.167   1.00 28.11 ? 334 ARG A C   1 
ATOM   170  O O   . ARG A 1 22  ? 7.697   20.158  1.651   1.00 27.83 ? 334 ARG A O   1 
ATOM   171  C CB  . ARG A 1 22  ? 10.344  22.142  2.373   1.00 28.92 ? 334 ARG A CB  1 
ATOM   172  C CG  . ARG A 1 22  ? 11.501  22.010  3.355   1.00 31.37 ? 334 ARG A CG  1 
ATOM   173  C CD  . ARG A 1 22  ? 10.973  21.859  4.771   1.00 33.75 ? 334 ARG A CD  1 
ATOM   174  N NE  . ARG A 1 22  ? 11.090  23.096  5.541   1.00 35.55 ? 334 ARG A NE  1 
ATOM   175  C CZ  . ARG A 1 22  ? 10.424  23.337  6.665   1.00 36.69 ? 334 ARG A CZ  1 
ATOM   176  N NH1 . ARG A 1 22  ? 9.584   22.423  7.140   1.00 38.43 ? 334 ARG A NH1 1 
ATOM   177  N NH2 . ARG A 1 22  ? 10.611  24.474  7.328   1.00 35.26 ? 334 ARG A NH2 1 
ATOM   178  N N   . LEU A 1 23  ? 8.238   21.818  0.233   1.00 28.81 ? 335 LEU A N   1 
ATOM   179  C CA  . LEU A 1 23  ? 6.886   21.986  -0.288  1.00 30.17 ? 335 LEU A CA  1 
ATOM   180  C C   . LEU A 1 23  ? 6.332   20.697  -0.862  1.00 32.41 ? 335 LEU A C   1 
ATOM   181  O O   . LEU A 1 23  ? 5.218   20.287  -0.519  1.00 34.35 ? 335 LEU A O   1 
ATOM   182  C CB  . LEU A 1 23  ? 6.853   23.067  -1.371  1.00 28.93 ? 335 LEU A CB  1 
ATOM   183  C CG  . LEU A 1 23  ? 6.844   24.532  -0.939  1.00 28.60 ? 335 LEU A CG  1 
ATOM   184  C CD1 . LEU A 1 23  ? 6.950   25.409  -2.157  1.00 26.82 ? 335 LEU A CD1 1 
ATOM   185  C CD2 . LEU A 1 23  ? 5.568   24.843  -0.176  1.00 27.94 ? 335 LEU A CD2 1 
ATOM   186  N N   . ALA A 1 24  ? 7.111   20.065  -1.738  1.00 33.33 ? 336 ALA A N   1 
ATOM   187  C CA  . ALA A 1 24  ? 6.716   18.812  -2.374  1.00 33.04 ? 336 ALA A CA  1 
ATOM   188  C C   . ALA A 1 24  ? 6.412   17.716  -1.345  1.00 33.78 ? 336 ALA A C   1 
ATOM   189  O O   . ALA A 1 24  ? 5.429   16.990  -1.480  1.00 32.58 ? 336 ALA A O   1 
ATOM   190  C CB  . ALA A 1 24  ? 7.804   18.364  -3.318  1.00 32.34 ? 336 ALA A CB  1 
ATOM   191  N N   . ASP A 1 25  ? 7.254   17.597  -0.320  1.00 35.32 ? 337 ASP A N   1 
ATOM   192  C CA  . ASP A 1 25  ? 7.029   16.600  0.725   1.00 37.66 ? 337 ASP A CA  1 
ATOM   193  C C   . ASP A 1 25  ? 5.656   16.793  1.375   1.00 38.47 ? 337 ASP A C   1 
ATOM   194  O O   . ASP A 1 25  ? 4.902   15.833  1.554   1.00 39.31 ? 337 ASP A O   1 
ATOM   195  C CB  . ASP A 1 25  ? 8.105   16.692  1.811   1.00 38.75 ? 337 ASP A CB  1 
ATOM   196  C CG  . ASP A 1 25  ? 9.427   16.083  1.386   1.00 40.91 ? 337 ASP A CG  1 
ATOM   197  O OD1 . ASP A 1 25  ? 10.406  16.242  2.144   1.00 43.27 ? 337 ASP A OD1 1 
ATOM   198  O OD2 . ASP A 1 25  ? 9.499   15.444  0.314   1.00 41.68 ? 337 ASP A OD2 1 
ATOM   199  N N   . MET A 1 26  ? 5.338   18.038  1.733   1.00 38.35 ? 338 MET A N   1 
ATOM   200  C CA  . MET A 1 26  ? 4.059   18.357  2.365   1.00 37.46 ? 338 MET A CA  1 
ATOM   201  C C   . MET A 1 26  ? 2.921   17.936  1.458   1.00 37.16 ? 338 MET A C   1 
ATOM   202  O O   . MET A 1 26  ? 1.860   17.510  1.919   1.00 36.38 ? 338 MET A O   1 
ATOM   203  C CB  . MET A 1 26  ? 3.978   19.845  2.644   1.00 36.71 ? 338 MET A CB  1 
ATOM   204  C CG  . MET A 1 26  ? 5.222   20.354  3.293   1.00 37.97 ? 338 MET A CG  1 
ATOM   205  S SD  . MET A 1 26  ? 5.087   22.030  3.846   1.00 39.41 ? 338 MET A SD  1 
ATOM   206  C CE  . MET A 1 26  ? 5.465   21.806  5.601   1.00 39.65 ? 338 MET A CE  1 
ATOM   207  N N   . ASP A 1 27  ? 3.156   18.052  0.157   1.00 37.42 ? 339 ASP A N   1 
ATOM   208  C CA  . ASP A 1 27  ? 2.157   17.665  -0.813  1.00 37.42 ? 339 ASP A CA  1 
ATOM   209  C C   . ASP A 1 27  ? 1.827   16.200  -0.580  1.00 37.71 ? 339 ASP A C   1 
ATOM   210  O O   . ASP A 1 27  ? 0.661   15.810  -0.617  1.00 38.73 ? 339 ASP A O   1 
ATOM   211  C CB  . ASP A 1 27  ? 2.688   17.860  -2.222  1.00 37.65 ? 339 ASP A CB  1 
ATOM   212  C CG  . ASP A 1 27  ? 1.610   18.286  -3.177  1.00 39.73 ? 339 ASP A CG  1 
ATOM   213  O OD1 . ASP A 1 27  ? 0.694   17.471  -3.438  1.00 40.61 ? 339 ASP A OD1 1 
ATOM   214  O OD2 . ASP A 1 27  ? 1.674   19.443  -3.650  1.00 39.89 ? 339 ASP A OD2 1 
ATOM   215  N N   . LEU A 1 28  ? 2.858   15.391  -0.339  1.00 37.13 ? 340 LEU A N   1 
ATOM   216  C CA  . LEU A 1 28  ? 2.653   13.976  -0.073  1.00 36.22 ? 340 LEU A CA  1 
ATOM   217  C C   . LEU A 1 28  ? 1.941   13.826  1.278   1.00 35.55 ? 340 LEU A C   1 
ATOM   218  O O   . LEU A 1 28  ? 1.026   13.008  1.403   1.00 35.99 ? 340 LEU A O   1 
ATOM   219  C CB  . LEU A 1 28  ? 3.991   13.221  -0.064  1.00 37.21 ? 340 LEU A CB  1 
ATOM   220  C CG  . LEU A 1 28  ? 4.413   12.309  -1.238  1.00 37.44 ? 340 LEU A CG  1 
ATOM   221  C CD1 . LEU A 1 28  ? 3.360   11.228  -1.467  1.00 38.78 ? 340 LEU A CD1 1 
ATOM   222  C CD2 . LEU A 1 28  ? 4.607   13.118  -2.500  1.00 37.49 ? 340 LEU A CD2 1 
ATOM   223  N N   . ARG A 1 29  ? 2.341   14.612  2.282   1.00 32.92 ? 341 ARG A N   1 
ATOM   224  C CA  . ARG A 1 29  ? 1.683   14.534  3.587   1.00 32.72 ? 341 ARG A CA  1 
ATOM   225  C C   . ARG A 1 29  ? 0.199   14.816  3.407   1.00 33.06 ? 341 ARG A C   1 
ATOM   226  O O   . ARG A 1 29  ? -0.647  14.122  3.960   1.00 33.94 ? 341 ARG A O   1 
ATOM   227  C CB  . ARG A 1 29  ? 2.263   15.541  4.582   1.00 32.09 ? 341 ARG A CB  1 
ATOM   228  C CG  . ARG A 1 29  ? 3.703   15.288  4.964   1.00 33.02 ? 341 ARG A CG  1 
ATOM   229  C CD  . ARG A 1 29  ? 4.210   16.282  6.016   1.00 32.37 ? 341 ARG A CD  1 
ATOM   230  N NE  . ARG A 1 29  ? 3.751   15.981  7.376   1.00 31.69 ? 341 ARG A NE  1 
ATOM   231  C CZ  . ARG A 1 29  ? 4.137   16.659  8.455   1.00 29.57 ? 341 ARG A CZ  1 
ATOM   232  N NH1 . ARG A 1 29  ? 4.983   17.676  8.328   1.00 30.61 ? 341 ARG A NH1 1 
ATOM   233  N NH2 . ARG A 1 29  ? 3.687   16.324  9.655   1.00 25.51 ? 341 ARG A NH2 1 
ATOM   234  N N   . PHE A 1 30  ? -0.119  15.852  2.641   1.00 32.63 ? 342 PHE A N   1 
ATOM   235  C CA  . PHE A 1 30  ? -1.505  16.183  2.371   1.00 32.27 ? 342 PHE A CA  1 
ATOM   236  C C   . PHE A 1 30  ? -2.241  14.971  1.803   1.00 32.84 ? 342 PHE A C   1 
ATOM   237  O O   . PHE A 1 30  ? -3.279  14.584  2.325   1.00 33.30 ? 342 PHE A O   1 
ATOM   238  C CB  . PHE A 1 30  ? -1.582  17.339  1.387   1.00 31.59 ? 342 PHE A CB  1 
ATOM   239  C CG  . PHE A 1 30  ? -1.616  18.683  2.043   1.00 31.70 ? 342 PHE A CG  1 
ATOM   240  C CD1 . PHE A 1 30  ? -0.766  19.699  1.620   1.00 30.96 ? 342 PHE A CD1 1 
ATOM   241  C CD2 . PHE A 1 30  ? -2.518  18.942  3.078   1.00 31.30 ? 342 PHE A CD2 1 
ATOM   242  C CE1 . PHE A 1 30  ? -0.813  20.949  2.217   1.00 31.55 ? 342 PHE A CE1 1 
ATOM   243  C CE2 . PHE A 1 30  ? -2.575  20.188  3.681   1.00 29.94 ? 342 PHE A CE2 1 
ATOM   244  C CZ  . PHE A 1 30  ? -1.725  21.193  3.255   1.00 31.67 ? 342 PHE A CZ  1 
ATOM   245  N N   . GLN A 1 31  ? -1.702  14.373  0.739   1.00 33.39 ? 343 GLN A N   1 
ATOM   246  C CA  . GLN A 1 31  ? -2.318  13.197  0.119   1.00 33.31 ? 343 GLN A CA  1 
ATOM   247  C C   . GLN A 1 31  ? -2.577  12.099  1.141   1.00 32.38 ? 343 GLN A C   1 
ATOM   248  O O   . GLN A 1 31  ? -3.702  11.644  1.304   1.00 31.51 ? 343 GLN A O   1 
ATOM   249  C CB  . GLN A 1 31  ? -1.426  12.627  -0.981  1.00 34.27 ? 343 GLN A CB  1 
ATOM   250  C CG  . GLN A 1 31  ? -1.270  13.500  -2.200  1.00 36.10 ? 343 GLN A CG  1 
ATOM   251  C CD  . GLN A 1 31  ? -0.385  12.853  -3.247  1.00 36.99 ? 343 GLN A CD  1 
ATOM   252  O OE1 . GLN A 1 31  ? -0.674  11.758  -3.733  1.00 35.64 ? 343 GLN A OE1 1 
ATOM   253  N NE2 . GLN A 1 31  ? 0.703   13.529  -3.598  1.00 38.78 ? 343 GLN A NE2 1 
ATOM   254  N N   . VAL A 1 32  ? -1.521  11.661  1.811   1.00 31.12 ? 344 VAL A N   1 
ATOM   255  C CA  . VAL A 1 32  ? -1.655  10.624  2.825   1.00 30.80 ? 344 VAL A CA  1 
ATOM   256  C C   . VAL A 1 32  ? -2.810  10.993  3.758   1.00 30.42 ? 344 VAL A C   1 
ATOM   257  O O   . VAL A 1 32  ? -3.695  10.185  4.023   1.00 30.98 ? 344 VAL A O   1 
ATOM   258  C CB  . VAL A 1 32  ? -0.342  10.489  3.640   1.00 30.05 ? 344 VAL A CB  1 
ATOM   259  C CG1 . VAL A 1 32  ? -0.577  9.713   4.914   1.00 29.95 ? 344 VAL A CG1 1 
ATOM   260  C CG2 . VAL A 1 32  ? 0.692   9.780   2.809   1.00 30.25 ? 344 VAL A CG2 1 
ATOM   261  N N   . LEU A 1 33  ? -2.795  12.234  4.230   1.00 29.74 ? 345 LEU A N   1 
ATOM   262  C CA  . LEU A 1 33  ? -3.813  12.757  5.135   1.00 28.71 ? 345 LEU A CA  1 
ATOM   263  C C   . LEU A 1 33  ? -5.202  12.748  4.471   1.00 28.29 ? 345 LEU A C   1 
ATOM   264  O O   . LEU A 1 33  ? -6.145  12.150  4.987   1.00 27.37 ? 345 LEU A O   1 
ATOM   265  C CB  . LEU A 1 33  ? -3.408  14.177  5.566   1.00 26.74 ? 345 LEU A CB  1 
ATOM   266  C CG  . LEU A 1 33  ? -3.645  14.628  7.017   1.00 26.74 ? 345 LEU A CG  1 
ATOM   267  C CD1 . LEU A 1 33  ? -3.271  13.533  7.996   1.00 22.05 ? 345 LEU A CD1 1 
ATOM   268  C CD2 . LEU A 1 33  ? -2.838  15.902  7.287   1.00 26.00 ? 345 LEU A CD2 1 
ATOM   269  N N   . GLU A 1 34  ? -5.313  13.395  3.318   1.00 28.48 ? 346 GLU A N   1 
ATOM   270  C CA  . GLU A 1 34  ? -6.567  13.453  2.578   1.00 27.74 ? 346 GLU A CA  1 
ATOM   271  C C   . GLU A 1 34  ? -7.126  12.080  2.211   1.00 28.18 ? 346 GLU A C   1 
ATOM   272  O O   . GLU A 1 34  ? -8.319  11.960  1.942   1.00 29.55 ? 346 GLU A O   1 
ATOM   273  C CB  . GLU A 1 34  ? -6.380  14.262  1.298   1.00 27.73 ? 346 GLU A CB  1 
ATOM   274  C CG  . GLU A 1 34  ? -6.191  15.759  1.496   1.00 29.50 ? 346 GLU A CG  1 
ATOM   275  C CD  . GLU A 1 34  ? -5.289  16.374  0.437   1.00 30.96 ? 346 GLU A CD  1 
ATOM   276  O OE1 . GLU A 1 34  ? -5.096  15.747  -0.622  1.00 32.31 ? 346 GLU A OE1 1 
ATOM   277  O OE2 . GLU A 1 34  ? -4.773  17.488  0.655   1.00 32.49 ? 346 GLU A OE2 1 
ATOM   278  N N   . THR A 1 35  ? -6.282  11.047  2.190   1.00 27.69 ? 347 THR A N   1 
ATOM   279  C CA  . THR A 1 35  ? -6.754  9.702   1.832   1.00 26.55 ? 347 THR A CA  1 
ATOM   280  C C   . THR A 1 35  ? -6.797  8.720   2.983   1.00 24.91 ? 347 THR A C   1 
ATOM   281  O O   . THR A 1 35  ? -7.154  7.565   2.790   1.00 24.26 ? 347 THR A O   1 
ATOM   282  C CB  . THR A 1 35  ? -5.910  9.050   0.679   1.00 27.37 ? 347 THR A CB  1 
ATOM   283  O OG1 . THR A 1 35  ? -4.511  9.245   0.912   1.00 30.22 ? 347 THR A OG1 1 
ATOM   284  C CG2 . THR A 1 35  ? -6.268  9.651   -0.657  1.00 26.23 ? 347 THR A CG2 1 
ATOM   285  N N   . ALA A 1 36  ? -6.457  9.180   4.179   1.00 24.60 ? 348 ALA A N   1 
ATOM   286  C CA  . ALA A 1 36  ? -6.446  8.308   5.354   1.00 26.41 ? 348 ALA A CA  1 
ATOM   287  C C   . ALA A 1 36  ? -7.815  7.722   5.684   1.00 26.65 ? 348 ALA A C   1 
ATOM   288  O O   . ALA A 1 36  ? -8.798  8.042   5.039   1.00 28.27 ? 348 ALA A O   1 
ATOM   289  C CB  . ALA A 1 36  ? -5.908  9.071   6.564   1.00 26.65 ? 348 ALA A CB  1 
ATOM   290  N N   . SER A 1 37  ? -7.858  6.858   6.694   1.00 26.82 ? 349 SER A N   1 
ATOM   291  C CA  . SER A 1 37  ? -9.093  6.223   7.149   1.00 27.18 ? 349 SER A CA  1 
ATOM   292  C C   . SER A 1 37  ? -8.825  5.610   8.513   1.00 27.75 ? 349 SER A C   1 
ATOM   293  O O   . SER A 1 37  ? -7.776  5.007   8.725   1.00 28.44 ? 349 SER A O   1 
ATOM   294  C CB  . SER A 1 37  ? -9.531  5.135   6.184   1.00 28.84 ? 349 SER A CB  1 
ATOM   295  O OG  . SER A 1 37  ? -10.551 4.346   6.773   1.00 32.74 ? 349 SER A OG  1 
ATOM   296  N N   . TYR A 1 38  ? -9.770  5.735   9.435   1.00 27.75 ? 350 TYR A N   1 
ATOM   297  C CA  . TYR A 1 38  ? -9.539  5.222   10.776  1.00 28.88 ? 350 TYR A CA  1 
ATOM   298  C C   . TYR A 1 38  ? -10.577 4.245   11.323  1.00 29.36 ? 350 TYR A C   1 
ATOM   299  O O   . TYR A 1 38  ? -10.846 4.232   12.524  1.00 29.83 ? 350 TYR A O   1 
ATOM   300  C CB  . TYR A 1 38  ? -9.373  6.397   11.755  1.00 29.59 ? 350 TYR A CB  1 
ATOM   301  C CG  . TYR A 1 38  ? -8.399  7.466   11.284  1.00 31.13 ? 350 TYR A CG  1 
ATOM   302  C CD1 . TYR A 1 38  ? -8.776  8.402   10.323  1.00 30.60 ? 350 TYR A CD1 1 
ATOM   303  C CD2 . TYR A 1 38  ? -7.087  7.519   11.772  1.00 31.30 ? 350 TYR A CD2 1 
ATOM   304  C CE1 . TYR A 1 38  ? -7.878  9.358   9.857   1.00 31.17 ? 350 TYR A CE1 1 
ATOM   305  C CE2 . TYR A 1 38  ? -6.181  8.475   11.311  1.00 29.67 ? 350 TYR A CE2 1 
ATOM   306  C CZ  . TYR A 1 38  ? -6.587  9.389   10.352  1.00 31.01 ? 350 TYR A CZ  1 
ATOM   307  O OH  . TYR A 1 38  ? -5.707  10.324  9.859   1.00 32.10 ? 350 TYR A OH  1 
ATOM   308  N N   . ASN A 1 39  ? -11.156 3.423   10.457  1.00 28.68 ? 351 ASN A N   1 
ATOM   309  C CA  . ASN A 1 39  ? -12.129 2.433   10.904  1.00 27.20 ? 351 ASN A CA  1 
ATOM   310  C C   . ASN A 1 39  ? -11.702 1.041   10.440  1.00 26.51 ? 351 ASN A C   1 
ATOM   311  O O   . ASN A 1 39  ? -12.483 0.100   10.459  1.00 26.65 ? 351 ASN A O   1 
ATOM   312  C CB  . ASN A 1 39  ? -13.499 2.779   10.355  1.00 28.57 ? 351 ASN A CB  1 
ATOM   313  C CG  . ASN A 1 39  ? -13.494 2.910   8.857   1.00 32.36 ? 351 ASN A CG  1 
ATOM   314  O OD1 . ASN A 1 39  ? -14.424 3.462   8.273   1.00 32.56 ? 351 ASN A OD1 1 
ATOM   315  N ND2 . ASN A 1 39  ? -12.443 2.396   8.216   1.00 33.44 ? 351 ASN A ND2 1 
ATOM   316  N N   . GLY A 1 40  ? -10.451 0.922   10.015  1.00 26.27 ? 352 GLY A N   1 
ATOM   317  C CA  . GLY A 1 40  ? -9.929  -0.359  9.577   1.00 27.26 ? 352 GLY A CA  1 
ATOM   318  C C   . GLY A 1 40  ? -10.302 -0.775  8.168   1.00 28.24 ? 352 GLY A C   1 
ATOM   319  O O   . GLY A 1 40  ? -10.127 -1.936  7.810   1.00 28.58 ? 352 GLY A O   1 
ATOM   320  N N   . VAL A 1 41  ? -10.815 0.164   7.374   1.00 28.36 ? 353 VAL A N   1 
ATOM   321  C CA  . VAL A 1 41  ? -11.207 -0.108  5.995   1.00 27.50 ? 353 VAL A CA  1 
ATOM   322  C C   . VAL A 1 41  ? -10.470 0.835   5.073   1.00 28.99 ? 353 VAL A C   1 
ATOM   323  O O   . VAL A 1 41  ? -10.418 2.036   5.321   1.00 30.47 ? 353 VAL A O   1 
ATOM   324  C CB  . VAL A 1 41  ? -12.699 0.121   5.781   1.00 26.27 ? 353 VAL A CB  1 
ATOM   325  C CG1 . VAL A 1 41  ? -13.094 -0.246  4.365   1.00 24.65 ? 353 VAL A CG1 1 
ATOM   326  C CG2 . VAL A 1 41  ? -13.473 -0.692  6.763   1.00 26.79 ? 353 VAL A CG2 1 
ATOM   327  N N   . LEU A 1 42  ? -9.905  0.292   4.005   1.00 28.67 ? 354 LEU A N   1 
ATOM   328  C CA  . LEU A 1 42  ? -9.174  1.100   3.045   1.00 29.62 ? 354 LEU A CA  1 
ATOM   329  C C   . LEU A 1 42  ? -9.706  0.832   1.648   1.00 31.39 ? 354 LEU A C   1 
ATOM   330  O O   . LEU A 1 42  ? -9.966  -0.314  1.282   1.00 33.63 ? 354 LEU A O   1 
ATOM   331  C CB  . LEU A 1 42  ? -7.677  0.757   3.121   1.00 28.92 ? 354 LEU A CB  1 
ATOM   332  C CG  . LEU A 1 42  ? -6.561  1.344   2.231   1.00 30.44 ? 354 LEU A CG  1 
ATOM   333  C CD1 . LEU A 1 42  ? -6.374  0.484   1.006   1.00 28.31 ? 354 LEU A CD1 1 
ATOM   334  C CD2 . LEU A 1 42  ? -6.847  2.796   1.866   1.00 29.32 ? 354 LEU A CD2 1 
ATOM   335  N N   . ILE A 1 43  ? -9.937  1.891   0.888   1.00 31.16 ? 355 ILE A N   1 
ATOM   336  C CA  . ILE A 1 43  ? -10.358 1.722   -0.490  1.00 31.50 ? 355 ILE A CA  1 
ATOM   337  C C   . ILE A 1 43  ? -9.273  2.480   -1.228  1.00 32.53 ? 355 ILE A C   1 
ATOM   338  O O   . ILE A 1 43  ? -9.144  3.698   -1.089  1.00 33.51 ? 355 ILE A O   1 
ATOM   339  C CB  . ILE A 1 43  ? -11.750 2.306   -0.777  1.00 30.58 ? 355 ILE A CB  1 
ATOM   340  C CG1 . ILE A 1 43  ? -12.820 1.341   -0.280  1.00 30.04 ? 355 ILE A CG1 1 
ATOM   341  C CG2 . ILE A 1 43  ? -11.954 2.458   -2.267  1.00 32.22 ? 355 ILE A CG2 1 
ATOM   342  C CD1 . ILE A 1 43  ? -14.206 1.681   -0.745  1.00 29.58 ? 355 ILE A CD1 1 
ATOM   343  N N   . TRP A 1 44  ? -8.467  1.726   -1.971  1.00 32.56 ? 356 TRP A N   1 
ATOM   344  C CA  . TRP A 1 44  ? -7.327  2.238   -2.724  1.00 30.93 ? 356 TRP A CA  1 
ATOM   345  C C   . TRP A 1 44  ? -7.685  2.389   -4.182  1.00 31.34 ? 356 TRP A C   1 
ATOM   346  O O   . TRP A 1 44  ? -8.180  1.446   -4.799  1.00 30.69 ? 356 TRP A O   1 
ATOM   347  C CB  . TRP A 1 44  ? -6.183  1.252   -2.572  1.00 30.43 ? 356 TRP A CB  1 
ATOM   348  C CG  . TRP A 1 44  ? -4.895  1.665   -3.150  1.00 30.43 ? 356 TRP A CG  1 
ATOM   349  C CD1 . TRP A 1 44  ? -4.530  2.916   -3.542  1.00 30.93 ? 356 TRP A CD1 1 
ATOM   350  C CD2 . TRP A 1 44  ? -3.750  0.829   -3.344  1.00 29.90 ? 356 TRP A CD2 1 
ATOM   351  N NE1 . TRP A 1 44  ? -3.220  2.913   -3.968  1.00 31.20 ? 356 TRP A NE1 1 
ATOM   352  C CE2 . TRP A 1 44  ? -2.720  1.642   -3.855  1.00 29.63 ? 356 TRP A CE2 1 
ATOM   353  C CE3 . TRP A 1 44  ? -3.496  -0.530  -3.131  1.00 28.90 ? 356 TRP A CE3 1 
ATOM   354  C CZ2 . TRP A 1 44  ? -1.459  1.142   -4.159  1.00 29.58 ? 356 TRP A CZ2 1 
ATOM   355  C CZ3 . TRP A 1 44  ? -2.244  -1.025  -3.433  1.00 28.87 ? 356 TRP A CZ3 1 
ATOM   356  C CH2 . TRP A 1 44  ? -1.240  -0.190  -3.942  1.00 28.61 ? 356 TRP A CH2 1 
ATOM   357  N N   . LYS A 1 45  ? -7.431  3.578   -4.727  1.00 31.73 ? 357 LYS A N   1 
ATOM   358  C CA  . LYS A 1 45  ? -7.740  3.864   -6.121  1.00 33.43 ? 357 LYS A CA  1 
ATOM   359  C C   . LYS A 1 45  ? -6.471  3.917   -6.940  1.00 34.39 ? 357 LYS A C   1 
ATOM   360  O O   . LYS A 1 45  ? -5.618  4.765   -6.712  1.00 34.59 ? 357 LYS A O   1 
ATOM   361  C CB  . LYS A 1 45  ? -8.472  5.195   -6.244  1.00 32.99 ? 357 LYS A CB  1 
ATOM   362  C CG  . LYS A 1 45  ? -8.960  5.492   -7.652  1.00 35.28 ? 357 LYS A CG  1 
ATOM   363  C CD  . LYS A 1 45  ? -9.758  6.768   -7.664  1.00 37.59 ? 357 LYS A CD  1 
ATOM   364  C CE  . LYS A 1 45  ? -10.311 7.090   -9.034  1.00 38.82 ? 357 LYS A CE  1 
ATOM   365  N NZ  . LYS A 1 45  ? -11.002 8.418   -8.999  1.00 39.54 ? 357 LYS A NZ  1 
ATOM   366  N N   . ILE A 1 46  ? -6.360  3.012   -7.907  1.00 36.01 ? 358 ILE A N   1 
ATOM   367  C CA  . ILE A 1 46  ? -5.181  2.935   -8.755  1.00 36.52 ? 358 ILE A CA  1 
ATOM   368  C C   . ILE A 1 46  ? -5.499  3.355   -10.174 1.00 37.72 ? 358 ILE A C   1 
ATOM   369  O O   . ILE A 1 46  ? -6.232  2.676   -10.890 1.00 35.37 ? 358 ILE A O   1 
ATOM   370  C CB  . ILE A 1 46  ? -4.591  1.508   -8.724  1.00 35.55 ? 358 ILE A CB  1 
ATOM   371  C CG1 . ILE A 1 46  ? -4.075  1.220   -7.309  1.00 34.58 ? 358 ILE A CG1 1 
ATOM   372  C CG2 . ILE A 1 46  ? -3.476  1.375   -9.724  1.00 33.85 ? 358 ILE A CG2 1 
ATOM   373  C CD1 . ILE A 1 46  ? -3.476  -0.139  -7.121  1.00 36.05 ? 358 ILE A CD1 1 
ATOM   374  N N   . ARG A 1 47  ? -4.936  4.502   -10.553 1.00 41.21 ? 359 ARG A N   1 
ATOM   375  C CA  . ARG A 1 47  ? -5.115  5.105   -11.877 1.00 44.29 ? 359 ARG A CA  1 
ATOM   376  C C   . ARG A 1 47  ? -3.964  4.750   -12.811 1.00 44.88 ? 359 ARG A C   1 
ATOM   377  O O   . ARG A 1 47  ? -2.837  4.526   -12.366 1.00 44.46 ? 359 ARG A O   1 
ATOM   378  C CB  . ARG A 1 47  ? -5.196  6.639   -11.753 1.00 46.55 ? 359 ARG A CB  1 
ATOM   379  C CG  . ARG A 1 47  ? -6.422  7.171   -11.014 1.00 47.85 ? 359 ARG A CG  1 
ATOM   380  C CD  . ARG A 1 47  ? -7.688  6.949   -11.836 1.00 50.34 ? 359 ARG A CD  1 
ATOM   381  N NE  . ARG A 1 47  ? -7.733  7.822   -13.004 1.00 51.56 ? 359 ARG A NE  1 
ATOM   382  C CZ  . ARG A 1 47  ? -7.904  9.139   -12.940 1.00 51.93 ? 359 ARG A CZ  1 
ATOM   383  N NH1 . ARG A 1 47  ? -8.048  9.734   -11.763 1.00 51.60 ? 359 ARG A NH1 1 
ATOM   384  N NH2 . ARG A 1 47  ? -7.929  9.862   -14.051 1.00 51.77 ? 359 ARG A NH2 1 
ATOM   385  N N   . ASP A 1 48  ? -4.255  4.722   -14.109 1.00 45.61 ? 360 ASP A N   1 
ATOM   386  C CA  . ASP A 1 48  ? -3.251  4.397   -15.115 1.00 46.47 ? 360 ASP A CA  1 
ATOM   387  C C   . ASP A 1 48  ? -2.868  2.934   -15.008 1.00 46.22 ? 360 ASP A C   1 
ATOM   388  O O   . ASP A 1 48  ? -1.687  2.597   -14.897 1.00 45.59 ? 360 ASP A O   1 
ATOM   389  C CB  . ASP A 1 48  ? -1.995  5.248   -14.924 1.00 48.37 ? 360 ASP A CB  1 
ATOM   390  C CG  . ASP A 1 48  ? -2.289  6.724   -14.932 1.00 49.94 ? 360 ASP A CG  1 
ATOM   391  O OD1 . ASP A 1 48  ? -1.340  7.507   -14.718 1.00 51.10 ? 360 ASP A OD1 1 
ATOM   392  O OD2 . ASP A 1 48  ? -3.462  7.101   -15.153 1.00 50.20 ? 360 ASP A OD2 1 
ATOM   393  N N   . TYR A 1 49  ? -3.869  2.063   -15.036 1.00 46.30 ? 361 TYR A N   1 
ATOM   394  C CA  . TYR A 1 49  ? -3.609  0.640   -14.940 1.00 46.93 ? 361 TYR A CA  1 
ATOM   395  C C   . TYR A 1 49  ? -2.712  0.173   -16.088 1.00 48.37 ? 361 TYR A C   1 
ATOM   396  O O   . TYR A 1 49  ? -1.646  -0.405  -15.842 1.00 49.48 ? 361 TYR A O   1 
ATOM   397  C CB  . TYR A 1 49  ? -4.918  -0.138  -14.940 1.00 45.02 ? 361 TYR A CB  1 
ATOM   398  C CG  . TYR A 1 49  ? -4.711  -1.626  -14.838 1.00 45.49 ? 361 TYR A CG  1 
ATOM   399  C CD1 . TYR A 1 49  ? -4.549  -2.407  -15.980 1.00 44.70 ? 361 TYR A CD1 1 
ATOM   400  C CD2 . TYR A 1 49  ? -4.663  -2.256  -13.600 1.00 44.83 ? 361 TYR A CD2 1 
ATOM   401  C CE1 . TYR A 1 49  ? -4.349  -3.787  -15.885 1.00 44.41 ? 361 TYR A CE1 1 
ATOM   402  C CE2 . TYR A 1 49  ? -4.463  -3.629  -13.498 1.00 44.25 ? 361 TYR A CE2 1 
ATOM   403  C CZ  . TYR A 1 49  ? -4.308  -4.386  -14.642 1.00 43.54 ? 361 TYR A CZ  1 
ATOM   404  O OH  . TYR A 1 49  ? -4.106  -5.742  -14.540 1.00 44.45 ? 361 TYR A OH  1 
ATOM   405  N N   . LYS A 1 50  ? -3.139  0.434   -17.328 1.00 48.51 ? 362 LYS A N   1 
ATOM   406  C CA  . LYS A 1 50  ? -2.378  0.046   -18.519 1.00 47.68 ? 362 LYS A CA  1 
ATOM   407  C C   . LYS A 1 50  ? -0.906  0.389   -18.374 1.00 46.43 ? 362 LYS A C   1 
ATOM   408  O O   . LYS A 1 50  ? -0.047  -0.474  -18.516 1.00 47.96 ? 362 LYS A O   1 
ATOM   409  C CB  . LYS A 1 50  ? -2.917  0.749   -19.764 1.00 48.66 ? 362 LYS A CB  1 
ATOM   410  C CG  . LYS A 1 50  ? -2.102  0.484   -21.031 1.00 49.14 ? 362 LYS A CG  1 
ATOM   411  C CD  . LYS A 1 50  ? -2.361  1.537   -22.116 1.00 51.98 ? 362 LYS A CD  1 
ATOM   412  C CE  . LYS A 1 50  ? -3.823  1.551   -22.588 1.00 53.08 ? 362 LYS A CE  1 
ATOM   413  N NZ  . LYS A 1 50  ? -4.158  2.689   -23.518 1.00 52.99 ? 362 LYS A NZ  1 
ATOM   414  N N   . ARG A 1 51  ? -0.621  1.651   -18.093 1.00 44.45 ? 363 ARG A N   1 
ATOM   415  C CA  . ARG A 1 51  ? 0.754   2.106   -17.933 1.00 44.71 ? 363 ARG A CA  1 
ATOM   416  C C   . ARG A 1 51  ? 1.483   1.330   -16.836 1.00 45.93 ? 363 ARG A C   1 
ATOM   417  O O   . ARG A 1 51  ? 2.514   0.689   -17.080 1.00 46.50 ? 363 ARG A O   1 
ATOM   418  C CB  . ARG A 1 51  ? 0.757   3.582   -17.571 1.00 44.10 ? 363 ARG A CB  1 
ATOM   419  C CG  . ARG A 1 51  ? 2.082   4.288   -17.749 1.00 43.94 ? 363 ARG A CG  1 
ATOM   420  C CD  . ARG A 1 51  ? 2.023   5.635   -17.056 1.00 44.02 ? 363 ARG A CD  1 
ATOM   421  N NE  . ARG A 1 51  ? 2.415   5.516   -15.655 1.00 43.72 ? 363 ARG A NE  1 
ATOM   422  C CZ  . ARG A 1 51  ? 2.162   6.426   -14.724 1.00 42.14 ? 363 ARG A CZ  1 
ATOM   423  N NH1 . ARG A 1 51  ? 1.498   7.528   -15.039 1.00 42.32 ? 363 ARG A NH1 1 
ATOM   424  N NH2 . ARG A 1 51  ? 2.602   6.245   -13.488 1.00 41.55 ? 363 ARG A NH2 1 
ATOM   425  N N   . ARG A 1 52  ? 0.936   1.410   -15.623 1.00 46.49 ? 364 ARG A N   1 
ATOM   426  C CA  . ARG A 1 52  ? 1.497   0.744   -14.450 1.00 45.19 ? 364 ARG A CA  1 
ATOM   427  C C   . ARG A 1 52  ? 1.744   -0.747  -14.654 1.00 44.62 ? 364 ARG A C   1 
ATOM   428  O O   . ARG A 1 52  ? 2.717   -1.293  -14.136 1.00 44.93 ? 364 ARG A O   1 
ATOM   429  C CB  . ARG A 1 52  ? 0.583   0.965   -13.240 1.00 45.02 ? 364 ARG A CB  1 
ATOM   430  C CG  . ARG A 1 52  ? 0.522   2.412   -12.784 1.00 43.39 ? 364 ARG A CG  1 
ATOM   431  C CD  . ARG A 1 52  ? -0.371  2.598   -11.560 1.00 42.78 ? 364 ARG A CD  1 
ATOM   432  N NE  . ARG A 1 52  ? -0.494  4.012   -11.206 1.00 41.74 ? 364 ARG A NE  1 
ATOM   433  C CZ  . ARG A 1 52  ? 0.486   4.750   -10.686 1.00 41.32 ? 364 ARG A CZ  1 
ATOM   434  N NH1 . ARG A 1 52  ? 1.682   4.220   -10.435 1.00 38.63 ? 364 ARG A NH1 1 
ATOM   435  N NH2 . ARG A 1 52  ? 0.276   6.039   -10.451 1.00 41.20 ? 364 ARG A NH2 1 
ATOM   436  N N   . LYS A 1 53  ? 0.863   -1.406  -15.399 1.00 43.95 ? 365 LYS A N   1 
ATOM   437  C CA  . LYS A 1 53  ? 1.028   -2.831  -15.675 1.00 44.45 ? 365 LYS A CA  1 
ATOM   438  C C   . LYS A 1 53  ? 2.278   -3.006  -16.534 1.00 45.23 ? 365 LYS A C   1 
ATOM   439  O O   . LYS A 1 53  ? 3.100   -3.894  -16.284 1.00 44.70 ? 365 LYS A O   1 
ATOM   440  C CB  . LYS A 1 53  ? -0.182  -3.366  -16.428 1.00 43.67 ? 365 LYS A CB  1 
ATOM   441  C CG  . LYS A 1 53  ? -0.667  -4.698  -15.936 1.00 43.46 ? 365 LYS A CG  1 
ATOM   442  C CD  . LYS A 1 53  ? 0.278   -5.813  -16.292 1.00 44.57 ? 365 LYS A CD  1 
ATOM   443  C CE  . LYS A 1 53  ? -0.460  -6.844  -17.137 1.00 46.81 ? 365 LYS A CE  1 
ATOM   444  N NZ  . LYS A 1 53  ? -1.788  -7.226  -16.557 1.00 45.87 ? 365 LYS A NZ  1 
ATOM   445  N N   . GLN A 1 54  ? 2.411   -2.147  -17.545 1.00 45.63 ? 366 GLN A N   1 
ATOM   446  C CA  . GLN A 1 54  ? 3.556   -2.181  -18.441 1.00 45.44 ? 366 GLN A CA  1 
ATOM   447  C C   . GLN A 1 54  ? 4.828   -1.916  -17.667 1.00 44.41 ? 366 GLN A C   1 
ATOM   448  O O   . GLN A 1 54  ? 5.849   -2.546  -17.911 1.00 45.34 ? 366 GLN A O   1 
ATOM   449  C CB  . GLN A 1 54  ? 3.409   -1.139  -19.553 1.00 47.27 ? 366 GLN A CB  1 
ATOM   450  C CG  . GLN A 1 54  ? 3.061   -1.730  -20.919 1.00 50.06 ? 366 GLN A CG  1 
ATOM   451  C CD  . GLN A 1 54  ? 4.109   -2.727  -21.420 1.00 51.71 ? 366 GLN A CD  1 
ATOM   452  O OE1 . GLN A 1 54  ? 5.001   -2.382  -22.207 1.00 51.98 ? 366 GLN A OE1 1 
ATOM   453  N NE2 . GLN A 1 54  ? 4.006   -3.970  -20.951 1.00 50.98 ? 366 GLN A NE2 1 
ATOM   454  N N   . GLU A 1 55  ? 4.773   -0.980  -16.731 1.00 43.49 ? 367 GLU A N   1 
ATOM   455  C CA  . GLU A 1 55  ? 5.949   -0.671  -15.942 1.00 44.01 ? 367 GLU A CA  1 
ATOM   456  C C   . GLU A 1 55  ? 6.299   -1.834  -15.019 1.00 44.03 ? 367 GLU A C   1 
ATOM   457  O O   . GLU A 1 55  ? 7.440   -1.957  -14.582 1.00 44.35 ? 367 GLU A O   1 
ATOM   458  C CB  . GLU A 1 55  ? 5.713   0.581   -15.110 1.00 45.39 ? 367 GLU A CB  1 
ATOM   459  C CG  . GLU A 1 55  ? 5.356   1.804   -15.920 1.00 48.89 ? 367 GLU A CG  1 
ATOM   460  C CD  . GLU A 1 55  ? 5.235   3.049   -15.056 1.00 50.95 ? 367 GLU A CD  1 
ATOM   461  O OE1 . GLU A 1 55  ? 5.072   4.156   -15.627 1.00 51.03 ? 367 GLU A OE1 1 
ATOM   462  O OE2 . GLU A 1 55  ? 5.303   2.917   -13.810 1.00 51.05 ? 367 GLU A OE2 1 
ATOM   463  N N   . ALA A 1 56  ? 5.314   -2.679  -14.716 1.00 43.97 ? 368 ALA A N   1 
ATOM   464  C CA  . ALA A 1 56  ? 5.528   -3.833  -13.842 1.00 43.49 ? 368 ALA A CA  1 
ATOM   465  C C   . ALA A 1 56  ? 6.214   -4.944  -14.624 1.00 43.81 ? 368 ALA A C   1 
ATOM   466  O O   . ALA A 1 56  ? 7.068   -5.656  -14.093 1.00 44.14 ? 368 ALA A O   1 
ATOM   467  C CB  . ALA A 1 56  ? 4.203   -4.331  -13.293 1.00 42.66 ? 368 ALA A CB  1 
ATOM   468  N N   . VAL A 1 57  ? 5.821   -5.094  -15.887 1.00 43.39 ? 369 VAL A N   1 
ATOM   469  C CA  . VAL A 1 57  ? 6.399   -6.104  -16.764 1.00 43.26 ? 369 VAL A CA  1 
ATOM   470  C C   . VAL A 1 57  ? 7.847   -5.732  -17.060 1.00 44.69 ? 369 VAL A C   1 
ATOM   471  O O   . VAL A 1 57  ? 8.769   -6.516  -16.814 1.00 45.92 ? 369 VAL A O   1 
ATOM   472  C CB  . VAL A 1 57  ? 5.635   -6.196  -18.109 1.00 42.50 ? 369 VAL A CB  1 
ATOM   473  C CG1 . VAL A 1 57  ? 6.428   -7.028  -19.098 1.00 41.11 ? 369 VAL A CG1 1 
ATOM   474  C CG2 . VAL A 1 57  ? 4.265   -6.815  -17.895 1.00 41.84 ? 369 VAL A CG2 1 
ATOM   475  N N   . MET A 1 58  ? 8.053   -4.529  -17.584 1.00 44.62 ? 370 MET A N   1 
ATOM   476  C CA  . MET A 1 58  ? 9.399   -4.100  -17.900 1.00 44.91 ? 370 MET A CA  1 
ATOM   477  C C   . MET A 1 58  ? 10.275  -4.027  -16.657 1.00 43.05 ? 370 MET A C   1 
ATOM   478  O O   . MET A 1 58  ? 11.483  -3.878  -16.760 1.00 44.74 ? 370 MET A O   1 
ATOM   479  C CB  . MET A 1 58  ? 9.377   -2.750  -18.622 1.00 48.55 ? 370 MET A CB  1 
ATOM   480  C CG  . MET A 1 58  ? 8.756   -2.821  -20.011 1.00 54.15 ? 370 MET A CG  1 
ATOM   481  S SD  . MET A 1 58  ? 9.239   -1.417  -21.076 1.00 63.12 ? 370 MET A SD  1 
ATOM   482  C CE  . MET A 1 58  ? 8.081   -0.095  -20.457 1.00 60.48 ? 370 MET A CE  1 
ATOM   483  N N   . GLY A 1 59  ? 9.673   -4.135  -15.481 1.00 40.54 ? 371 GLY A N   1 
ATOM   484  C CA  . GLY A 1 59  ? 10.461  -4.097  -14.268 1.00 38.76 ? 371 GLY A CA  1 
ATOM   485  C C   . GLY A 1 59  ? 10.870  -2.732  -13.747 1.00 38.94 ? 371 GLY A C   1 
ATOM   486  O O   . GLY A 1 59  ? 11.791  -2.635  -12.935 1.00 37.94 ? 371 GLY A O   1 
ATOM   487  N N   . LYS A 1 60  ? 10.208  -1.675  -14.205 1.00 39.27 ? 372 LYS A N   1 
ATOM   488  C CA  . LYS A 1 60  ? 10.519  -0.330  -13.725 1.00 40.43 ? 372 LYS A CA  1 
ATOM   489  C C   . LYS A 1 60  ? 9.978   -0.258  -12.299 1.00 39.94 ? 372 LYS A C   1 
ATOM   490  O O   . LYS A 1 60  ? 10.659  0.207   -11.390 1.00 40.39 ? 372 LYS A O   1 
ATOM   491  C CB  . LYS A 1 60  ? 9.816   0.734   -14.571 1.00 42.30 ? 372 LYS A CB  1 
ATOM   492  C CG  . LYS A 1 60  ? 9.918   0.519   -16.074 1.00 47.32 ? 372 LYS A CG  1 
ATOM   493  C CD  . LYS A 1 60  ? 11.287  0.908   -16.630 1.00 49.80 ? 372 LYS A CD  1 
ATOM   494  C CE  . LYS A 1 60  ? 11.501  0.332   -18.031 1.00 51.61 ? 372 LYS A CE  1 
ATOM   495  N NZ  . LYS A 1 60  ? 10.367  0.632   -18.948 1.00 52.86 ? 372 LYS A NZ  1 
ATOM   496  N N   . THR A 1 61  ? 8.746   -0.731  -12.118 1.00 38.90 ? 373 THR A N   1 
ATOM   497  C CA  . THR A 1 61  ? 8.084   -0.732  -10.813 1.00 37.53 ? 373 THR A CA  1 
ATOM   498  C C   . THR A 1 61  ? 7.281   -2.017  -10.612 1.00 36.14 ? 373 THR A C   1 
ATOM   499  O O   . THR A 1 61  ? 6.200   -2.178  -11.170 1.00 34.78 ? 373 THR A O   1 
ATOM   500  C CB  . THR A 1 61  ? 7.115   0.455   -10.683 1.00 38.36 ? 373 THR A CB  1 
ATOM   501  O OG1 . THR A 1 61  ? 7.767   1.656   -11.114 1.00 38.22 ? 373 THR A OG1 1 
ATOM   502  C CG2 . THR A 1 61  ? 6.670   0.615   -9.237  1.00 36.86 ? 373 THR A CG2 1 
ATOM   503  N N   . LEU A 1 62  ? 7.812   -2.924  -9.802  1.00 35.25 ? 374 LEU A N   1 
ATOM   504  C CA  . LEU A 1 62  ? 7.150   -4.192  -9.550  1.00 35.03 ? 374 LEU A CA  1 
ATOM   505  C C   . LEU A 1 62  ? 5.900   -4.105  -8.688  1.00 35.57 ? 374 LEU A C   1 
ATOM   506  O O   . LEU A 1 62  ? 4.971   -4.882  -8.889  1.00 36.44 ? 374 LEU A O   1 
ATOM   507  C CB  . LEU A 1 62  ? 8.137   -5.178  -8.932  1.00 34.45 ? 374 LEU A CB  1 
ATOM   508  C CG  . LEU A 1 62  ? 9.207   -5.716  -9.885  1.00 34.60 ? 374 LEU A CG  1 
ATOM   509  C CD1 . LEU A 1 62  ? 10.215  -6.526  -9.089  1.00 34.58 ? 374 LEU A CD1 1 
ATOM   510  C CD2 . LEU A 1 62  ? 8.562   -6.580  -10.964 1.00 33.65 ? 374 LEU A CD2 1 
ATOM   511  N N   . SER A 1 63  ? 5.867   -3.177  -7.731  1.00 35.70 ? 375 SER A N   1 
ATOM   512  C CA  . SER A 1 63  ? 4.694   -3.027  -6.862  1.00 35.62 ? 375 SER A CA  1 
ATOM   513  C C   . SER A 1 63  ? 4.392   -1.577  -6.454  1.00 35.84 ? 375 SER A C   1 
ATOM   514  O O   . SER A 1 63  ? 5.245   -0.692  -6.536  1.00 36.93 ? 375 SER A O   1 
ATOM   515  C CB  . SER A 1 63  ? 4.847   -3.886  -5.596  1.00 34.77 ? 375 SER A CB  1 
ATOM   516  O OG  . SER A 1 63  ? 5.838   -3.370  -4.728  1.00 34.57 ? 375 SER A OG  1 
ATOM   517  N N   . LEU A 1 64  ? 3.155   -1.347  -6.027  1.00 34.89 ? 376 LEU A N   1 
ATOM   518  C CA  . LEU A 1 64  ? 2.710   -0.038  -5.581  1.00 33.86 ? 376 LEU A CA  1 
ATOM   519  C C   . LEU A 1 64  ? 2.183   -0.317  -4.194  1.00 35.69 ? 376 LEU A C   1 
ATOM   520  O O   . LEU A 1 64  ? 1.627   -1.391  -3.969  1.00 38.45 ? 376 LEU A O   1 
ATOM   521  C CB  . LEU A 1 64  ? 1.541   0.438   -6.431  1.00 30.58 ? 376 LEU A CB  1 
ATOM   522  C CG  . LEU A 1 64  ? 1.685   0.452   -7.946  1.00 29.35 ? 376 LEU A CG  1 
ATOM   523  C CD1 . LEU A 1 64  ? 0.346   0.212   -8.612  1.00 26.80 ? 376 LEU A CD1 1 
ATOM   524  C CD2 . LEU A 1 64  ? 2.263   1.786   -8.366  1.00 30.64 ? 376 LEU A CD2 1 
ATOM   525  N N   . TYR A 1 65  ? 2.361   0.607   -3.253  1.00 36.46 ? 377 TYR A N   1 
ATOM   526  C CA  . TYR A 1 65  ? 1.806   0.409   -1.911  1.00 35.76 ? 377 TYR A CA  1 
ATOM   527  C C   . TYR A 1 65  ? 0.888   1.595   -1.644  1.00 35.09 ? 377 TYR A C   1 
ATOM   528  O O   . TYR A 1 65  ? 1.203   2.727   -2.004  1.00 35.22 ? 377 TYR A O   1 
ATOM   529  C CB  . TYR A 1 65  ? 2.912   0.284   -0.850  1.00 36.85 ? 377 TYR A CB  1 
ATOM   530  C CG  . TYR A 1 65  ? 3.834   1.466   -0.735  1.00 40.58 ? 377 TYR A CG  1 
ATOM   531  C CD1 . TYR A 1 65  ? 3.576   2.489   0.174   1.00 42.55 ? 377 TYR A CD1 1 
ATOM   532  C CD2 . TYR A 1 65  ? 4.956   1.584   -1.559  1.00 42.45 ? 377 TYR A CD2 1 
ATOM   533  C CE1 . TYR A 1 65  ? 4.413   3.610   0.259   1.00 44.14 ? 377 TYR A CE1 1 
ATOM   534  C CE2 . TYR A 1 65  ? 5.800   2.702   -1.483  1.00 43.96 ? 377 TYR A CE2 1 
ATOM   535  C CZ  . TYR A 1 65  ? 5.514   3.707   -0.574  1.00 44.01 ? 377 TYR A CZ  1 
ATOM   536  O OH  . TYR A 1 65  ? 6.307   4.819   -0.514  1.00 44.18 ? 377 TYR A OH  1 
ATOM   537  N N   . SER A 1 66  ? -0.267  1.326   -1.049  1.00 34.47 ? 378 SER A N   1 
ATOM   538  C CA  . SER A 1 66  ? -1.251  2.366   -0.774  1.00 33.36 ? 378 SER A CA  1 
ATOM   539  C C   . SER A 1 66  ? -0.853  3.345   0.312   1.00 32.52 ? 378 SER A C   1 
ATOM   540  O O   . SER A 1 66  ? 0.259   3.315   0.834   1.00 33.84 ? 378 SER A O   1 
ATOM   541  C CB  . SER A 1 66  ? -2.568  1.740   -0.351  1.00 33.76 ? 378 SER A CB  1 
ATOM   542  O OG  . SER A 1 66  ? -2.488  1.326   1.001   1.00 34.84 ? 378 SER A OG  1 
ATOM   543  N N   . GLN A 1 67  ? -1.792  4.220   0.640   1.00 31.65 ? 379 GLN A N   1 
ATOM   544  C CA  . GLN A 1 67  ? -1.603  5.204   1.694   1.00 29.49 ? 379 GLN A CA  1 
ATOM   545  C C   . GLN A 1 67  ? -1.953  4.436   2.957   1.00 28.46 ? 379 GLN A C   1 
ATOM   546  O O   . GLN A 1 67  ? -2.685  3.453   2.898   1.00 28.89 ? 379 GLN A O   1 
ATOM   547  C CB  . GLN A 1 67  ? -2.571  6.376   1.513   1.00 29.38 ? 379 GLN A CB  1 
ATOM   548  C CG  . GLN A 1 67  ? -4.054  6.013   1.644   1.00 27.69 ? 379 GLN A CG  1 
ATOM   549  C CD  . GLN A 1 67  ? -4.699  5.601   0.332   1.00 28.50 ? 379 GLN A CD  1 
ATOM   550  O OE1 . GLN A 1 67  ? -5.901  5.336   0.279   1.00 28.59 ? 379 GLN A OE1 1 
ATOM   551  N NE2 . GLN A 1 67  ? -3.909  5.546   -0.731  1.00 26.68 ? 379 GLN A NE2 1 
ATOM   552  N N   . PRO A 1 68  ? -1.425  4.850   4.114   1.00 27.80 ? 380 PRO A N   1 
ATOM   553  C CA  . PRO A 1 68  ? -1.769  4.105   5.329   1.00 26.24 ? 380 PRO A CA  1 
ATOM   554  C C   . PRO A 1 68  ? -3.204  4.338   5.780   1.00 26.50 ? 380 PRO A C   1 
ATOM   555  O O   . PRO A 1 68  ? -3.772  5.407   5.544   1.00 27.99 ? 380 PRO A O   1 
ATOM   556  C CB  . PRO A 1 68  ? -0.765  4.626   6.351   1.00 25.39 ? 380 PRO A CB  1 
ATOM   557  C CG  . PRO A 1 68  ? 0.398   5.037   5.514   1.00 26.61 ? 380 PRO A CG  1 
ATOM   558  C CD  . PRO A 1 68  ? -0.261  5.718   4.343   1.00 26.58 ? 380 PRO A CD  1 
ATOM   559  N N   . PHE A 1 69  ? -3.786  3.316   6.403   1.00 26.83 ? 381 PHE A N   1 
ATOM   560  C CA  . PHE A 1 69  ? -5.142  3.377   6.950   1.00 27.27 ? 381 PHE A CA  1 
ATOM   561  C C   . PHE A 1 69  ? -5.020  2.770   8.343   1.00 26.58 ? 381 PHE A C   1 
ATOM   562  O O   . PHE A 1 69  ? -4.126  1.963   8.571   1.00 26.71 ? 381 PHE A O   1 
ATOM   563  C CB  . PHE A 1 69  ? -6.158  2.605   6.076   1.00 27.87 ? 381 PHE A CB  1 
ATOM   564  C CG  . PHE A 1 69  ? -6.008  1.104   6.102   1.00 27.06 ? 381 PHE A CG  1 
ATOM   565  C CD1 . PHE A 1 69  ? -4.907  0.485   5.521   1.00 25.64 ? 381 PHE A CD1 1 
ATOM   566  C CD2 . PHE A 1 69  ? -6.995  0.308   6.680   1.00 26.36 ? 381 PHE A CD2 1 
ATOM   567  C CE1 . PHE A 1 69  ? -4.791  -0.901  5.516   1.00 25.18 ? 381 PHE A CE1 1 
ATOM   568  C CE2 . PHE A 1 69  ? -6.883  -1.084  6.677   1.00 26.08 ? 381 PHE A CE2 1 
ATOM   569  C CZ  . PHE A 1 69  ? -5.779  -1.687  6.094   1.00 23.63 ? 381 PHE A CZ  1 
ATOM   570  N N   . TYR A 1 70  ? -5.891  3.154   9.271   1.00 25.16 ? 382 TYR A N   1 
ATOM   571  C CA  . TYR A 1 70  ? -5.774  2.653   10.640  1.00 25.98 ? 382 TYR A CA  1 
ATOM   572  C C   . TYR A 1 70  ? -6.975  1.895   11.190  1.00 26.77 ? 382 TYR A C   1 
ATOM   573  O O   . TYR A 1 70  ? -8.079  2.032   10.686  1.00 26.90 ? 382 TYR A O   1 
ATOM   574  C CB  . TYR A 1 70  ? -5.455  3.819   11.577  1.00 24.73 ? 382 TYR A CB  1 
ATOM   575  C CG  . TYR A 1 70  ? -4.263  4.643   11.147  1.00 23.05 ? 382 TYR A CG  1 
ATOM   576  C CD1 . TYR A 1 70  ? -4.354  5.551   10.086  1.00 23.16 ? 382 TYR A CD1 1 
ATOM   577  C CD2 . TYR A 1 70  ? -3.033  4.492   11.772  1.00 21.44 ? 382 TYR A CD2 1 
ATOM   578  C CE1 . TYR A 1 70  ? -3.243  6.278   9.663   1.00 20.58 ? 382 TYR A CE1 1 
ATOM   579  C CE2 . TYR A 1 70  ? -1.926  5.210   11.357  1.00 20.63 ? 382 TYR A CE2 1 
ATOM   580  C CZ  . TYR A 1 70  ? -2.036  6.094   10.308  1.00 20.24 ? 382 TYR A CZ  1 
ATOM   581  O OH  . TYR A 1 70  ? -0.925  6.771   9.896   1.00 21.81 ? 382 TYR A OH  1 
ATOM   582  N N   . THR A 1 71  ? -6.749  1.086   12.225  1.00 28.01 ? 383 THR A N   1 
ATOM   583  C CA  . THR A 1 71  ? -7.844  0.342   12.854  1.00 29.99 ? 383 THR A CA  1 
ATOM   584  C C   . THR A 1 71  ? -8.567  1.292   13.810  1.00 31.07 ? 383 THR A C   1 
ATOM   585  O O   . THR A 1 71  ? -9.665  1.000   14.289  1.00 32.43 ? 383 THR A O   1 
ATOM   586  C CB  . THR A 1 71  ? -7.342  -0.865  13.676  1.00 29.53 ? 383 THR A CB  1 
ATOM   587  O OG1 . THR A 1 71  ? -6.398  -0.414  14.650  1.00 28.27 ? 383 THR A OG1 1 
ATOM   588  C CG2 . THR A 1 71  ? -6.697  -1.910  12.778  1.00 30.01 ? 383 THR A CG2 1 
ATOM   589  N N   . GLY A 1 72  ? -7.935  2.433   14.073  1.00 30.57 ? 384 GLY A N   1 
ATOM   590  C CA  . GLY A 1 72  ? -8.505  3.426   14.959  1.00 29.92 ? 384 GLY A CA  1 
ATOM   591  C C   . GLY A 1 72  ? -7.617  4.651   15.029  1.00 30.03 ? 384 GLY A C   1 
ATOM   592  O O   . GLY A 1 72  ? -6.462  4.593   14.622  1.00 27.81 ? 384 GLY A O   1 
ATOM   593  N N   . TYR A 1 73  ? -8.148  5.754   15.550  1.00 30.48 ? 385 TYR A N   1 
ATOM   594  C CA  . TYR A 1 73  ? -7.372  6.980   15.647  1.00 32.82 ? 385 TYR A CA  1 
ATOM   595  C C   . TYR A 1 73  ? -5.996  6.733   16.243  1.00 34.29 ? 385 TYR A C   1 
ATOM   596  O O   . TYR A 1 73  ? -5.051  7.449   15.905  1.00 37.63 ? 385 TYR A O   1 
ATOM   597  C CB  . TYR A 1 73  ? -8.110  8.052   16.473  1.00 32.53 ? 385 TYR A CB  1 
ATOM   598  C CG  . TYR A 1 73  ? -9.260  8.730   15.741  1.00 33.12 ? 385 TYR A CG  1 
ATOM   599  C CD1 . TYR A 1 73  ? -10.479 8.969   16.385  1.00 32.98 ? 385 TYR A CD1 1 
ATOM   600  C CD2 . TYR A 1 73  ? -9.144  9.099   14.400  1.00 31.48 ? 385 TYR A CD2 1 
ATOM   601  C CE1 . TYR A 1 73  ? -11.552 9.543   15.711  1.00 31.85 ? 385 TYR A CE1 1 
ATOM   602  C CE2 . TYR A 1 73  ? -10.209 9.677   13.722  1.00 30.88 ? 385 TYR A CE2 1 
ATOM   603  C CZ  . TYR A 1 73  ? -11.412 9.893   14.382  1.00 31.40 ? 385 TYR A CZ  1 
ATOM   604  O OH  . TYR A 1 73  ? -12.484 10.431  13.702  1.00 32.21 ? 385 TYR A OH  1 
ATOM   605  N N   . PHE A 1 74  ? -5.862  5.731   17.113  1.00 33.98 ? 386 PHE A N   1 
ATOM   606  C CA  . PHE A 1 74  ? -4.556  5.460   17.718  1.00 34.81 ? 386 PHE A CA  1 
ATOM   607  C C   . PHE A 1 74  ? -4.211  3.976   17.777  1.00 35.04 ? 386 PHE A C   1 
ATOM   608  O O   . PHE A 1 74  ? -3.704  3.484   18.795  1.00 35.96 ? 386 PHE A O   1 
ATOM   609  C CB  . PHE A 1 74  ? -4.486  6.031   19.142  1.00 35.92 ? 386 PHE A CB  1 
ATOM   610  C CG  . PHE A 1 74  ? -4.862  7.485   19.246  1.00 36.75 ? 386 PHE A CG  1 
ATOM   611  C CD1 . PHE A 1 74  ? -6.044  7.866   19.883  1.00 34.89 ? 386 PHE A CD1 1 
ATOM   612  C CD2 . PHE A 1 74  ? -4.032  8.475   18.716  1.00 36.44 ? 386 PHE A CD2 1 
ATOM   613  C CE1 . PHE A 1 74  ? -6.395  9.203   19.994  1.00 35.14 ? 386 PHE A CE1 1 
ATOM   614  C CE2 . PHE A 1 74  ? -4.377  9.819   18.821  1.00 36.92 ? 386 PHE A CE2 1 
ATOM   615  C CZ  . PHE A 1 74  ? -5.563  10.184  19.463  1.00 36.23 ? 386 PHE A CZ  1 
ATOM   616  N N   . GLY A 1 75  ? -4.471  3.265   16.687  1.00 33.28 ? 387 GLY A N   1 
ATOM   617  C CA  . GLY A 1 75  ? -4.186  1.846   16.667  1.00 31.24 ? 387 GLY A CA  1 
ATOM   618  C C   . GLY A 1 75  ? -3.163  1.476   15.626  1.00 30.93 ? 387 GLY A C   1 
ATOM   619  O O   . GLY A 1 75  ? -2.355  2.298   15.224  1.00 31.61 ? 387 GLY A O   1 
ATOM   620  N N   . TYR A 1 76  ? -3.206  0.223   15.195  1.00 30.94 ? 388 TYR A N   1 
ATOM   621  C CA  . TYR A 1 76  ? -2.289  -0.301  14.190  1.00 29.88 ? 388 TYR A CA  1 
ATOM   622  C C   . TYR A 1 76  ? -2.271  0.579   12.943  1.00 29.10 ? 388 TYR A C   1 
ATOM   623  O O   . TYR A 1 76  ? -3.295  1.150   12.558  1.00 30.02 ? 388 TYR A O   1 
ATOM   624  C CB  . TYR A 1 76  ? -2.713  -1.722  13.782  1.00 29.13 ? 388 TYR A CB  1 
ATOM   625  C CG  . TYR A 1 76  ? -2.679  -2.769  14.884  1.00 28.19 ? 388 TYR A CG  1 
ATOM   626  C CD1 . TYR A 1 76  ? -1.473  -3.325  15.310  1.00 27.78 ? 388 TYR A CD1 1 
ATOM   627  C CD2 . TYR A 1 76  ? -3.857  -3.225  15.474  1.00 27.61 ? 388 TYR A CD2 1 
ATOM   628  C CE1 . TYR A 1 76  ? -1.442  -4.309  16.285  1.00 28.04 ? 388 TYR A CE1 1 
ATOM   629  C CE2 . TYR A 1 76  ? -3.838  -4.206  16.451  1.00 27.41 ? 388 TYR A CE2 1 
ATOM   630  C CZ  . TYR A 1 76  ? -2.627  -4.747  16.848  1.00 28.72 ? 388 TYR A CZ  1 
ATOM   631  O OH  . TYR A 1 76  ? -2.600  -5.748  17.789  1.00 29.76 ? 388 TYR A OH  1 
ATOM   632  N N   . LYS A 1 77  ? -1.102  0.692   12.321  1.00 27.13 ? 389 LYS A N   1 
ATOM   633  C CA  . LYS A 1 77  ? -0.954  1.464   11.090  1.00 25.24 ? 389 LYS A CA  1 
ATOM   634  C C   . LYS A 1 77  ? -0.729  0.382   10.032  1.00 26.54 ? 389 LYS A C   1 
ATOM   635  O O   . LYS A 1 77  ? 0.111   -0.504  10.208  1.00 27.93 ? 389 LYS A O   1 
ATOM   636  C CB  . LYS A 1 77  ? 0.253   2.393   11.183  1.00 22.07 ? 389 LYS A CB  1 
ATOM   637  C CG  . LYS A 1 77  ? 0.400   3.335   10.028  1.00 20.11 ? 389 LYS A CG  1 
ATOM   638  C CD  . LYS A 1 77  ? 1.728   4.039   10.086  1.00 19.19 ? 389 LYS A CD  1 
ATOM   639  C CE  . LYS A 1 77  ? 1.924   4.948   8.893   1.00 18.63 ? 389 LYS A CE  1 
ATOM   640  N NZ  . LYS A 1 77  ? 3.224   5.658   8.945   1.00 17.19 ? 389 LYS A NZ  1 
ATOM   641  N N   . MET A 1 78  ? -1.481  0.431   8.941   1.00 26.48 ? 390 MET A N   1 
ATOM   642  C CA  . MET A 1 78  ? -1.362  -0.601  7.926   1.00 25.86 ? 390 MET A CA  1 
ATOM   643  C C   . MET A 1 78  ? -1.534  -0.006  6.558   1.00 26.10 ? 390 MET A C   1 
ATOM   644  O O   . MET A 1 78  ? -1.889  1.151   6.435   1.00 27.88 ? 390 MET A O   1 
ATOM   645  C CB  . MET A 1 78  ? -2.448  -1.641  8.158   1.00 26.07 ? 390 MET A CB  1 
ATOM   646  C CG  . MET A 1 78  ? -2.803  -1.809  9.622   1.00 25.60 ? 390 MET A CG  1 
ATOM   647  S SD  . MET A 1 78  ? -4.433  -2.509  9.861   1.00 30.89 ? 390 MET A SD  1 
ATOM   648  C CE  . MET A 1 78  ? -5.517  -1.088  9.700   1.00 26.61 ? 390 MET A CE  1 
ATOM   649  N N   . CYS A 1 79  ? -1.267  -0.800  5.531   1.00 26.75 ? 391 CYS A N   1 
ATOM   650  C CA  . CYS A 1 79  ? -1.424  -0.363  4.148   1.00 27.67 ? 391 CYS A CA  1 
ATOM   651  C C   . CYS A 1 79  ? -1.391  -1.589  3.239   1.00 27.76 ? 391 CYS A C   1 
ATOM   652  O O   . CYS A 1 79  ? -1.171  -2.707  3.703   1.00 27.85 ? 391 CYS A O   1 
ATOM   653  C CB  . CYS A 1 79  ? -0.324  0.619   3.749   1.00 28.95 ? 391 CYS A CB  1 
ATOM   654  S SG  . CYS A 1 79  ? 1.259   -0.139  3.419   1.00 31.57 ? 391 CYS A SG  1 
ATOM   655  N N   . ALA A 1 80  ? -1.616  -1.378  1.948   1.00 27.19 ? 392 ALA A N   1 
ATOM   656  C CA  . ALA A 1 80  ? -1.646  -2.478  0.997   1.00 27.45 ? 392 ALA A CA  1 
ATOM   657  C C   . ALA A 1 80  ? -0.529  -2.377  -0.025  1.00 28.94 ? 392 ALA A C   1 
ATOM   658  O O   . ALA A 1 80  ? -0.053  -1.284  -0.331  1.00 30.74 ? 392 ALA A O   1 
ATOM   659  C CB  . ALA A 1 80  ? -2.993  -2.511  0.298   1.00 26.96 ? 392 ALA A CB  1 
ATOM   660  N N   . ARG A 1 81  ? -0.114  -3.526  -0.546  1.00 29.96 ? 393 ARG A N   1 
ATOM   661  C CA  . ARG A 1 81  ? 0.950   -3.589  -1.535  1.00 31.42 ? 393 ARG A CA  1 
ATOM   662  C C   . ARG A 1 81  ? 0.447   -4.499  -2.642  1.00 31.85 ? 393 ARG A C   1 
ATOM   663  O O   . ARG A 1 81  ? -0.007  -5.612  -2.370  1.00 32.25 ? 393 ARG A O   1 
ATOM   664  C CB  . ARG A 1 81  ? 2.212   -4.180  -0.902  1.00 34.21 ? 393 ARG A CB  1 
ATOM   665  C CG  . ARG A 1 81  ? 3.518   -3.849  -1.607  1.00 38.83 ? 393 ARG A CG  1 
ATOM   666  C CD  . ARG A 1 81  ? 4.702   -4.410  -0.833  1.00 43.36 ? 393 ARG A CD  1 
ATOM   667  N NE  . ARG A 1 81  ? 5.997   -4.004  -1.383  1.00 49.64 ? 393 ARG A NE  1 
ATOM   668  C CZ  . ARG A 1 81  ? 7.130   -4.708  -1.251  1.00 53.97 ? 393 ARG A CZ  1 
ATOM   669  N NH1 . ARG A 1 81  ? 7.140   -5.864  -0.582  1.00 54.61 ? 393 ARG A NH1 1 
ATOM   670  N NH2 . ARG A 1 81  ? 8.263   -4.265  -1.794  1.00 55.45 ? 393 ARG A NH2 1 
ATOM   671  N N   . VAL A 1 82  ? 0.520   -4.021  -3.881  1.00 31.40 ? 394 VAL A N   1 
ATOM   672  C CA  . VAL A 1 82  ? 0.075   -4.793  -5.046  1.00 30.77 ? 394 VAL A CA  1 
ATOM   673  C C   . VAL A 1 82  ? 1.172   -4.962  -6.104  1.00 30.49 ? 394 VAL A C   1 
ATOM   674  O O   . VAL A 1 82  ? 2.073   -4.134  -6.228  1.00 29.68 ? 394 VAL A O   1 
ATOM   675  C CB  . VAL A 1 82  ? -1.151  -4.119  -5.744  1.00 30.46 ? 394 VAL A CB  1 
ATOM   676  C CG1 . VAL A 1 82  ? -0.763  -2.747  -6.274  1.00 28.93 ? 394 VAL A CG1 1 
ATOM   677  C CG2 . VAL A 1 82  ? -1.647  -4.979  -6.889  1.00 29.00 ? 394 VAL A CG2 1 
ATOM   678  N N   . TYR A 1 83  ? 1.095   -6.060  -6.845  1.00 30.10 ? 395 TYR A N   1 
ATOM   679  C CA  . TYR A 1 83  ? 2.019   -6.324  -7.930  1.00 30.99 ? 395 TYR A CA  1 
ATOM   680  C C   . TYR A 1 83  ? 1.103   -6.505  -9.123  1.00 32.28 ? 395 TYR A C   1 
ATOM   681  O O   . TYR A 1 83  ? 0.496   -7.562  -9.283  1.00 33.27 ? 395 TYR A O   1 
ATOM   682  C CB  . TYR A 1 83  ? 2.814   -7.607  -7.702  1.00 31.67 ? 395 TYR A CB  1 
ATOM   683  C CG  . TYR A 1 83  ? 3.868   -7.495  -6.638  1.00 32.31 ? 395 TYR A CG  1 
ATOM   684  C CD1 . TYR A 1 83  ? 3.545   -7.623  -5.295  1.00 34.00 ? 395 TYR A CD1 1 
ATOM   685  C CD2 . TYR A 1 83  ? 5.185   -7.223  -6.971  1.00 33.04 ? 395 TYR A CD2 1 
ATOM   686  C CE1 . TYR A 1 83  ? 4.504   -7.482  -4.307  1.00 33.55 ? 395 TYR A CE1 1 
ATOM   687  C CE2 . TYR A 1 83  ? 6.157   -7.075  -5.991  1.00 34.21 ? 395 TYR A CE2 1 
ATOM   688  C CZ  . TYR A 1 83  ? 5.808   -7.206  -4.662  1.00 34.48 ? 395 TYR A CZ  1 
ATOM   689  O OH  . TYR A 1 83  ? 6.766   -7.066  -3.683  1.00 36.54 ? 395 TYR A OH  1 
ATOM   690  N N   . LEU A 1 84  ? 0.985   -5.473  -9.951  1.00 32.87 ? 396 LEU A N   1 
ATOM   691  C CA  . LEU A 1 84  ? 0.113   -5.541  -11.119 1.00 32.30 ? 396 LEU A CA  1 
ATOM   692  C C   . LEU A 1 84  ? 0.428   -6.722  -12.014 1.00 32.70 ? 396 LEU A C   1 
ATOM   693  O O   . LEU A 1 84  ? -0.442  -7.202  -12.742 1.00 32.83 ? 396 LEU A O   1 
ATOM   694  C CB  . LEU A 1 84  ? 0.214   -4.257  -11.935 1.00 30.66 ? 396 LEU A CB  1 
ATOM   695  C CG  . LEU A 1 84  ? -0.343  -3.027  -11.233 1.00 29.75 ? 396 LEU A CG  1 
ATOM   696  C CD1 . LEU A 1 84  ? -0.392  -1.884  -12.213 1.00 31.42 ? 396 LEU A CD1 1 
ATOM   697  C CD2 . LEU A 1 84  ? -1.731  -3.323  -10.702 1.00 28.12 ? 396 LEU A CD2 1 
ATOM   698  N N   . ASN A 1 85  ? 1.672   -7.190  -11.964 1.00 33.32 ? 397 ASN A N   1 
ATOM   699  C CA  . ASN A 1 85  ? 2.052   -8.311  -12.798 1.00 33.27 ? 397 ASN A CA  1 
ATOM   700  C C   . ASN A 1 85  ? 2.454   -9.554  -12.031 1.00 33.41 ? 397 ASN A C   1 
ATOM   701  O O   . ASN A 1 85  ? 3.079   -10.460 -12.585 1.00 33.87 ? 397 ASN A O   1 
ATOM   702  C CB  . ASN A 1 85  ? 3.163   -7.915  -13.749 1.00 33.89 ? 397 ASN A CB  1 
ATOM   703  C CG  . ASN A 1 85  ? 3.346   -8.916  -14.842 1.00 33.40 ? 397 ASN A CG  1 
ATOM   704  O OD1 . ASN A 1 85  ? 2.373   -9.382  -15.442 1.00 33.88 ? 397 ASN A OD1 1 
ATOM   705  N ND2 . ASN A 1 85  ? 4.590   -9.258  -15.120 1.00 34.25 ? 397 ASN A ND2 1 
ATOM   706  N N   . GLY A 1 86  ? 2.105   -9.587  -10.748 1.00 32.20 ? 398 GLY A N   1 
ATOM   707  C CA  . GLY A 1 86  ? 2.374   -10.753 -9.939  1.00 29.21 ? 398 GLY A CA  1 
ATOM   708  C C   . GLY A 1 86  ? 3.699   -10.911 -9.236  1.00 29.06 ? 398 GLY A C   1 
ATOM   709  O O   . GLY A 1 86  ? 4.747   -10.431 -9.664  1.00 26.30 ? 398 GLY A O   1 
ATOM   710  N N   . ASP A 1 87  ? 3.610   -11.645 -8.138  1.00 28.96 ? 399 ASP A N   1 
ATOM   711  C CA  . ASP A 1 87  ? 4.727   -11.952 -7.272  1.00 29.74 ? 399 ASP A CA  1 
ATOM   712  C C   . ASP A 1 87  ? 4.605   -13.422 -6.897  1.00 31.66 ? 399 ASP A C   1 
ATOM   713  O O   . ASP A 1 87  ? 3.507   -13.988 -6.945  1.00 32.27 ? 399 ASP A O   1 
ATOM   714  C CB  . ASP A 1 87  ? 4.635   -11.105 -6.006  1.00 28.33 ? 399 ASP A CB  1 
ATOM   715  C CG  . ASP A 1 87  ? 5.686   -11.463 -5.003  1.00 26.31 ? 399 ASP A CG  1 
ATOM   716  O OD1 . ASP A 1 87  ? 6.862   -11.191 -5.289  1.00 28.15 ? 399 ASP A OD1 1 
ATOM   717  O OD2 . ASP A 1 87  ? 5.344   -12.020 -3.944  1.00 25.49 ? 399 ASP A OD2 1 
ATOM   718  N N   . GLY A 1 88  ? 5.722   -14.034 -6.512  1.00 32.06 ? 400 GLY A N   1 
ATOM   719  C CA  . GLY A 1 88  ? 5.689   -15.434 -6.126  1.00 31.66 ? 400 GLY A CA  1 
ATOM   720  C C   . GLY A 1 88  ? 4.986   -16.308 -7.145  1.00 31.69 ? 400 GLY A C   1 
ATOM   721  O O   . GLY A 1 88  ? 5.218   -16.188 -8.348  1.00 31.11 ? 400 GLY A O   1 
ATOM   722  N N   . MET A 1 89  ? 4.113   -17.185 -6.666  1.00 33.08 ? 401 MET A N   1 
ATOM   723  C CA  . MET A 1 89  ? 3.378   -18.088 -7.547  1.00 36.02 ? 401 MET A CA  1 
ATOM   724  C C   . MET A 1 89  ? 2.318   -17.373 -8.384  1.00 36.24 ? 401 MET A C   1 
ATOM   725  O O   . MET A 1 89  ? 1.264   -17.935 -8.662  1.00 37.44 ? 401 MET A O   1 
ATOM   726  C CB  . MET A 1 89  ? 2.711   -19.192 -6.716  1.00 37.35 ? 401 MET A CB  1 
ATOM   727  C CG  . MET A 1 89  ? 3.690   -20.024 -5.904  1.00 40.09 ? 401 MET A CG  1 
ATOM   728  S SD  . MET A 1 89  ? 4.863   -20.922 -6.948  1.00 43.81 ? 401 MET A SD  1 
ATOM   729  C CE  . MET A 1 89  ? 3.939   -22.449 -7.180  1.00 43.37 ? 401 MET A CE  1 
ATOM   730  N N   . GLY A 1 90  ? 2.596   -16.137 -8.782  1.00 36.53 ? 402 GLY A N   1 
ATOM   731  C CA  . GLY A 1 90  ? 1.645   -15.385 -9.577  1.00 36.67 ? 402 GLY A CA  1 
ATOM   732  C C   . GLY A 1 90  ? 2.337   -14.486 -10.584 1.00 39.02 ? 402 GLY A C   1 
ATOM   733  O O   . GLY A 1 90  ? 1.676   -13.885 -11.442 1.00 39.37 ? 402 GLY A O   1 
ATOM   734  N N   . LYS A 1 91  ? 3.667   -14.396 -10.477 1.00 39.17 ? 403 LYS A N   1 
ATOM   735  C CA  . LYS A 1 91  ? 4.479   -13.572 -11.367 1.00 39.20 ? 403 LYS A CA  1 
ATOM   736  C C   . LYS A 1 91  ? 4.193   -13.929 -12.820 1.00 39.89 ? 403 LYS A C   1 
ATOM   737  O O   . LYS A 1 91  ? 4.443   -15.059 -13.258 1.00 40.43 ? 403 LYS A O   1 
ATOM   738  C CB  . LYS A 1 91  ? 5.963   -13.788 -11.067 1.00 39.88 ? 403 LYS A CB  1 
ATOM   739  C CG  . LYS A 1 91  ? 6.762   -12.523 -10.784 1.00 42.30 ? 403 LYS A CG  1 
ATOM   740  C CD  . LYS A 1 91  ? 6.757   -11.550 -11.962 1.00 46.33 ? 403 LYS A CD  1 
ATOM   741  C CE  . LYS A 1 91  ? 7.539   -10.238 -11.657 1.00 49.92 ? 403 LYS A CE  1 
ATOM   742  N NZ  . LYS A 1 91  ? 6.977   -9.362  -10.554 1.00 47.21 ? 403 LYS A NZ  1 
ATOM   743  N N   . GLY A 1 92  ? 3.660   -12.962 -13.561 1.00 40.19 ? 404 GLY A N   1 
ATOM   744  C CA  . GLY A 1 92  ? 3.341   -13.179 -14.962 1.00 40.12 ? 404 GLY A CA  1 
ATOM   745  C C   . GLY A 1 92  ? 1.940   -13.708 -15.239 1.00 40.05 ? 404 GLY A C   1 
ATOM   746  O O   . GLY A 1 92  ? 1.388   -13.490 -16.314 1.00 39.87 ? 404 GLY A O   1 
ATOM   747  N N   . THR A 1 93  ? 1.350   -14.399 -14.274 1.00 40.42 ? 405 THR A N   1 
ATOM   748  C CA  . THR A 1 93  ? 0.024   -14.953 -14.474 1.00 41.53 ? 405 THR A CA  1 
ATOM   749  C C   . THR A 1 93  ? -1.069  -14.257 -13.676 1.00 41.96 ? 405 THR A C   1 
ATOM   750  O O   . THR A 1 93  ? -2.206  -14.136 -14.142 1.00 42.03 ? 405 THR A O   1 
ATOM   751  C CB  . THR A 1 93  ? -0.007  -16.448 -14.106 1.00 42.68 ? 405 THR A CB  1 
ATOM   752  O OG1 . THR A 1 93  ? 0.274   -16.605 -12.708 1.00 43.73 ? 405 THR A OG1 1 
ATOM   753  C CG2 . THR A 1 93  ? 1.027   -17.216 -14.917 1.00 42.18 ? 405 THR A CG2 1 
ATOM   754  N N   . HIS A 1 94  ? -0.727  -13.792 -12.481 1.00 41.54 ? 406 HIS A N   1 
ATOM   755  C CA  . HIS A 1 94  ? -1.714  -13.151 -11.622 1.00 40.77 ? 406 HIS A CA  1 
ATOM   756  C C   . HIS A 1 94  ? -1.397  -11.729 -11.191 1.00 39.80 ? 406 HIS A C   1 
ATOM   757  O O   . HIS A 1 94  ? -0.444  -11.118 -11.662 1.00 41.04 ? 406 HIS A O   1 
ATOM   758  C CB  . HIS A 1 94  ? -1.914  -14.011 -10.373 1.00 41.11 ? 406 HIS A CB  1 
ATOM   759  C CG  . HIS A 1 94  ? -2.559  -15.333 -10.646 1.00 42.95 ? 406 HIS A CG  1 
ATOM   760  N ND1 . HIS A 1 94  ? -3.207  -16.059 -9.670  1.00 43.61 ? 406 HIS A ND1 1 
ATOM   761  C CD2 . HIS A 1 94  ? -2.697  -16.040 -11.792 1.00 43.52 ? 406 HIS A CD2 1 
ATOM   762  C CE1 . HIS A 1 94  ? -3.724  -17.150 -10.203 1.00 43.61 ? 406 HIS A CE1 1 
ATOM   763  N NE2 . HIS A 1 94  ? -3.430  -17.162 -11.490 1.00 44.63 ? 406 HIS A NE2 1 
ATOM   764  N N   . LEU A 1 95  ? -2.246  -11.200 -10.315 1.00 37.47 ? 407 LEU A N   1 
ATOM   765  C CA  . LEU A 1 95  ? -2.065  -9.885  -9.718  1.00 34.72 ? 407 LEU A CA  1 
ATOM   766  C C   . LEU A 1 95  ? -2.011  -10.300 -8.255  1.00 33.65 ? 407 LEU A C   1 
ATOM   767  O O   . LEU A 1 95  ? -2.924  -10.961 -7.774  1.00 33.01 ? 407 LEU A O   1 
ATOM   768  C CB  . LEU A 1 95  ? -3.279  -8.978  -9.967  1.00 34.20 ? 407 LEU A CB  1 
ATOM   769  C CG  . LEU A 1 95  ? -3.345  -7.641  -9.192  1.00 33.49 ? 407 LEU A CG  1 
ATOM   770  C CD1 . LEU A 1 95  ? -4.395  -6.734  -9.806  1.00 33.55 ? 407 LEU A CD1 1 
ATOM   771  C CD2 . LEU A 1 95  ? -3.672  -7.874  -7.723  1.00 30.61 ? 407 LEU A CD2 1 
ATOM   772  N N   . SER A 1 96  ? -0.946  -9.938  -7.553  1.00 33.25 ? 408 SER A N   1 
ATOM   773  C CA  . SER A 1 96  ? -0.804  -10.320 -6.152  1.00 34.47 ? 408 SER A CA  1 
ATOM   774  C C   . SER A 1 96  ? -1.146  -9.174  -5.197  1.00 35.48 ? 408 SER A C   1 
ATOM   775  O O   . SER A 1 96  ? -0.611  -8.071  -5.306  1.00 36.32 ? 408 SER A O   1 
ATOM   776  C CB  . SER A 1 96  ? 0.619   -10.809 -5.913  1.00 34.40 ? 408 SER A CB  1 
ATOM   777  O OG  . SER A 1 96  ? 1.004   -11.704 -6.948  1.00 35.15 ? 408 SER A OG  1 
ATOM   778  N N   . LEU A 1 97  ? -2.037  -9.450  -4.249  1.00 35.86 ? 409 LEU A N   1 
ATOM   779  C CA  . LEU A 1 97  ? -2.482  -8.438  -3.298  1.00 35.90 ? 409 LEU A CA  1 
ATOM   780  C C   . LEU A 1 97  ? -2.033  -8.741  -1.875  1.00 36.10 ? 409 LEU A C   1 
ATOM   781  O O   . LEU A 1 97  ? -2.462  -9.721  -1.278  1.00 36.43 ? 409 LEU A O   1 
ATOM   782  C CB  . LEU A 1 97  ? -4.008  -8.339  -3.364  1.00 35.66 ? 409 LEU A CB  1 
ATOM   783  C CG  . LEU A 1 97  ? -4.761  -7.249  -2.598  1.00 36.26 ? 409 LEU A CG  1 
ATOM   784  C CD1 . LEU A 1 97  ? -4.104  -5.878  -2.801  1.00 35.20 ? 409 LEU A CD1 1 
ATOM   785  C CD2 . LEU A 1 97  ? -6.205  -7.246  -3.095  1.00 34.06 ? 409 LEU A CD2 1 
ATOM   786  N N   . PHE A 1 98  ? -1.176  -7.885  -1.329  1.00 35.96 ? 410 PHE A N   1 
ATOM   787  C CA  . PHE A 1 98  ? -0.668  -8.093  0.019   1.00 34.78 ? 410 PHE A CA  1 
ATOM   788  C C   . PHE A 1 98  ? -1.050  -7.010  1.021   1.00 34.17 ? 410 PHE A C   1 
ATOM   789  O O   . PHE A 1 98  ? -1.227  -5.850  0.664   1.00 35.46 ? 410 PHE A O   1 
ATOM   790  C CB  . PHE A 1 98  ? 0.857   -8.197  -0.001  1.00 35.28 ? 410 PHE A CB  1 
ATOM   791  C CG  . PHE A 1 98  ? 1.392   -9.205  -0.971  1.00 34.65 ? 410 PHE A CG  1 
ATOM   792  C CD1 . PHE A 1 98  ? 1.707   -8.835  -2.268  1.00 34.66 ? 410 PHE A CD1 1 
ATOM   793  C CD2 . PHE A 1 98  ? 1.594   -10.520 -0.580  1.00 34.61 ? 410 PHE A CD2 1 
ATOM   794  C CE1 . PHE A 1 98  ? 2.218   -9.757  -3.155  1.00 33.95 ? 410 PHE A CE1 1 
ATOM   795  C CE2 . PHE A 1 98  ? 2.104   -11.448 -1.462  1.00 33.94 ? 410 PHE A CE2 1 
ATOM   796  C CZ  . PHE A 1 98  ? 2.418   -11.068 -2.751  1.00 34.67 ? 410 PHE A CZ  1 
ATOM   797  N N   . PHE A 1 99  ? -1.141  -7.419  2.281   1.00 32.17 ? 411 PHE A N   1 
ATOM   798  C CA  . PHE A 1 99  ? -1.454  -6.554  3.416   1.00 29.86 ? 411 PHE A CA  1 
ATOM   799  C C   . PHE A 1 99  ? -0.087  -6.204  4.030   1.00 29.68 ? 411 PHE A C   1 
ATOM   800  O O   . PHE A 1 99  ? 0.862   -6.973  3.898   1.00 28.82 ? 411 PHE A O   1 
ATOM   801  C CB  . PHE A 1 99  ? -2.321  -7.347  4.404   1.00 28.77 ? 411 PHE A CB  1 
ATOM   802  C CG  . PHE A 1 99  ? -2.694  -6.603  5.659   1.00 26.98 ? 411 PHE A CG  1 
ATOM   803  C CD1 . PHE A 1 99  ? -3.537  -5.511  5.612   1.00 24.58 ? 411 PHE A CD1 1 
ATOM   804  C CD2 . PHE A 1 99  ? -2.242  -7.046  6.900   1.00 26.49 ? 411 PHE A CD2 1 
ATOM   805  C CE1 . PHE A 1 99  ? -3.926  -4.882  6.769   1.00 25.33 ? 411 PHE A CE1 1 
ATOM   806  C CE2 . PHE A 1 99  ? -2.626  -6.422  8.062   1.00 25.48 ? 411 PHE A CE2 1 
ATOM   807  C CZ  . PHE A 1 99  ? -3.470  -5.339  8.000   1.00 25.51 ? 411 PHE A CZ  1 
ATOM   808  N N   . VAL A 1 100 ? 0.027   -5.057  4.692   1.00 28.16 ? 412 VAL A N   1 
ATOM   809  C CA  . VAL A 1 100 ? 1.305   -4.666  5.273   1.00 26.88 ? 412 VAL A CA  1 
ATOM   810  C C   . VAL A 1 100 ? 1.195   -4.013  6.642   1.00 28.91 ? 412 VAL A C   1 
ATOM   811  O O   . VAL A 1 100 ? 0.536   -2.987  6.781   1.00 31.17 ? 412 VAL A O   1 
ATOM   812  C CB  . VAL A 1 100 ? 2.039   -3.694  4.350   1.00 24.58 ? 412 VAL A CB  1 
ATOM   813  C CG1 . VAL A 1 100 ? 3.234   -3.104  5.053   1.00 26.15 ? 412 VAL A CG1 1 
ATOM   814  C CG2 . VAL A 1 100 ? 2.494   -4.411  3.128   1.00 26.15 ? 412 VAL A CG2 1 
ATOM   815  N N   . ILE A 1 101 ? 1.836   -4.602  7.652   1.00 28.84 ? 413 ILE A N   1 
ATOM   816  C CA  . ILE A 1 101 ? 1.819   -4.024  8.986   1.00 28.58 ? 413 ILE A CA  1 
ATOM   817  C C   . ILE A 1 101 ? 2.939   -3.007  9.066   1.00 30.49 ? 413 ILE A C   1 
ATOM   818  O O   . ILE A 1 101 ? 4.108   -3.363  8.933   1.00 30.99 ? 413 ILE A O   1 
ATOM   819  C CB  . ILE A 1 101 ? 2.091   -5.050  10.052  1.00 28.24 ? 413 ILE A CB  1 
ATOM   820  C CG1 . ILE A 1 101 ? 0.887   -5.969  10.220  1.00 30.03 ? 413 ILE A CG1 1 
ATOM   821  C CG2 . ILE A 1 101 ? 2.408   -4.347  11.352  1.00 29.13 ? 413 ILE A CG2 1 
ATOM   822  C CD1 . ILE A 1 101 ? -0.292  -5.309  10.877  1.00 30.49 ? 413 ILE A CD1 1 
ATOM   823  N N   . MET A 1 102 ? 2.589   -1.742  9.287   1.00 31.97 ? 414 MET A N   1 
ATOM   824  C CA  . MET A 1 102 ? 3.585   -0.672  9.378   1.00 32.45 ? 414 MET A CA  1 
ATOM   825  C C   . MET A 1 102 ? 3.881   -0.311  10.828  1.00 34.05 ? 414 MET A C   1 
ATOM   826  O O   . MET A 1 102 ? 3.076   -0.582  11.721  1.00 35.55 ? 414 MET A O   1 
ATOM   827  C CB  . MET A 1 102 ? 3.094   0.583   8.655   1.00 30.67 ? 414 MET A CB  1 
ATOM   828  C CG  . MET A 1 102 ? 2.926   0.433   7.164   1.00 29.48 ? 414 MET A CG  1 
ATOM   829  S SD  . MET A 1 102 ? 2.576   2.017   6.383   1.00 31.86 ? 414 MET A SD  1 
ATOM   830  C CE  . MET A 1 102 ? 4.209   2.661   6.237   1.00 26.39 ? 414 MET A CE  1 
ATOM   831  N N   . ARG A 1 103 ? 5.037   0.293   11.062  1.00 34.81 ? 415 ARG A N   1 
ATOM   832  C CA  . ARG A 1 103 ? 5.409   0.710   12.404  1.00 35.96 ? 415 ARG A CA  1 
ATOM   833  C C   . ARG A 1 103 ? 4.507   1.886   12.727  1.00 35.41 ? 415 ARG A C   1 
ATOM   834  O O   . ARG A 1 103 ? 4.446   2.841   11.960  1.00 34.17 ? 415 ARG A O   1 
ATOM   835  C CB  . ARG A 1 103 ? 6.864   1.156   12.430  1.00 39.17 ? 415 ARG A CB  1 
ATOM   836  C CG  . ARG A 1 103 ? 7.284   1.822   13.713  1.00 42.59 ? 415 ARG A CG  1 
ATOM   837  C CD  . ARG A 1 103 ? 8.414   2.793   13.442  1.00 46.89 ? 415 ARG A CD  1 
ATOM   838  N NE  . ARG A 1 103 ? 9.713   2.145   13.308  1.00 50.46 ? 415 ARG A NE  1 
ATOM   839  C CZ  . ARG A 1 103 ? 10.711  2.636   12.577  1.00 53.58 ? 415 ARG A CZ  1 
ATOM   840  N NH1 . ARG A 1 103 ? 10.546  3.771   11.906  1.00 54.70 ? 415 ARG A NH1 1 
ATOM   841  N NH2 . ARG A 1 103 ? 11.883  2.010   12.531  1.00 55.00 ? 415 ARG A NH2 1 
ATOM   842  N N   . GLY A 1 104 ? 3.795   1.803   13.847  1.00 35.89 ? 416 GLY A N   1 
ATOM   843  C CA  . GLY A 1 104 ? 2.896   2.874   14.237  1.00 36.19 ? 416 GLY A CA  1 
ATOM   844  C C   . GLY A 1 104 ? 3.379   3.551   15.498  1.00 37.09 ? 416 GLY A C   1 
ATOM   845  O O   . GLY A 1 104 ? 4.063   2.926   16.299  1.00 38.98 ? 416 GLY A O   1 
ATOM   846  N N   . GLU A 1 105 ? 3.032   4.821   15.685  1.00 36.78 ? 417 GLU A N   1 
ATOM   847  C CA  . GLU A 1 105 ? 3.469   5.557   16.865  1.00 36.43 ? 417 GLU A CA  1 
ATOM   848  C C   . GLU A 1 105 ? 2.937   5.000   18.185  1.00 35.48 ? 417 GLU A C   1 
ATOM   849  O O   . GLU A 1 105 ? 3.419   5.372   19.248  1.00 34.89 ? 417 GLU A O   1 
ATOM   850  C CB  . GLU A 1 105 ? 3.077   7.034   16.746  1.00 38.19 ? 417 GLU A CB  1 
ATOM   851  C CG  . GLU A 1 105 ? 3.851   7.838   15.697  1.00 41.48 ? 417 GLU A CG  1 
ATOM   852  C CD  . GLU A 1 105 ? 5.343   7.903   15.972  1.00 44.18 ? 417 GLU A CD  1 
ATOM   853  O OE1 . GLU A 1 105 ? 6.037   6.887   15.759  1.00 47.98 ? 417 GLU A OE1 1 
ATOM   854  O OE2 . GLU A 1 105 ? 5.832   8.966   16.407  1.00 46.29 ? 417 GLU A OE2 1 
ATOM   855  N N   . TYR A 1 106 ? 1.959   4.104   18.127  1.00 34.64 ? 418 TYR A N   1 
ATOM   856  C CA  . TYR A 1 106 ? 1.401   3.548   19.352  1.00 35.61 ? 418 TYR A CA  1 
ATOM   857  C C   . TYR A 1 106 ? 1.506   2.021   19.430  1.00 36.99 ? 418 TYR A C   1 
ATOM   858  O O   . TYR A 1 106 ? 0.671   1.367   20.068  1.00 37.02 ? 418 TYR A O   1 
ATOM   859  C CB  . TYR A 1 106 ? -0.069  3.975   19.506  1.00 36.36 ? 418 TYR A CB  1 
ATOM   860  C CG  . TYR A 1 106 ? -0.295  5.466   19.374  1.00 37.19 ? 418 TYR A CG  1 
ATOM   861  C CD1 . TYR A 1 106 ? -0.105  6.112   18.151  1.00 37.23 ? 418 TYR A CD1 1 
ATOM   862  C CD2 . TYR A 1 106 ? -0.655  6.242   20.476  1.00 37.83 ? 418 TYR A CD2 1 
ATOM   863  C CE1 . TYR A 1 106 ? -0.260  7.484   18.022  1.00 37.67 ? 418 TYR A CE1 1 
ATOM   864  C CE2 . TYR A 1 106 ? -0.812  7.623   20.360  1.00 38.16 ? 418 TYR A CE2 1 
ATOM   865  C CZ  . TYR A 1 106 ? -0.612  8.233   19.127  1.00 39.77 ? 418 TYR A CZ  1 
ATOM   866  O OH  . TYR A 1 106 ? -0.754  9.595   18.993  1.00 41.25 ? 418 TYR A OH  1 
ATOM   867  N N   . ASP A 1 107 ? 2.530   1.451   18.798  1.00 37.35 ? 419 ASP A N   1 
ATOM   868  C CA  . ASP A 1 107 ? 2.702   0.003   18.823  1.00 37.95 ? 419 ASP A CA  1 
ATOM   869  C C   . ASP A 1 107 ? 3.037   -0.528  20.216  1.00 37.96 ? 419 ASP A C   1 
ATOM   870  O O   . ASP A 1 107 ? 2.772   -1.689  20.513  1.00 39.03 ? 419 ASP A O   1 
ATOM   871  C CB  . ASP A 1 107 ? 3.778   -0.438  17.829  1.00 38.20 ? 419 ASP A CB  1 
ATOM   872  C CG  . ASP A 1 107 ? 3.368   -0.208  16.388  1.00 40.13 ? 419 ASP A CG  1 
ATOM   873  O OD1 . ASP A 1 107 ? 2.202   0.180   16.162  1.00 42.27 ? 419 ASP A OD1 1 
ATOM   874  O OD2 . ASP A 1 107 ? 4.204   -0.415  15.482  1.00 39.52 ? 419 ASP A OD2 1 
ATOM   875  N N   . ALA A 1 108 ? 3.607   0.311   21.076  1.00 36.64 ? 420 ALA A N   1 
ATOM   876  C CA  . ALA A 1 108 ? 3.946   -0.134  22.421  1.00 35.03 ? 420 ALA A CA  1 
ATOM   877  C C   . ALA A 1 108 ? 2.702   -0.390  23.248  1.00 35.42 ? 420 ALA A C   1 
ATOM   878  O O   . ALA A 1 108 ? 2.793   -0.900  24.356  1.00 36.40 ? 420 ALA A O   1 
ATOM   879  C CB  . ALA A 1 108 ? 4.815   0.891   23.112  1.00 34.50 ? 420 ALA A CB  1 
ATOM   880  N N   . LEU A 1 109 ? 1.538   -0.045  22.710  1.00 35.99 ? 421 LEU A N   1 
ATOM   881  C CA  . LEU A 1 109 ? 0.276   -0.230  23.430  1.00 36.26 ? 421 LEU A CA  1 
ATOM   882  C C   . LEU A 1 109 ? -0.666  -1.260  22.778  1.00 37.41 ? 421 LEU A C   1 
ATOM   883  O O   . LEU A 1 109 ? -1.631  -1.719  23.397  1.00 36.89 ? 421 LEU A O   1 
ATOM   884  C CB  . LEU A 1 109 ? -0.461  1.119   23.552  1.00 33.74 ? 421 LEU A CB  1 
ATOM   885  C CG  . LEU A 1 109 ? 0.107   2.263   24.400  1.00 31.09 ? 421 LEU A CG  1 
ATOM   886  C CD1 . LEU A 1 109 ? -0.815  3.466   24.305  1.00 30.37 ? 421 LEU A CD1 1 
ATOM   887  C CD2 . LEU A 1 109 ? 0.234   1.826   25.834  1.00 30.47 ? 421 LEU A CD2 1 
ATOM   888  N N   . LEU A 1 110 ? -0.379  -1.622  21.531  1.00 38.36 ? 422 LEU A N   1 
ATOM   889  C CA  . LEU A 1 110 ? -1.217  -2.568  20.797  1.00 38.27 ? 422 LEU A CA  1 
ATOM   890  C C   . LEU A 1 110 ? -0.763  -4.025  20.937  1.00 38.20 ? 422 LEU A C   1 
ATOM   891  O O   . LEU A 1 110 ? 0.419   -4.308  21.120  1.00 38.33 ? 422 LEU A O   1 
ATOM   892  C CB  . LEU A 1 110 ? -1.242  -2.174  19.315  1.00 38.99 ? 422 LEU A CB  1 
ATOM   893  C CG  . LEU A 1 110 ? -1.931  -0.864  18.907  1.00 39.23 ? 422 LEU A CG  1 
ATOM   894  C CD1 . LEU A 1 110 ? -2.034  0.089   20.089  1.00 39.46 ? 422 LEU A CD1 1 
ATOM   895  C CD2 . LEU A 1 110 ? -1.146  -0.223  17.766  1.00 39.21 ? 422 LEU A CD2 1 
ATOM   896  N N   . PRO A 1 111 ? -1.708  -4.971  20.864  1.00 38.07 ? 423 PRO A N   1 
ATOM   897  C CA  . PRO A 1 111 ? -1.336  -6.382  20.983  1.00 38.36 ? 423 PRO A CA  1 
ATOM   898  C C   . PRO A 1 111 ? -0.400  -6.817  19.850  1.00 39.57 ? 423 PRO A C   1 
ATOM   899  O O   . PRO A 1 111 ? -0.325  -6.169  18.803  1.00 40.34 ? 423 PRO A O   1 
ATOM   900  C CB  . PRO A 1 111 ? -2.684  -7.103  20.912  1.00 36.94 ? 423 PRO A CB  1 
ATOM   901  C CG  . PRO A 1 111 ? -3.628  -6.115  21.486  1.00 36.55 ? 423 PRO A CG  1 
ATOM   902  C CD  . PRO A 1 111 ? -3.173  -4.817  20.859  1.00 37.36 ? 423 PRO A CD  1 
ATOM   903  N N   . TRP A 1 112 ? 0.312   -7.915  20.082  1.00 41.25 ? 424 TRP A N   1 
ATOM   904  C CA  . TRP A 1 112 ? 1.225   -8.502  19.108  1.00 42.43 ? 424 TRP A CA  1 
ATOM   905  C C   . TRP A 1 112 ? 1.415   -9.978  19.469  1.00 43.85 ? 424 TRP A C   1 
ATOM   906  O O   . TRP A 1 112 ? 1.412   -10.341 20.651  1.00 45.07 ? 424 TRP A O   1 
ATOM   907  C CB  . TRP A 1 112 ? 2.589   -7.816  19.118  1.00 41.72 ? 424 TRP A CB  1 
ATOM   908  C CG  . TRP A 1 112 ? 2.565   -6.364  18.825  1.00 43.84 ? 424 TRP A CG  1 
ATOM   909  C CD1 . TRP A 1 112 ? 2.694   -5.354  19.725  1.00 44.43 ? 424 TRP A CD1 1 
ATOM   910  C CD2 . TRP A 1 112 ? 2.415   -5.743  17.539  1.00 46.21 ? 424 TRP A CD2 1 
ATOM   911  N NE1 . TRP A 1 112 ? 2.635   -4.138  19.088  1.00 46.26 ? 424 TRP A NE1 1 
ATOM   912  C CE2 . TRP A 1 112 ? 2.465   -4.345  17.745  1.00 46.57 ? 424 TRP A CE2 1 
ATOM   913  C CE3 . TRP A 1 112 ? 2.242   -6.230  16.233  1.00 46.55 ? 424 TRP A CE3 1 
ATOM   914  C CZ2 . TRP A 1 112 ? 2.351   -3.425  16.693  1.00 46.49 ? 424 TRP A CZ2 1 
ATOM   915  C CZ3 . TRP A 1 112 ? 2.128   -5.313  15.186  1.00 46.34 ? 424 TRP A CZ3 1 
ATOM   916  C CH2 . TRP A 1 112 ? 2.183   -3.928  15.427  1.00 46.61 ? 424 TRP A CH2 1 
ATOM   917  N N   . PRO A 1 113 ? 1.561   -10.850 18.454  1.00 44.05 ? 425 PRO A N   1 
ATOM   918  C CA  . PRO A 1 113 ? 1.540   -10.437 17.047  1.00 43.76 ? 425 PRO A CA  1 
ATOM   919  C C   . PRO A 1 113 ? 0.152   -9.962  16.638  1.00 42.05 ? 425 PRO A C   1 
ATOM   920  O O   . PRO A 1 113 ? -0.830  -10.231 17.327  1.00 41.85 ? 425 PRO A O   1 
ATOM   921  C CB  . PRO A 1 113 ? 1.973   -11.706 16.309  1.00 43.88 ? 425 PRO A CB  1 
ATOM   922  C CG  . PRO A 1 113 ? 1.430   -12.789 17.184  1.00 43.71 ? 425 PRO A CG  1 
ATOM   923  C CD  . PRO A 1 113 ? 1.812   -12.298 18.563  1.00 43.29 ? 425 PRO A CD  1 
ATOM   924  N N   . PHE A 1 114 ? 0.093   -9.230  15.532  1.00 40.88 ? 426 PHE A N   1 
ATOM   925  C CA  . PHE A 1 114 ? -1.155  -8.706  14.980  1.00 40.15 ? 426 PHE A CA  1 
ATOM   926  C C   . PHE A 1 114 ? -2.046  -9.912  14.652  1.00 39.63 ? 426 PHE A C   1 
ATOM   927  O O   . PHE A 1 114 ? -1.590  -10.863 14.017  1.00 39.90 ? 426 PHE A O   1 
ATOM   928  C CB  . PHE A 1 114 ? -0.809  -7.886  13.726  1.00 38.93 ? 426 PHE A CB  1 
ATOM   929  C CG  . PHE A 1 114 ? -1.993  -7.388  12.950  1.00 38.25 ? 426 PHE A CG  1 
ATOM   930  C CD1 . PHE A 1 114 ? -2.613  -8.200  12.000  1.00 37.76 ? 426 PHE A CD1 1 
ATOM   931  C CD2 . PHE A 1 114 ? -2.454  -6.080  13.126  1.00 37.64 ? 426 PHE A CD2 1 
ATOM   932  C CE1 . PHE A 1 114 ? -3.666  -7.719  11.232  1.00 37.73 ? 426 PHE A CE1 1 
ATOM   933  C CE2 . PHE A 1 114 ? -3.508  -5.584  12.365  1.00 36.62 ? 426 PHE A CE2 1 
ATOM   934  C CZ  . PHE A 1 114 ? -4.115  -6.404  11.415  1.00 38.83 ? 426 PHE A CZ  1 
ATOM   935  N N   . LYS A 1 115 ? -3.302  -9.891  15.087  1.00 37.90 ? 427 LYS A N   1 
ATOM   936  C CA  . LYS A 1 115 ? -4.170  -11.029 14.819  1.00 37.84 ? 427 LYS A CA  1 
ATOM   937  C C   . LYS A 1 115 ? -5.531  -10.703 14.202  1.00 36.94 ? 427 LYS A C   1 
ATOM   938  O O   . LYS A 1 115 ? -6.391  -11.574 14.122  1.00 36.51 ? 427 LYS A O   1 
ATOM   939  C CB  . LYS A 1 115 ? -4.380  -11.823 16.109  1.00 39.03 ? 427 LYS A CB  1 
ATOM   940  C CG  . LYS A 1 115 ? -5.626  -11.444 16.909  1.00 43.50 ? 427 LYS A CG  1 
ATOM   941  C CD  . LYS A 1 115 ? -5.693  -9.964  17.297  1.00 47.30 ? 427 LYS A CD  1 
ATOM   942  C CE  . LYS A 1 115 ? -4.623  -9.590  18.300  1.00 49.73 ? 427 LYS A CE  1 
ATOM   943  N NZ  . LYS A 1 115 ? -3.265  -9.765  17.728  1.00 52.72 ? 427 LYS A NZ  1 
ATOM   944  N N   . GLN A 1 116 ? -5.728  -9.467  13.751  1.00 36.59 ? 428 GLN A N   1 
ATOM   945  C CA  . GLN A 1 116 ? -7.016  -9.087  13.183  1.00 36.07 ? 428 GLN A CA  1 
ATOM   946  C C   . GLN A 1 116 ? -7.266  -9.765  11.852  1.00 35.98 ? 428 GLN A C   1 
ATOM   947  O O   . GLN A 1 116 ? -6.339  -10.017 11.085  1.00 36.29 ? 428 GLN A O   1 
ATOM   948  C CB  . GLN A 1 116 ? -7.109  -7.571  12.996  1.00 36.15 ? 428 GLN A CB  1 
ATOM   949  C CG  . GLN A 1 116 ? -6.670  -6.760  14.197  1.00 37.29 ? 428 GLN A CG  1 
ATOM   950  C CD  . GLN A 1 116 ? -7.439  -7.082  15.462  1.00 38.18 ? 428 GLN A CD  1 
ATOM   951  O OE1 . GLN A 1 116 ? -6.882  -7.020  16.561  1.00 41.01 ? 428 GLN A OE1 1 
ATOM   952  N NE2 . GLN A 1 116 ? -8.717  -7.411  15.324  1.00 37.28 ? 428 GLN A NE2 1 
ATOM   953  N N   . LYS A 1 117 ? -8.534  -10.050 11.581  1.00 36.32 ? 429 LYS A N   1 
ATOM   954  C CA  . LYS A 1 117 ? -8.923  -10.691 10.332  1.00 35.68 ? 429 LYS A CA  1 
ATOM   955  C C   . LYS A 1 117 ? -8.787  -9.678  9.216   1.00 35.15 ? 429 LYS A C   1 
ATOM   956  O O   . LYS A 1 117 ? -9.230  -8.545  9.340   1.00 34.56 ? 429 LYS A O   1 
ATOM   957  C CB  . LYS A 1 117 ? -10.373 -11.172 10.402  1.00 35.38 ? 429 LYS A CB  1 
ATOM   958  C CG  . LYS A 1 117 ? -10.844 -11.842 9.138   1.00 34.07 ? 429 LYS A CG  1 
ATOM   959  C CD  . LYS A 1 117 ? -12.350 -11.985 9.116   1.00 34.48 ? 429 LYS A CD  1 
ATOM   960  C CE  . LYS A 1 117 ? -12.815 -12.566 7.790   1.00 35.25 ? 429 LYS A CE  1 
ATOM   961  N NZ  . LYS A 1 117 ? -14.296 -12.691 7.731   1.00 37.74 ? 429 LYS A NZ  1 
ATOM   962  N N   . VAL A 1 118 ? -8.176  -10.090 8.121   1.00 35.21 ? 430 VAL A N   1 
ATOM   963  C CA  . VAL A 1 118 ? -7.995  -9.192  6.999   1.00 35.51 ? 430 VAL A CA  1 
ATOM   964  C C   . VAL A 1 118 ? -8.702  -9.680  5.759   1.00 35.05 ? 430 VAL A C   1 
ATOM   965  O O   . VAL A 1 118 ? -8.510  -10.809 5.340   1.00 35.58 ? 430 VAL A O   1 
ATOM   966  C CB  . VAL A 1 118 ? -6.515  -9.044  6.636   1.00 36.40 ? 430 VAL A CB  1 
ATOM   967  C CG1 . VAL A 1 118 ? -6.383  -8.281  5.327   1.00 36.99 ? 430 VAL A CG1 1 
ATOM   968  C CG2 . VAL A 1 118 ? -5.768  -8.338  7.758   1.00 37.17 ? 430 VAL A CG2 1 
ATOM   969  N N   . THR A 1 119 ? -9.525  -8.832  5.168   1.00 34.20 ? 431 THR A N   1 
ATOM   970  C CA  . THR A 1 119 ? -10.199 -9.213  3.942   1.00 33.18 ? 431 THR A CA  1 
ATOM   971  C C   . THR A 1 119 ? -9.628  -8.390  2.800   1.00 32.73 ? 431 THR A C   1 
ATOM   972  O O   . THR A 1 119 ? -9.697  -7.163  2.808   1.00 34.04 ? 431 THR A O   1 
ATOM   973  C CB  . THR A 1 119 ? -11.716 -8.985  4.005   1.00 32.59 ? 431 THR A CB  1 
ATOM   974  O OG1 . THR A 1 119 ? -12.315 -9.989  4.830   1.00 30.91 ? 431 THR A OG1 1 
ATOM   975  C CG2 . THR A 1 119 ? -12.317 -9.050  2.607   1.00 30.52 ? 431 THR A CG2 1 
ATOM   976  N N   . LEU A 1 120 ? -9.041  -9.076  1.833   1.00 30.99 ? 432 LEU A N   1 
ATOM   977  C CA  . LEU A 1 120 ? -8.475  -8.422  0.682   1.00 30.68 ? 432 LEU A CA  1 
ATOM   978  C C   . LEU A 1 120 ? -9.505  -8.511  -0.424  1.00 31.65 ? 432 LEU A C   1 
ATOM   979  O O   . LEU A 1 120 ? -10.263 -9.471  -0.465  1.00 33.18 ? 432 LEU A O   1 
ATOM   980  C CB  . LEU A 1 120 ? -7.204  -9.141  0.276   1.00 29.54 ? 432 LEU A CB  1 
ATOM   981  C CG  . LEU A 1 120 ? -6.029  -8.856  1.206   1.00 30.66 ? 432 LEU A CG  1 
ATOM   982  C CD1 . LEU A 1 120 ? -4.865  -9.775  0.854   1.00 30.81 ? 432 LEU A CD1 1 
ATOM   983  C CD2 . LEU A 1 120 ? -5.622  -7.381  1.077   1.00 30.05 ? 432 LEU A CD2 1 
ATOM   984  N N   . MET A 1 121 ? -9.569  -7.514  -1.305  1.00 31.24 ? 433 MET A N   1 
ATOM   985  C CA  . MET A 1 121 ? -10.530 -7.581  -2.401  1.00 31.42 ? 433 MET A CA  1 
ATOM   986  C C   . MET A 1 121 ? -10.440 -6.505  -3.470  1.00 31.01 ? 433 MET A C   1 
ATOM   987  O O   . MET A 1 121 ? -9.974  -5.395  -3.226  1.00 30.91 ? 433 MET A O   1 
ATOM   988  C CB  . MET A 1 121 ? -11.970 -7.679  -1.859  1.00 31.33 ? 433 MET A CB  1 
ATOM   989  C CG  . MET A 1 121 ? -12.523 -6.485  -1.126  1.00 30.73 ? 433 MET A CG  1 
ATOM   990  S SD  . MET A 1 121 ? -14.021 -6.978  -0.208  1.00 31.69 ? 433 MET A SD  1 
ATOM   991  C CE  . MET A 1 121 ? -15.279 -6.758  -1.423  1.00 27.66 ? 433 MET A CE  1 
ATOM   992  N N   . LEU A 1 122 ? -10.867 -6.879  -4.673  1.00 31.05 ? 434 LEU A N   1 
ATOM   993  C CA  . LEU A 1 122 ? -10.869 -5.996  -5.829  1.00 32.37 ? 434 LEU A CA  1 
ATOM   994  C C   . LEU A 1 122 ? -12.316 -5.700  -6.231  1.00 33.27 ? 434 LEU A C   1 
ATOM   995  O O   . LEU A 1 122 ? -13.096 -6.616  -6.502  1.00 33.03 ? 434 LEU A O   1 
ATOM   996  C CB  . LEU A 1 122 ? -10.134 -6.664  -6.990  1.00 33.23 ? 434 LEU A CB  1 
ATOM   997  C CG  . LEU A 1 122 ? -10.163 -5.968  -8.356  1.00 34.57 ? 434 LEU A CG  1 
ATOM   998  C CD1 . LEU A 1 122 ? -9.287  -4.726  -8.359  1.00 35.19 ? 434 LEU A CD1 1 
ATOM   999  C CD2 . LEU A 1 122 ? -9.674  -6.944  -9.394  1.00 35.03 ? 434 LEU A CD2 1 
ATOM   1000 N N   . MET A 1 123 ? -12.670 -4.418  -6.270  1.00 33.22 ? 435 MET A N   1 
ATOM   1001 C CA  . MET A 1 123 ? -14.024 -4.014  -6.616  1.00 32.52 ? 435 MET A CA  1 
ATOM   1002 C C   . MET A 1 123 ? -14.374 -4.229  -8.071  1.00 31.98 ? 435 MET A C   1 
ATOM   1003 O O   . MET A 1 123 ? -13.536 -4.100  -8.955  1.00 30.72 ? 435 MET A O   1 
ATOM   1004 C CB  . MET A 1 123 ? -14.249 -2.541  -6.281  1.00 33.89 ? 435 MET A CB  1 
ATOM   1005 C CG  . MET A 1 123 ? -13.944 -2.166  -4.847  1.00 33.17 ? 435 MET A CG  1 
ATOM   1006 S SD  . MET A 1 123 ? -14.579 -3.370  -3.710  1.00 34.04 ? 435 MET A SD  1 
ATOM   1007 C CE  . MET A 1 123 ? -16.132 -2.685  -3.295  1.00 32.41 ? 435 MET A CE  1 
ATOM   1008 N N   . ASP A 1 124 ? -15.640 -4.545  -8.299  1.00 32.65 ? 436 ASP A N   1 
ATOM   1009 C CA  . ASP A 1 124 ? -16.171 -4.761  -9.638  1.00 33.39 ? 436 ASP A CA  1 
ATOM   1010 C C   . ASP A 1 124 ? -16.939 -3.513  -10.040 1.00 33.72 ? 436 ASP A C   1 
ATOM   1011 O O   . ASP A 1 124 ? -18.069 -3.310  -9.617  1.00 33.72 ? 436 ASP A O   1 
ATOM   1012 C CB  . ASP A 1 124 ? -17.110 -5.978  -9.643  1.00 32.68 ? 436 ASP A CB  1 
ATOM   1013 C CG  . ASP A 1 124 ? -17.818 -6.172  -10.973 1.00 32.27 ? 436 ASP A CG  1 
ATOM   1014 O OD1 . ASP A 1 124 ? -17.324 -5.664  -12.009 1.00 30.57 ? 436 ASP A OD1 1 
ATOM   1015 O OD2 . ASP A 1 124 ? -18.864 -6.855  -10.973 1.00 31.21 ? 436 ASP A OD2 1 
ATOM   1016 N N   . GLN A 1 125 ? -16.316 -2.666  -10.843 1.00 34.92 ? 437 GLN A N   1 
ATOM   1017 C CA  . GLN A 1 125 ? -16.966 -1.447  -11.285 1.00 36.59 ? 437 GLN A CA  1 
ATOM   1018 C C   . GLN A 1 125 ? -18.129 -1.730  -12.243 1.00 39.79 ? 437 GLN A C   1 
ATOM   1019 O O   . GLN A 1 125 ? -18.736 -0.811  -12.793 1.00 40.52 ? 437 GLN A O   1 
ATOM   1020 C CB  . GLN A 1 125 ? -15.942 -0.536  -11.947 1.00 33.63 ? 437 GLN A CB  1 
ATOM   1021 C CG  . GLN A 1 125 ? -14.810 -0.191  -11.034 1.00 31.00 ? 437 GLN A CG  1 
ATOM   1022 C CD  . GLN A 1 125 ? -13.892 0.827   -11.634 1.00 33.00 ? 437 GLN A CD  1 
ATOM   1023 O OE1 . GLN A 1 125 ? -14.291 1.963   -11.881 1.00 35.27 ? 437 GLN A OE1 1 
ATOM   1024 N NE2 . GLN A 1 125 ? -12.650 0.431   -11.889 1.00 32.67 ? 437 GLN A NE2 1 
ATOM   1025 N N   . GLY A 1 126 ? -18.437 -3.008  -12.441 1.00 42.67 ? 438 GLY A N   1 
ATOM   1026 C CA  . GLY A 1 126 ? -19.536 -3.372  -13.315 1.00 44.70 ? 438 GLY A CA  1 
ATOM   1027 C C   . GLY A 1 126 ? -20.842 -3.086  -12.607 1.00 46.50 ? 438 GLY A C   1 
ATOM   1028 O O   . GLY A 1 126 ? -20.844 -2.582  -11.486 1.00 46.27 ? 438 GLY A O   1 
ATOM   1029 N N   . SER A 1 127 ? -21.958 -3.415  -13.244 1.00 48.05 ? 439 SER A N   1 
ATOM   1030 C CA  . SER A 1 127 ? -23.255 -3.155  -12.645 1.00 50.23 ? 439 SER A CA  1 
ATOM   1031 C C   . SER A 1 127 ? -23.729 -4.249  -11.692 1.00 50.76 ? 439 SER A C   1 
ATOM   1032 O O   . SER A 1 127 ? -24.613 -4.018  -10.873 1.00 51.12 ? 439 SER A O   1 
ATOM   1033 C CB  . SER A 1 127 ? -24.289 -2.927  -13.738 1.00 50.24 ? 439 SER A CB  1 
ATOM   1034 O OG  . SER A 1 127 ? -24.276 -4.010  -14.650 1.00 53.78 ? 439 SER A OG  1 
ATOM   1035 N N   . SER A 1 128 ? -23.155 -5.443  -11.789 1.00 52.39 ? 440 SER A N   1 
ATOM   1036 C CA  . SER A 1 128 ? -23.556 -6.518  -10.884 1.00 53.51 ? 440 SER A CA  1 
ATOM   1037 C C   . SER A 1 128 ? -22.752 -6.466  -9.585  1.00 54.14 ? 440 SER A C   1 
ATOM   1038 O O   . SER A 1 128 ? -23.054 -7.178  -8.628  1.00 53.96 ? 440 SER A O   1 
ATOM   1039 C CB  . SER A 1 128 ? -23.374 -7.886  -11.545 1.00 53.63 ? 440 SER A CB  1 
ATOM   1040 O OG  . SER A 1 128 ? -24.365 -8.104  -12.532 1.00 55.16 ? 440 SER A OG  1 
ATOM   1041 N N   . ARG A 1 129 ? -21.726 -5.620  -9.562  1.00 54.77 ? 441 ARG A N   1 
ATOM   1042 C CA  . ARG A 1 129 ? -20.884 -5.471  -8.382  1.00 55.23 ? 441 ARG A CA  1 
ATOM   1043 C C   . ARG A 1 129 ? -20.366 -6.816  -7.866  1.00 54.55 ? 441 ARG A C   1 
ATOM   1044 O O   . ARG A 1 129 ? -20.500 -7.117  -6.683  1.00 54.77 ? 441 ARG A O   1 
ATOM   1045 C CB  . ARG A 1 129 ? -21.666 -4.769  -7.263  1.00 55.97 ? 441 ARG A CB  1 
ATOM   1046 C CG  . ARG A 1 129 ? -22.142 -3.360  -7.594  1.00 57.14 ? 441 ARG A CG  1 
ATOM   1047 C CD  . ARG A 1 129 ? -20.981 -2.373  -7.763  1.00 58.37 ? 441 ARG A CD  1 
ATOM   1048 N NE  . ARG A 1 129 ? -21.464 -1.059  -8.190  1.00 59.66 ? 441 ARG A NE  1 
ATOM   1049 C CZ  . ARG A 1 129 ? -20.688 -0.026  -8.508  1.00 59.88 ? 441 ARG A CZ  1 
ATOM   1050 N NH1 . ARG A 1 129 ? -19.364 -0.134  -8.452  1.00 59.45 ? 441 ARG A NH1 1 
ATOM   1051 N NH2 . ARG A 1 129 ? -21.245 1.118   -8.894  1.00 59.35 ? 441 ARG A NH2 1 
ATOM   1052 N N   . ARG A 1 130 ? -19.782 -7.629  -8.740  1.00 53.37 ? 442 ARG A N   1 
ATOM   1053 C CA  . ARG A 1 130 ? -19.253 -8.920  -8.306  1.00 51.83 ? 442 ARG A CA  1 
ATOM   1054 C C   . ARG A 1 130 ? -17.818 -8.708  -7.840  1.00 49.73 ? 442 ARG A C   1 
ATOM   1055 O O   . ARG A 1 130 ? -16.869 -8.966  -8.584  1.00 50.55 ? 442 ARG A O   1 
ATOM   1056 C CB  . ARG A 1 130 ? -19.271 -9.931  -9.454  1.00 54.37 ? 442 ARG A CB  1 
ATOM   1057 C CG  . ARG A 1 130 ? -18.961 -11.364 -9.032  1.00 56.73 ? 442 ARG A CG  1 
ATOM   1058 C CD  . ARG A 1 130 ? -20.178 -12.067 -8.429  1.00 60.46 ? 442 ARG A CD  1 
ATOM   1059 N NE  . ARG A 1 130 ? -21.230 -12.350 -9.418  1.00 63.70 ? 442 ARG A NE  1 
ATOM   1060 C CZ  . ARG A 1 130 ? -22.170 -11.487 -9.810  1.00 64.38 ? 442 ARG A CZ  1 
ATOM   1061 N NH1 . ARG A 1 130 ? -22.216 -10.259 -9.304  1.00 64.68 ? 442 ARG A NH1 1 
ATOM   1062 N NH2 . ARG A 1 130 ? -23.073 -11.853 -10.711 1.00 64.88 ? 442 ARG A NH2 1 
ATOM   1063 N N   . HIS A 1 131 ? -17.665 -8.227  -6.611  1.00 46.28 ? 443 HIS A N   1 
ATOM   1064 C CA  . HIS A 1 131 ? -16.351 -7.963  -6.046  1.00 42.73 ? 443 HIS A CA  1 
ATOM   1065 C C   . HIS A 1 131 ? -15.575 -9.232  -5.749  1.00 40.67 ? 443 HIS A C   1 
ATOM   1066 O O   . HIS A 1 131 ? -16.100 -10.153 -5.129  1.00 39.19 ? 443 HIS A O   1 
ATOM   1067 C CB  . HIS A 1 131 ? -16.481 -7.181  -4.746  1.00 42.98 ? 443 HIS A CB  1 
ATOM   1068 C CG  . HIS A 1 131 ? -17.409 -6.015  -4.832  1.00 44.44 ? 443 HIS A CG  1 
ATOM   1069 N ND1 . HIS A 1 131 ? -17.496 -5.217  -5.953  1.00 45.31 ? 443 HIS A ND1 1 
ATOM   1070 C CD2 . HIS A 1 131 ? -18.268 -5.494  -3.927  1.00 44.62 ? 443 HIS A CD2 1 
ATOM   1071 C CE1 . HIS A 1 131 ? -18.374 -4.254  -5.733  1.00 45.83 ? 443 HIS A CE1 1 
ATOM   1072 N NE2 . HIS A 1 131 ? -18.856 -4.399  -4.511  1.00 46.23 ? 443 HIS A NE2 1 
ATOM   1073 N N   . LEU A 1 132 ? -14.317 -9.261  -6.179  1.00 38.02 ? 444 LEU A N   1 
ATOM   1074 C CA  . LEU A 1 132 ? -13.431 -10.401 -5.944  1.00 36.34 ? 444 LEU A CA  1 
ATOM   1075 C C   . LEU A 1 132 ? -12.719 -10.246 -4.603  1.00 35.08 ? 444 LEU A C   1 
ATOM   1076 O O   . LEU A 1 132 ? -12.038 -9.242  -4.387  1.00 35.61 ? 444 LEU A O   1 
ATOM   1077 C CB  . LEU A 1 132 ? -12.361 -10.460 -7.022  1.00 36.07 ? 444 LEU A CB  1 
ATOM   1078 C CG  . LEU A 1 132 ? -12.804 -10.774 -8.429  1.00 35.42 ? 444 LEU A CG  1 
ATOM   1079 C CD1 . LEU A 1 132 ? -11.626 -10.566 -9.363  1.00 35.54 ? 444 LEU A CD1 1 
ATOM   1080 C CD2 . LEU A 1 132 ? -13.321 -12.197 -8.480  1.00 33.91 ? 444 LEU A CD2 1 
ATOM   1081 N N   . GLY A 1 133 ? -12.830 -11.224 -3.713  1.00 32.30 ? 445 GLY A N   1 
ATOM   1082 C CA  . GLY A 1 133 ? -12.139 -11.059 -2.445  1.00 30.81 ? 445 GLY A CA  1 
ATOM   1083 C C   . GLY A 1 133 ? -11.781 -12.290 -1.638  1.00 29.36 ? 445 GLY A C   1 
ATOM   1084 O O   . GLY A 1 133 ? -12.412 -13.331 -1.761  1.00 28.51 ? 445 GLY A O   1 
ATOM   1085 N N   . ASP A 1 134 ? -10.753 -12.165 -0.809  1.00 28.55 ? 446 ASP A N   1 
ATOM   1086 C CA  . ASP A 1 134 ? -10.343 -13.263 0.047   1.00 29.58 ? 446 ASP A CA  1 
ATOM   1087 C C   . ASP A 1 134 ? -10.138 -12.754 1.466   1.00 30.38 ? 446 ASP A C   1 
ATOM   1088 O O   . ASP A 1 134 ? -9.894  -11.571 1.672   1.00 30.88 ? 446 ASP A O   1 
ATOM   1089 C CB  . ASP A 1 134 ? -9.051  -13.880 -0.455  1.00 30.44 ? 446 ASP A CB  1 
ATOM   1090 C CG  . ASP A 1 134 ? -8.924  -15.330 -0.065  1.00 31.24 ? 446 ASP A CG  1 
ATOM   1091 O OD1 . ASP A 1 134 ? -9.724  -15.790 0.777   1.00 28.26 ? 446 ASP A OD1 1 
ATOM   1092 O OD2 . ASP A 1 134 ? -8.025  -16.008 -0.601  1.00 32.92 ? 446 ASP A OD2 1 
ATOM   1093 N N   . ALA A 1 135 ? -10.226 -13.648 2.442   1.00 32.33 ? 447 ALA A N   1 
ATOM   1094 C CA  . ALA A 1 135 ? -10.054 -13.274 3.844   1.00 33.81 ? 447 ALA A CA  1 
ATOM   1095 C C   . ALA A 1 135 ? -9.176  -14.272 4.582   1.00 35.95 ? 447 ALA A C   1 
ATOM   1096 O O   . ALA A 1 135 ? -9.523  -15.450 4.700   1.00 37.71 ? 447 ALA A O   1 
ATOM   1097 C CB  . ALA A 1 135 ? -11.408 -13.180 4.534   1.00 32.05 ? 447 ALA A CB  1 
ATOM   1098 N N   . PHE A 1 136 ? -8.039  -13.799 5.080   1.00 38.36 ? 448 PHE A N   1 
ATOM   1099 C CA  . PHE A 1 136 ? -7.123  -14.653 5.824   1.00 39.60 ? 448 PHE A CA  1 
ATOM   1100 C C   . PHE A 1 136 ? -7.098  -14.284 7.308   1.00 40.42 ? 448 PHE A C   1 
ATOM   1101 O O   . PHE A 1 136 ? -7.719  -13.315 7.733   1.00 40.41 ? 448 PHE A O   1 
ATOM   1102 C CB  . PHE A 1 136 ? -5.714  -14.571 5.223   1.00 39.11 ? 448 PHE A CB  1 
ATOM   1103 C CG  . PHE A 1 136 ? -5.128  -13.181 5.194   1.00 39.14 ? 448 PHE A CG  1 
ATOM   1104 C CD1 . PHE A 1 136 ? -4.801  -12.515 6.373   1.00 39.88 ? 448 PHE A CD1 1 
ATOM   1105 C CD2 . PHE A 1 136 ? -4.826  -12.567 3.983   1.00 39.14 ? 448 PHE A CD2 1 
ATOM   1106 C CE1 . PHE A 1 136 ? -4.172  -11.267 6.345   1.00 39.65 ? 448 PHE A CE1 1 
ATOM   1107 C CE2 . PHE A 1 136 ? -4.198  -11.317 3.944   1.00 38.88 ? 448 PHE A CE2 1 
ATOM   1108 C CZ  . PHE A 1 136 ? -3.871  -10.670 5.126   1.00 39.26 ? 448 PHE A CZ  1 
ATOM   1109 N N   . LYS A 1 137 ? -6.387  -15.078 8.095   1.00 41.78 ? 449 LYS A N   1 
ATOM   1110 C CA  . LYS A 1 137 ? -6.262  -14.848 9.527   1.00 43.00 ? 449 LYS A CA  1 
ATOM   1111 C C   . LYS A 1 137 ? -4.761  -14.830 9.788   1.00 43.37 ? 449 LYS A C   1 
ATOM   1112 O O   . LYS A 1 137 ? -4.089  -15.853 9.660   1.00 44.63 ? 449 LYS A O   1 
ATOM   1113 C CB  . LYS A 1 137 ? -6.907  -15.995 10.295  1.00 44.16 ? 449 LYS A CB  1 
ATOM   1114 C CG  . LYS A 1 137 ? -6.991  -15.783 11.792  1.00 46.27 ? 449 LYS A CG  1 
ATOM   1115 C CD  . LYS A 1 137 ? -8.050  -14.754 12.147  1.00 47.65 ? 449 LYS A CD  1 
ATOM   1116 C CE  . LYS A 1 137 ? -8.384  -14.821 13.623  1.00 46.51 ? 449 LYS A CE  1 
ATOM   1117 N NZ  . LYS A 1 137 ? -7.155  -14.643 14.440  1.00 47.94 ? 449 LYS A NZ  1 
ATOM   1118 N N   . PRO A 1 138 ? -4.217  -13.670 10.171  1.00 43.15 ? 450 PRO A N   1 
ATOM   1119 C CA  . PRO A 1 138 ? -2.783  -13.531 10.435  1.00 43.53 ? 450 PRO A CA  1 
ATOM   1120 C C   . PRO A 1 138 ? -2.111  -14.788 10.994  1.00 44.11 ? 450 PRO A C   1 
ATOM   1121 O O   . PRO A 1 138 ? -2.696  -15.505 11.798  1.00 43.94 ? 450 PRO A O   1 
ATOM   1122 C CB  . PRO A 1 138 ? -2.736  -12.359 11.404  1.00 42.86 ? 450 PRO A CB  1 
ATOM   1123 C CG  . PRO A 1 138 ? -3.878  -11.518 10.942  1.00 41.51 ? 450 PRO A CG  1 
ATOM   1124 C CD  . PRO A 1 138 ? -4.961  -12.535 10.743  1.00 42.05 ? 450 PRO A CD  1 
ATOM   1125 N N   . ASP A 1 139 ? -0.887  -15.054 10.549  1.00 45.22 ? 451 ASP A N   1 
ATOM   1126 C CA  . ASP A 1 139 ? -0.131  -16.214 11.024  1.00 47.35 ? 451 ASP A CA  1 
ATOM   1127 C C   . ASP A 1 139 ? 0.741   -15.779 12.211  1.00 47.04 ? 451 ASP A C   1 
ATOM   1128 O O   . ASP A 1 139 ? 1.821   -15.210 12.016  1.00 45.73 ? 451 ASP A O   1 
ATOM   1129 C CB  . ASP A 1 139 ? 0.770   -16.764 9.899   1.00 50.42 ? 451 ASP A CB  1 
ATOM   1130 C CG  . ASP A 1 139 ? 1.534   -18.043 10.303  1.00 52.49 ? 451 ASP A CG  1 
ATOM   1131 O OD1 . ASP A 1 139 ? 2.484   -18.426 9.575   1.00 51.35 ? 451 ASP A OD1 1 
ATOM   1132 O OD2 . ASP A 1 139 ? 1.184   -18.670 11.331  1.00 52.25 ? 451 ASP A OD2 1 
ATOM   1133 N N   . PRO A 1 140 ? 0.283   -16.041 13.452  1.00 46.46 ? 452 PRO A N   1 
ATOM   1134 C CA  . PRO A 1 140 ? 1.037   -15.670 14.652  1.00 47.06 ? 452 PRO A CA  1 
ATOM   1135 C C   . PRO A 1 140 ? 2.557   -15.862 14.518  1.00 48.08 ? 452 PRO A C   1 
ATOM   1136 O O   . PRO A 1 140 ? 3.340   -14.993 14.897  1.00 48.58 ? 452 PRO A O   1 
ATOM   1137 C CB  . PRO A 1 140 ? 0.428   -16.573 15.719  1.00 45.13 ? 452 PRO A CB  1 
ATOM   1138 C CG  . PRO A 1 140 ? -0.993  -16.616 15.325  1.00 44.51 ? 452 PRO A CG  1 
ATOM   1139 C CD  . PRO A 1 140 ? -0.927  -16.799 13.820  1.00 46.55 ? 452 PRO A CD  1 
ATOM   1140 N N   . ASN A 1 141 ? 2.971   -16.994 13.962  1.00 48.74 ? 453 ASN A N   1 
ATOM   1141 C CA  . ASN A 1 141 ? 4.390   -17.288 13.814  1.00 49.36 ? 453 ASN A CA  1 
ATOM   1142 C C   . ASN A 1 141 ? 5.053   -16.544 12.669  1.00 49.17 ? 453 ASN A C   1 
ATOM   1143 O O   . ASN A 1 141 ? 6.283   -16.561 12.544  1.00 48.91 ? 453 ASN A O   1 
ATOM   1144 C CB  . ASN A 1 141 ? 4.592   -18.789 13.618  1.00 50.29 ? 453 ASN A CB  1 
ATOM   1145 C CG  . ASN A 1 141 ? 3.914   -19.608 14.693  1.00 51.41 ? 453 ASN A CG  1 
ATOM   1146 O OD1 . ASN A 1 141 ? 2.784   -20.083 14.517  1.00 50.94 ? 453 ASN A OD1 1 
ATOM   1147 N ND2 . ASN A 1 141 ? 4.593   -19.764 15.826  1.00 51.53 ? 453 ASN A ND2 1 
ATOM   1148 N N   . SER A 1 142 ? 4.249   -15.893 11.832  1.00 49.14 ? 454 SER A N   1 
ATOM   1149 C CA  . SER A 1 142 ? 4.793   -15.163 10.691  1.00 48.86 ? 454 SER A CA  1 
ATOM   1150 C C   . SER A 1 142 ? 5.399   -13.832 11.099  1.00 47.66 ? 454 SER A C   1 
ATOM   1151 O O   . SER A 1 142 ? 4.871   -13.133 11.961  1.00 47.28 ? 454 SER A O   1 
ATOM   1152 C CB  . SER A 1 142 ? 3.713   -14.930 9.640   1.00 49.86 ? 454 SER A CB  1 
ATOM   1153 O OG  . SER A 1 142 ? 4.262   -14.255 8.522   1.00 51.55 ? 454 SER A OG  1 
ATOM   1154 N N   . SER A 1 143 ? 6.513   -13.488 10.468  1.00 46.46 ? 455 SER A N   1 
ATOM   1155 C CA  . SER A 1 143 ? 7.217   -12.248 10.763  1.00 45.48 ? 455 SER A CA  1 
ATOM   1156 C C   . SER A 1 143 ? 6.513   -11.011 10.212  1.00 45.24 ? 455 SER A C   1 
ATOM   1157 O O   . SER A 1 143 ? 6.949   -9.884  10.451  1.00 44.41 ? 455 SER A O   1 
ATOM   1158 C CB  . SER A 1 143 ? 8.611   -12.324 10.178  1.00 45.51 ? 455 SER A CB  1 
ATOM   1159 O OG  . SER A 1 143 ? 8.522   -12.657 8.804   1.00 46.26 ? 455 SER A OG  1 
ATOM   1160 N N   . SER A 1 144 ? 5.435   -11.226 9.463   1.00 45.11 ? 456 SER A N   1 
ATOM   1161 C CA  . SER A 1 144 ? 4.674   -10.126 8.873   1.00 44.76 ? 456 SER A CA  1 
ATOM   1162 C C   . SER A 1 144 ? 3.669   -9.523  9.843   1.00 44.13 ? 456 SER A C   1 
ATOM   1163 O O   . SER A 1 144 ? 3.182   -8.411  9.628   1.00 42.64 ? 456 SER A O   1 
ATOM   1164 C CB  . SER A 1 144 ? 3.928   -10.608 7.626   1.00 44.97 ? 456 SER A CB  1 
ATOM   1165 O OG  . SER A 1 144 ? 4.831   -10.996 6.606   1.00 45.87 ? 456 SER A OG  1 
ATOM   1166 N N   . PHE A 1 145 ? 3.374   -10.254 10.913  1.00 44.10 ? 457 PHE A N   1 
ATOM   1167 C CA  . PHE A 1 145 ? 2.402   -9.805  11.903  1.00 44.56 ? 457 PHE A CA  1 
ATOM   1168 C C   . PHE A 1 145 ? 2.941   -9.626  13.326  1.00 43.62 ? 457 PHE A C   1 
ATOM   1169 O O   . PHE A 1 145 ? 2.188   -9.635  14.297  1.00 42.23 ? 457 PHE A O   1 
ATOM   1170 C CB  . PHE A 1 145 ? 1.220   -10.771 11.889  1.00 46.26 ? 457 PHE A CB  1 
ATOM   1171 C CG  . PHE A 1 145 ? 0.619   -10.951 10.521  1.00 47.94 ? 457 PHE A CG  1 
ATOM   1172 C CD1 . PHE A 1 145 ? 0.018   -9.880  9.866   1.00 48.50 ? 457 PHE A CD1 1 
ATOM   1173 C CD2 . PHE A 1 145 ? 0.704   -12.173 9.863   1.00 48.24 ? 457 PHE A CD2 1 
ATOM   1174 C CE1 . PHE A 1 145 ? -0.490  -10.022 8.567   1.00 49.30 ? 457 PHE A CE1 1 
ATOM   1175 C CE2 . PHE A 1 145 ? 0.202   -12.325 8.567   1.00 49.79 ? 457 PHE A CE2 1 
ATOM   1176 C CZ  . PHE A 1 145 ? -0.396  -11.245 7.917   1.00 49.33 ? 457 PHE A CZ  1 
ATOM   1177 N N   . LYS A 1 146 ? 4.249   -9.449  13.441  1.00 43.70 ? 458 LYS A N   1 
ATOM   1178 C CA  . LYS A 1 146 ? 4.879   -9.251  14.740  1.00 43.61 ? 458 LYS A CA  1 
ATOM   1179 C C   . LYS A 1 146 ? 5.251   -7.776  14.872  1.00 43.83 ? 458 LYS A C   1 
ATOM   1180 O O   . LYS A 1 146 ? 5.419   -7.081  13.868  1.00 43.57 ? 458 LYS A O   1 
ATOM   1181 C CB  . LYS A 1 146 ? 6.122   -10.137 14.854  1.00 42.89 ? 458 LYS A CB  1 
ATOM   1182 C CG  . LYS A 1 146 ? 7.107   -9.986  13.695  1.00 42.42 ? 458 LYS A CG  1 
ATOM   1183 C CD  . LYS A 1 146 ? 7.970   -8.736  13.813  1.00 41.55 ? 458 LYS A CD  1 
ATOM   1184 C CE  . LYS A 1 146 ? 9.095   -8.745  12.782  1.00 41.87 ? 458 LYS A CE  1 
ATOM   1185 N NZ  . LYS A 1 146 ? 10.141  -7.708  13.043  1.00 41.70 ? 458 LYS A NZ  1 
ATOM   1186 N N   . LYS A 1 147 ? 5.377   -7.301  16.106  1.00 43.19 ? 459 LYS A N   1 
ATOM   1187 C CA  . LYS A 1 147 ? 5.710   -5.902  16.351  1.00 43.67 ? 459 LYS A CA  1 
ATOM   1188 C C   . LYS A 1 147 ? 6.803   -5.402  15.395  1.00 43.95 ? 459 LYS A C   1 
ATOM   1189 O O   . LYS A 1 147 ? 7.909   -5.941  15.357  1.00 43.46 ? 459 LYS A O   1 
ATOM   1190 C CB  . LYS A 1 147 ? 6.139   -5.728  17.810  1.00 43.57 ? 459 LYS A CB  1 
ATOM   1191 C CG  . LYS A 1 147 ? 6.183   -4.291  18.282  1.00 43.78 ? 459 LYS A CG  1 
ATOM   1192 C CD  . LYS A 1 147 ? 6.285   -4.229  19.801  1.00 44.79 ? 459 LYS A CD  1 
ATOM   1193 C CE  . LYS A 1 147 ? 6.211   -2.796  20.308  1.00 44.90 ? 459 LYS A CE  1 
ATOM   1194 N NZ  . LYS A 1 147 ? 7.236   -1.926  19.667  1.00 45.54 ? 459 LYS A NZ  1 
ATOM   1195 N N   . PRO A 1 148 ? 6.489   -4.364  14.597  1.00 44.04 ? 460 PRO A N   1 
ATOM   1196 C CA  . PRO A 1 148 ? 7.389   -3.744  13.616  1.00 43.94 ? 460 PRO A CA  1 
ATOM   1197 C C   . PRO A 1 148 ? 8.783   -3.394  14.126  1.00 43.88 ? 460 PRO A C   1 
ATOM   1198 O O   . PRO A 1 148 ? 8.990   -3.190  15.318  1.00 44.36 ? 460 PRO A O   1 
ATOM   1199 C CB  . PRO A 1 148 ? 6.613   -2.501  13.179  1.00 42.47 ? 460 PRO A CB  1 
ATOM   1200 C CG  . PRO A 1 148 ? 5.204   -2.977  13.221  1.00 43.33 ? 460 PRO A CG  1 
ATOM   1201 C CD  . PRO A 1 148 ? 5.153   -3.740  14.536  1.00 44.30 ? 460 PRO A CD  1 
ATOM   1202 N N   . THR A 1 149 ? 9.736   -3.328  13.203  1.00 44.04 ? 461 THR A N   1 
ATOM   1203 C CA  . THR A 1 149 ? 11.113  -2.981  13.525  1.00 43.69 ? 461 THR A CA  1 
ATOM   1204 C C   . THR A 1 149 ? 11.456  -1.790  12.653  1.00 42.74 ? 461 THR A C   1 
ATOM   1205 O O   . THR A 1 149 ? 11.932  -0.771  13.133  1.00 43.79 ? 461 THR A O   1 
ATOM   1206 C CB  . THR A 1 149 ? 12.077  -4.137  13.199  1.00 45.25 ? 461 THR A CB  1 
ATOM   1207 O OG1 . THR A 1 149 ? 11.861  -5.212  14.122  1.00 46.82 ? 461 THR A OG1 1 
ATOM   1208 C CG2 . THR A 1 149 ? 13.525  -3.671  13.289  1.00 45.39 ? 461 THR A CG2 1 
ATOM   1209 N N   . GLY A 1 150 ? 11.208  -1.927  11.358  1.00 41.74 ? 462 GLY A N   1 
ATOM   1210 C CA  . GLY A 1 150 ? 11.478  -0.842  10.440  1.00 41.29 ? 462 GLY A CA  1 
ATOM   1211 C C   . GLY A 1 150 ? 10.160  -0.170  10.126  1.00 41.65 ? 462 GLY A C   1 
ATOM   1212 O O   . GLY A 1 150 ? 9.170   -0.399  10.823  1.00 41.09 ? 462 GLY A O   1 
ATOM   1213 N N   . GLU A 1 151 ? 10.136  0.659   9.085   1.00 41.57 ? 463 GLU A N   1 
ATOM   1214 C CA  . GLU A 1 151 ? 8.912   1.347   8.698   1.00 42.11 ? 463 GLU A CA  1 
ATOM   1215 C C   . GLU A 1 151 ? 7.722   0.389   8.501   1.00 41.95 ? 463 GLU A C   1 
ATOM   1216 O O   . GLU A 1 151 ? 6.630   0.631   9.018   1.00 42.76 ? 463 GLU A O   1 
ATOM   1217 C CB  . GLU A 1 151 ? 9.152   2.158   7.419   1.00 42.78 ? 463 GLU A CB  1 
ATOM   1218 C CG  . GLU A 1 151 ? 9.748   3.545   7.642   1.00 45.07 ? 463 GLU A CG  1 
ATOM   1219 C CD  . GLU A 1 151 ? 8.853   4.452   8.490   1.00 47.72 ? 463 GLU A CD  1 
ATOM   1220 O OE1 . GLU A 1 151 ? 8.965   4.420   9.740   1.00 48.55 ? 463 GLU A OE1 1 
ATOM   1221 O OE2 . GLU A 1 151 ? 8.027   5.192   7.902   1.00 47.18 ? 463 GLU A OE2 1 
ATOM   1222 N N   . MET A 1 152 ? 7.929   -0.696  7.758   1.00 40.64 ? 464 MET A N   1 
ATOM   1223 C CA  . MET A 1 152 ? 6.858   -1.661  7.517   1.00 38.22 ? 464 MET A CA  1 
ATOM   1224 C C   . MET A 1 152 ? 7.369   -3.096  7.425   1.00 37.25 ? 464 MET A C   1 
ATOM   1225 O O   . MET A 1 152 ? 8.377   -3.355  6.785   1.00 37.74 ? 464 MET A O   1 
ATOM   1226 C CB  . MET A 1 152 ? 6.085   -1.285  6.235   1.00 37.11 ? 464 MET A CB  1 
ATOM   1227 C CG  . MET A 1 152 ? 6.908   -0.637  5.109   1.00 35.05 ? 464 MET A CG  1 
ATOM   1228 S SD  . MET A 1 152 ? 5.883   -0.132  3.670   1.00 36.16 ? 464 MET A SD  1 
ATOM   1229 C CE  . MET A 1 152 ? 7.099   0.101   2.390   1.00 34.54 ? 464 MET A CE  1 
ATOM   1230 N N   . ASN A 1 153 ? 6.688   -4.033  8.070   1.00 36.19 ? 465 ASN A N   1 
ATOM   1231 C CA  . ASN A 1 153 ? 7.117   -5.426  7.997   1.00 37.15 ? 465 ASN A CA  1 
ATOM   1232 C C   . ASN A 1 153 ? 6.982   -5.940  6.561   1.00 37.63 ? 465 ASN A C   1 
ATOM   1233 O O   . ASN A 1 153 ? 6.596   -5.189  5.661   1.00 36.98 ? 465 ASN A O   1 
ATOM   1234 C CB  . ASN A 1 153 ? 6.270   -6.297  8.922   1.00 37.49 ? 465 ASN A CB  1 
ATOM   1235 C CG  . ASN A 1 153 ? 6.357   -5.863  10.366  1.00 39.51 ? 465 ASN A CG  1 
ATOM   1236 O OD1 . ASN A 1 153 ? 5.591   -6.332  11.212  1.00 40.08 ? 465 ASN A OD1 1 
ATOM   1237 N ND2 . ASN A 1 153 ? 7.297   -4.967  10.661  1.00 38.41 ? 465 ASN A ND2 1 
ATOM   1238 N N   . ILE A 1 154 ? 7.303   -7.219  6.357   1.00 37.42 ? 466 ILE A N   1 
ATOM   1239 C CA  . ILE A 1 154 ? 7.211   -7.866  5.043   1.00 37.26 ? 466 ILE A CA  1 
ATOM   1240 C C   . ILE A 1 154 ? 5.742   -8.132  4.675   1.00 36.62 ? 466 ILE A C   1 
ATOM   1241 O O   . ILE A 1 154 ? 5.039   -8.842  5.399   1.00 38.18 ? 466 ILE A O   1 
ATOM   1242 C CB  . ILE A 1 154 ? 7.957   -9.214  5.052   1.00 37.91 ? 466 ILE A CB  1 
ATOM   1243 C CG1 . ILE A 1 154 ? 9.451   -8.980  5.258   1.00 38.05 ? 466 ILE A CG1 1 
ATOM   1244 C CG2 . ILE A 1 154 ? 7.715   -9.956  3.758   1.00 38.46 ? 466 ILE A CG2 1 
ATOM   1245 C CD1 . ILE A 1 154 ? 10.245  -10.264 5.415   1.00 38.03 ? 466 ILE A CD1 1 
ATOM   1246 N N   . ALA A 1 155 ? 5.283   -7.574  3.556   1.00 34.52 ? 467 ALA A N   1 
ATOM   1247 C CA  . ALA A 1 155 ? 3.900   -7.753  3.113   1.00 32.24 ? 467 ALA A CA  1 
ATOM   1248 C C   . ALA A 1 155 ? 3.482   -9.222  3.109   1.00 31.41 ? 467 ALA A C   1 
ATOM   1249 O O   . ALA A 1 155 ? 4.307   -10.111 2.945   1.00 31.30 ? 467 ALA A O   1 
ATOM   1250 C CB  . ALA A 1 155 ? 3.723   -7.164  1.725   1.00 33.27 ? 467 ALA A CB  1 
ATOM   1251 N N   . SER A 1 156 ? 2.191   -9.474  3.283   1.00 30.41 ? 468 SER A N   1 
ATOM   1252 C CA  . SER A 1 156 ? 1.687   -10.835 3.304   1.00 30.05 ? 468 SER A CA  1 
ATOM   1253 C C   . SER A 1 156 ? 0.223   -10.871 2.901   1.00 30.80 ? 468 SER A C   1 
ATOM   1254 O O   . SER A 1 156 ? -0.579  -10.093 3.406   1.00 30.62 ? 468 SER A O   1 
ATOM   1255 C CB  . SER A 1 156 ? 1.846   -11.419 4.697   1.00 31.01 ? 468 SER A CB  1 
ATOM   1256 O OG  . SER A 1 156 ? 1.331   -12.732 4.743   1.00 32.24 ? 468 SER A OG  1 
ATOM   1257 N N   . GLY A 1 157 ? -0.125  -11.778 1.993   1.00 31.85 ? 469 GLY A N   1 
ATOM   1258 C CA  . GLY A 1 157 ? -1.499  -11.871 1.543   1.00 32.23 ? 469 GLY A CA  1 
ATOM   1259 C C   . GLY A 1 157 ? -1.777  -12.952 0.515   1.00 32.78 ? 469 GLY A C   1 
ATOM   1260 O O   . GLY A 1 157 ? -1.625  -14.136 0.790   1.00 32.01 ? 469 GLY A O   1 
ATOM   1261 N N   . CYS A 1 158 ? -2.179  -12.534 -0.681  1.00 33.83 ? 470 CYS A N   1 
ATOM   1262 C CA  . CYS A 1 158 ? -2.518  -13.462 -1.756  1.00 35.61 ? 470 CYS A CA  1 
ATOM   1263 C C   . CYS A 1 158 ? -1.705  -13.227 -3.042  1.00 35.52 ? 470 CYS A C   1 
ATOM   1264 O O   . CYS A 1 158 ? -2.006  -12.326 -3.836  1.00 33.77 ? 470 CYS A O   1 
ATOM   1265 C CB  . CYS A 1 158 ? -4.013  -13.343 -2.049  1.00 36.73 ? 470 CYS A CB  1 
ATOM   1266 S SG  . CYS A 1 158 ? -5.000  -13.148 -0.550  1.00 36.67 ? 470 CYS A SG  1 
ATOM   1267 N N   . PRO A 1 159 ? -0.659  -14.048 -3.262  1.00 35.51 ? 471 PRO A N   1 
ATOM   1268 C CA  . PRO A 1 159 ? 0.199   -13.930 -4.445  1.00 35.35 ? 471 PRO A CA  1 
ATOM   1269 C C   . PRO A 1 159 ? -0.572  -14.304 -5.692  1.00 34.30 ? 471 PRO A C   1 
ATOM   1270 O O   . PRO A 1 159 ? -0.220  -13.897 -6.796  1.00 35.50 ? 471 PRO A O   1 
ATOM   1271 C CB  . PRO A 1 159 ? 1.325   -14.919 -4.163  1.00 35.02 ? 471 PRO A CB  1 
ATOM   1272 C CG  . PRO A 1 159 ? 1.321   -15.044 -2.654  1.00 35.77 ? 471 PRO A CG  1 
ATOM   1273 C CD  . PRO A 1 159 ? -0.139  -15.078 -2.345  1.00 35.75 ? 471 PRO A CD  1 
ATOM   1274 N N   . VAL A 1 160 ? -1.630  -15.085 -5.499  1.00 32.76 ? 472 VAL A N   1 
ATOM   1275 C CA  . VAL A 1 160 ? -2.466  -15.537 -6.597  1.00 32.07 ? 472 VAL A CA  1 
ATOM   1276 C C   . VAL A 1 160 ? -3.899  -15.062 -6.409  1.00 31.83 ? 472 VAL A C   1 
ATOM   1277 O O   . VAL A 1 160 ? -4.860  -15.815 -6.589  1.00 30.03 ? 472 VAL A O   1 
ATOM   1278 C CB  . VAL A 1 160 ? -2.447  -17.058 -6.677  1.00 31.57 ? 472 VAL A CB  1 
ATOM   1279 C CG1 . VAL A 1 160 ? -1.151  -17.532 -7.318  1.00 29.52 ? 472 VAL A CG1 1 
ATOM   1280 C CG2 . VAL A 1 160 ? -2.574  -17.620 -5.287  1.00 31.64 ? 472 VAL A CG2 1 
ATOM   1281 N N   . PHE A 1 161 ? -4.027  -13.790 -6.059  1.00 32.75 ? 473 PHE A N   1 
ATOM   1282 C CA  . PHE A 1 161 ? -5.324  -13.189 -5.821  1.00 33.34 ? 473 PHE A CA  1 
ATOM   1283 C C   . PHE A 1 161 ? -6.231  -13.335 -7.028  1.00 33.63 ? 473 PHE A C   1 
ATOM   1284 O O   . PHE A 1 161 ? -7.177  -14.108 -7.010  1.00 33.36 ? 473 PHE A O   1 
ATOM   1285 C CB  . PHE A 1 161 ? -5.164  -11.706 -5.466  1.00 32.55 ? 473 PHE A CB  1 
ATOM   1286 C CG  . PHE A 1 161 ? -6.405  -11.094 -4.897  1.00 32.67 ? 473 PHE A CG  1 
ATOM   1287 C CD1 . PHE A 1 161 ? -6.869  -11.477 -3.641  1.00 32.04 ? 473 PHE A CD1 1 
ATOM   1288 C CD2 . PHE A 1 161 ? -7.149  -10.185 -5.639  1.00 33.53 ? 473 PHE A CD2 1 
ATOM   1289 C CE1 . PHE A 1 161 ? -8.058  -10.973 -3.130  1.00 32.15 ? 473 PHE A CE1 1 
ATOM   1290 C CE2 . PHE A 1 161 ? -8.343  -9.670  -5.145  1.00 34.52 ? 473 PHE A CE2 1 
ATOM   1291 C CZ  . PHE A 1 161 ? -8.800  -10.069 -3.882  1.00 34.76 ? 473 PHE A CZ  1 
ATOM   1292 N N   . VAL A 1 162 ? -5.919  -12.590 -8.081  1.00 35.06 ? 474 VAL A N   1 
ATOM   1293 C CA  . VAL A 1 162 ? -6.702  -12.592 -9.305  1.00 35.78 ? 474 VAL A CA  1 
ATOM   1294 C C   . VAL A 1 162 ? -5.874  -12.968 -10.523 1.00 36.15 ? 474 VAL A C   1 
ATOM   1295 O O   . VAL A 1 162 ? -4.721  -12.560 -10.653 1.00 36.69 ? 474 VAL A O   1 
ATOM   1296 C CB  . VAL A 1 162 ? -7.297  -11.197 -9.562  1.00 36.23 ? 474 VAL A CB  1 
ATOM   1297 C CG1 . VAL A 1 162 ? -8.002  -11.169 -10.903 1.00 37.27 ? 474 VAL A CG1 1 
ATOM   1298 C CG2 . VAL A 1 162 ? -8.256  -10.834 -8.451  1.00 36.57 ? 474 VAL A CG2 1 
ATOM   1299 N N   . ALA A 1 163 ? -6.473  -13.734 -11.424 1.00 37.35 ? 475 ALA A N   1 
ATOM   1300 C CA  . ALA A 1 163 ? -5.785  -14.128 -12.647 1.00 37.79 ? 475 ALA A CA  1 
ATOM   1301 C C   . ALA A 1 163 ? -5.830  -12.932 -13.591 1.00 38.04 ? 475 ALA A C   1 
ATOM   1302 O O   . ALA A 1 163 ? -6.903  -12.371 -13.827 1.00 36.79 ? 475 ALA A O   1 
ATOM   1303 C CB  . ALA A 1 163 ? -6.482  -15.322 -13.277 1.00 37.66 ? 475 ALA A CB  1 
ATOM   1304 N N   . GLN A 1 164 ? -4.671  -12.534 -14.116 1.00 38.91 ? 476 GLN A N   1 
ATOM   1305 C CA  . GLN A 1 164 ? -4.603  -11.392 -15.022 1.00 40.14 ? 476 GLN A CA  1 
ATOM   1306 C C   . GLN A 1 164 ? -5.596  -11.532 -16.177 1.00 41.65 ? 476 GLN A C   1 
ATOM   1307 O O   . GLN A 1 164 ? -6.079  -10.541 -16.710 1.00 40.79 ? 476 GLN A O   1 
ATOM   1308 C CB  . GLN A 1 164 ? -3.175  -11.214 -15.548 1.00 39.45 ? 476 GLN A CB  1 
ATOM   1309 C CG  . GLN A 1 164 ? -2.206  -10.630 -14.530 1.00 37.99 ? 476 GLN A CG  1 
ATOM   1310 C CD  . GLN A 1 164 ? -0.789  -10.464 -15.070 1.00 38.21 ? 476 GLN A CD  1 
ATOM   1311 O OE1 . GLN A 1 164 ? -0.582  -9.899  -16.141 1.00 38.16 ? 476 GLN A OE1 1 
ATOM   1312 N NE2 . GLN A 1 164 ? 0.193   -10.943 -14.317 1.00 36.33 ? 476 GLN A NE2 1 
ATOM   1313 N N   . THR A 1 165 ? -5.899  -12.768 -16.555 1.00 44.28 ? 477 THR A N   1 
ATOM   1314 C CA  . THR A 1 165 ? -6.870  -13.039 -17.617 1.00 47.74 ? 477 THR A CA  1 
ATOM   1315 C C   . THR A 1 165 ? -8.249  -12.546 -17.157 1.00 48.13 ? 477 THR A C   1 
ATOM   1316 O O   . THR A 1 165 ? -8.918  -11.784 -17.854 1.00 49.02 ? 477 THR A O   1 
ATOM   1317 C CB  . THR A 1 165 ? -6.985  -14.559 -17.888 1.00 49.91 ? 477 THR A CB  1 
ATOM   1318 O OG1 . THR A 1 165 ? -5.750  -15.044 -18.427 1.00 52.39 ? 477 THR A OG1 1 
ATOM   1319 C CG2 . THR A 1 165 ? -8.133  -14.855 -18.856 1.00 50.99 ? 477 THR A CG2 1 
ATOM   1320 N N   . VAL A 1 166 ? -8.667  -13.007 -15.979 1.00 47.67 ? 478 VAL A N   1 
ATOM   1321 C CA  . VAL A 1 166 ? -9.948  -12.630 -15.392 1.00 46.09 ? 478 VAL A CA  1 
ATOM   1322 C C   . VAL A 1 166 ? -10.081 -11.108 -15.291 1.00 46.22 ? 478 VAL A C   1 
ATOM   1323 O O   . VAL A 1 166 ? -10.959 -10.493 -15.900 1.00 46.53 ? 478 VAL A O   1 
ATOM   1324 C CB  . VAL A 1 166 ? -10.086 -13.203 -13.978 1.00 44.62 ? 478 VAL A CB  1 
ATOM   1325 C CG1 . VAL A 1 166 ? -11.474 -12.938 -13.457 1.00 44.87 ? 478 VAL A CG1 1 
ATOM   1326 C CG2 . VAL A 1 166 ? -9.778  -14.678 -13.984 1.00 43.73 ? 478 VAL A CG2 1 
ATOM   1327 N N   . LEU A 1 167 ? -9.197  -10.516 -14.502 1.00 45.64 ? 479 LEU A N   1 
ATOM   1328 C CA  . LEU A 1 167 ? -9.182  -9.082  -14.288 1.00 45.31 ? 479 LEU A CA  1 
ATOM   1329 C C   . LEU A 1 167 ? -9.405  -8.280  -15.563 1.00 45.03 ? 479 LEU A C   1 
ATOM   1330 O O   . LEU A 1 167 ? -10.436 -7.639  -15.723 1.00 44.95 ? 479 LEU A O   1 
ATOM   1331 C CB  . LEU A 1 167 ? -7.848  -8.680  -13.669 1.00 45.62 ? 479 LEU A CB  1 
ATOM   1332 C CG  . LEU A 1 167 ? -7.705  -7.209  -13.311 1.00 45.85 ? 479 LEU A CG  1 
ATOM   1333 C CD1 . LEU A 1 167 ? -8.748  -6.877  -12.274 1.00 45.68 ? 479 LEU A CD1 1 
ATOM   1334 C CD2 . LEU A 1 167 ? -6.304  -6.924  -12.777 1.00 45.81 ? 479 LEU A CD2 1 
ATOM   1335 N N   . GLU A 1 168 ? -8.430  -8.330  -16.465 1.00 45.17 ? 480 GLU A N   1 
ATOM   1336 C CA  . GLU A 1 168 ? -8.479  -7.590  -17.723 1.00 45.34 ? 480 GLU A CA  1 
ATOM   1337 C C   . GLU A 1 168 ? -9.612  -7.916  -18.681 1.00 45.49 ? 480 GLU A C   1 
ATOM   1338 O O   . GLU A 1 168 ? -9.916  -7.121  -19.570 1.00 45.59 ? 480 GLU A O   1 
ATOM   1339 C CB  . GLU A 1 168 ? -7.156  -7.739  -18.447 1.00 45.74 ? 480 GLU A CB  1 
ATOM   1340 C CG  . GLU A 1 168 ? -6.324  -6.501  -18.394 1.00 48.55 ? 480 GLU A CG  1 
ATOM   1341 C CD  . GLU A 1 168 ? -4.847  -6.806  -18.317 1.00 50.17 ? 480 GLU A CD  1 
ATOM   1342 O OE1 . GLU A 1 168 ? -4.374  -7.154  -17.212 1.00 49.72 ? 480 GLU A OE1 1 
ATOM   1343 O OE2 . GLU A 1 168 ? -4.166  -6.701  -19.363 1.00 51.47 ? 480 GLU A OE2 1 
ATOM   1344 N N   . ASN A 1 169 ? -10.224 -9.085  -18.521 1.00 46.15 ? 481 ASN A N   1 
ATOM   1345 C CA  . ASN A 1 169 ? -11.354 -9.474  -19.365 1.00 47.22 ? 481 ASN A CA  1 
ATOM   1346 C C   . ASN A 1 169 ? -12.596 -9.518  -18.471 1.00 47.35 ? 481 ASN A C   1 
ATOM   1347 O O   . ASN A 1 169 ? -13.227 -10.561 -18.281 1.00 48.37 ? 481 ASN A O   1 
ATOM   1348 C CB  . ASN A 1 169 ? -11.112 -10.844 -20.016 1.00 47.79 ? 481 ASN A CB  1 
ATOM   1349 C CG  . ASN A 1 169 ? -9.979  -10.816 -21.030 1.00 47.72 ? 481 ASN A CG  1 
ATOM   1350 O OD1 . ASN A 1 169 ? -9.971  -10.002 -21.954 1.00 48.56 ? 481 ASN A OD1 1 
ATOM   1351 N ND2 . ASN A 1 169 ? -9.014  -11.709 -20.858 1.00 50.14 ? 481 ASN A ND2 1 
ATOM   1352 N N   . GLY A 1 170 ? -12.918 -8.360  -17.911 1.00 46.57 ? 482 GLY A N   1 
ATOM   1353 C CA  . GLY A 1 170 ? -14.054 -8.234  -17.024 1.00 45.11 ? 482 GLY A CA  1 
ATOM   1354 C C   . GLY A 1 170 ? -14.253 -6.759  -16.770 1.00 44.88 ? 482 GLY A C   1 
ATOM   1355 O O   . GLY A 1 170 ? -13.505 -5.926  -17.286 1.00 44.14 ? 482 GLY A O   1 
ATOM   1356 N N   . THR A 1 171 ? -15.250 -6.427  -15.963 1.00 44.95 ? 483 THR A N   1 
ATOM   1357 C CA  . THR A 1 171 ? -15.539 -5.033  -15.664 1.00 44.97 ? 483 THR A CA  1 
ATOM   1358 C C   . THR A 1 171 ? -14.881 -4.492  -14.396 1.00 43.91 ? 483 THR A C   1 
ATOM   1359 O O   . THR A 1 171 ? -15.360 -3.526  -13.797 1.00 43.48 ? 483 THR A O   1 
ATOM   1360 C CB  . THR A 1 171 ? -17.039 -4.818  -15.578 1.00 46.13 ? 483 THR A CB  1 
ATOM   1361 O OG1 . THR A 1 171 ? -17.653 -5.998  -15.034 1.00 47.11 ? 483 THR A OG1 1 
ATOM   1362 C CG2 . THR A 1 171 ? -17.596 -4.511  -16.964 1.00 44.34 ? 483 THR A CG2 1 
ATOM   1363 N N   . TYR A 1 172 ? -13.782 -5.124  -13.997 1.00 41.69 ? 484 TYR A N   1 
ATOM   1364 C CA  . TYR A 1 172 ? -13.042 -4.683  -12.830 1.00 39.00 ? 484 TYR A CA  1 
ATOM   1365 C C   . TYR A 1 172 ? -12.299 -3.411  -13.226 1.00 39.62 ? 484 TYR A C   1 
ATOM   1366 O O   . TYR A 1 172 ? -12.101 -2.509  -12.411 1.00 40.89 ? 484 TYR A O   1 
ATOM   1367 C CB  . TYR A 1 172 ? -12.065 -5.771  -12.388 1.00 34.06 ? 484 TYR A CB  1 
ATOM   1368 C CG  . TYR A 1 172 ? -12.767 -7.028  -11.945 1.00 31.10 ? 484 TYR A CG  1 
ATOM   1369 C CD1 . TYR A 1 172 ? -13.698 -6.994  -10.916 1.00 29.60 ? 484 TYR A CD1 1 
ATOM   1370 C CD2 . TYR A 1 172 ? -12.532 -8.248  -12.571 1.00 31.57 ? 484 TYR A CD2 1 
ATOM   1371 C CE1 . TYR A 1 172 ? -14.383 -8.138  -10.524 1.00 27.66 ? 484 TYR A CE1 1 
ATOM   1372 C CE2 . TYR A 1 172 ? -13.216 -9.402  -12.182 1.00 28.99 ? 484 TYR A CE2 1 
ATOM   1373 C CZ  . TYR A 1 172 ? -14.137 -9.328  -11.162 1.00 27.89 ? 484 TYR A CZ  1 
ATOM   1374 O OH  . TYR A 1 172 ? -14.830 -10.439 -10.775 1.00 28.71 ? 484 TYR A OH  1 
ATOM   1375 N N   . ILE A 1 173 ? -11.909 -3.335  -14.493 1.00 40.00 ? 485 ILE A N   1 
ATOM   1376 C CA  . ILE A 1 173 ? -11.197 -2.170  -14.987 1.00 41.19 ? 485 ILE A CA  1 
ATOM   1377 C C   . ILE A 1 173 ? -12.107 -1.242  -15.785 1.00 42.51 ? 485 ILE A C   1 
ATOM   1378 O O   . ILE A 1 173 ? -12.672 -1.638  -16.797 1.00 43.39 ? 485 ILE A O   1 
ATOM   1379 C CB  . ILE A 1 173 ? -10.004 -2.576  -15.877 1.00 39.81 ? 485 ILE A CB  1 
ATOM   1380 C CG1 . ILE A 1 173 ? -9.028  -3.415  -15.060 1.00 40.43 ? 485 ILE A CG1 1 
ATOM   1381 C CG2 . ILE A 1 173 ? -9.306  -1.338  -16.414 1.00 39.47 ? 485 ILE A CG2 1 
ATOM   1382 C CD1 . ILE A 1 173 ? -7.620  -3.389  -15.569 1.00 39.67 ? 485 ILE A CD1 1 
ATOM   1383 N N   . LYS A 1 174 ? -12.249 -0.008  -15.311 1.00 43.21 ? 486 LYS A N   1 
ATOM   1384 C CA  . LYS A 1 174 ? -13.067 0.995   -15.986 1.00 43.21 ? 486 LYS A CA  1 
ATOM   1385 C C   . LYS A 1 174 ? -12.296 2.309   -15.942 1.00 43.11 ? 486 LYS A C   1 
ATOM   1386 O O   . LYS A 1 174 ? -11.643 2.621   -14.947 1.00 43.50 ? 486 LYS A O   1 
ATOM   1387 C CB  . LYS A 1 174 ? -14.423 1.141   -15.289 1.00 43.26 ? 486 LYS A CB  1 
ATOM   1388 C CG  . LYS A 1 174 ? -15.415 2.016   -16.041 1.00 43.65 ? 486 LYS A CG  1 
ATOM   1389 C CD  . LYS A 1 174 ? -16.843 1.758   -15.577 1.00 45.34 ? 486 LYS A CD  1 
ATOM   1390 C CE  . LYS A 1 174 ? -17.221 0.287   -15.778 1.00 47.25 ? 486 LYS A CE  1 
ATOM   1391 N NZ  . LYS A 1 174 ? -18.625 -0.048  -15.377 1.00 48.13 ? 486 LYS A NZ  1 
ATOM   1392 N N   . ASP A 1 175 ? -12.363 3.071   -17.025 1.00 42.49 ? 487 ASP A N   1 
ATOM   1393 C CA  . ASP A 1 175 ? -11.646 4.338   -17.107 1.00 43.97 ? 487 ASP A CA  1 
ATOM   1394 C C   . ASP A 1 175 ? -10.149 4.194   -16.839 1.00 43.70 ? 487 ASP A C   1 
ATOM   1395 O O   . ASP A 1 175 ? -9.504  5.120   -16.329 1.00 43.48 ? 487 ASP A O   1 
ATOM   1396 C CB  . ASP A 1 175 ? -12.247 5.362   -16.143 1.00 45.90 ? 487 ASP A CB  1 
ATOM   1397 C CG  . ASP A 1 175 ? -13.486 6.027   -16.709 1.00 48.22 ? 487 ASP A CG  1 
ATOM   1398 O OD1 . ASP A 1 175 ? -14.599 5.483   -16.532 1.00 48.59 ? 487 ASP A OD1 1 
ATOM   1399 O OD2 . ASP A 1 175 ? -13.336 7.090   -17.352 1.00 49.09 ? 487 ASP A OD2 1 
ATOM   1400 N N   . ASP A 1 176 ? -9.608  3.032   -17.205 1.00 42.47 ? 488 ASP A N   1 
ATOM   1401 C CA  . ASP A 1 176 ? -8.191  2.717   -17.021 1.00 41.20 ? 488 ASP A CA  1 
ATOM   1402 C C   . ASP A 1 176 ? -7.819  2.785   -15.545 1.00 40.85 ? 488 ASP A C   1 
ATOM   1403 O O   . ASP A 1 176 ? -6.741  3.269   -15.184 1.00 41.34 ? 488 ASP A O   1 
ATOM   1404 C CB  . ASP A 1 176 ? -7.312  3.697   -17.799 1.00 40.51 ? 488 ASP A CB  1 
ATOM   1405 C CG  . ASP A 1 176 ? -5.854  3.279   -17.812 1.00 40.90 ? 488 ASP A CG  1 
ATOM   1406 O OD1 . ASP A 1 176 ? -4.978  4.171   -17.846 1.00 42.13 ? 488 ASP A OD1 1 
ATOM   1407 O OD2 . ASP A 1 176 ? -5.585  2.058   -17.798 1.00 40.26 ? 488 ASP A OD2 1 
ATOM   1408 N N   . THR A 1 177 ? -8.704  2.297   -14.687 1.00 39.38 ? 489 THR A N   1 
ATOM   1409 C CA  . THR A 1 177 ? -8.433  2.344   -13.265 1.00 39.21 ? 489 THR A CA  1 
ATOM   1410 C C   . THR A 1 177 ? -9.246  1.324   -12.471 1.00 39.17 ? 489 THR A C   1 
ATOM   1411 O O   . THR A 1 177 ? -10.429 1.101   -12.749 1.00 39.67 ? 489 THR A O   1 
ATOM   1412 C CB  . THR A 1 177 ? -8.665  3.792   -12.731 1.00 39.00 ? 489 THR A CB  1 
ATOM   1413 O OG1 . THR A 1 177 ? -9.060  3.752   -11.360 1.00 40.64 ? 489 THR A OG1 1 
ATOM   1414 C CG2 . THR A 1 177 ? -9.720  4.505   -13.541 1.00 37.77 ? 489 THR A CG2 1 
ATOM   1415 N N   . ILE A 1 178 ? -8.589  0.689   -11.498 1.00 37.96 ? 490 ILE A N   1 
ATOM   1416 C CA  . ILE A 1 178 ? -9.219  -0.318  -10.640 1.00 36.94 ? 490 ILE A CA  1 
ATOM   1417 C C   . ILE A 1 178 ? -9.190  0.159   -9.189  1.00 35.87 ? 490 ILE A C   1 
ATOM   1418 O O   . ILE A 1 178 ? -8.389  1.019   -8.834  1.00 36.50 ? 490 ILE A O   1 
ATOM   1419 C CB  . ILE A 1 178 ? -8.467  -1.659  -10.710 1.00 38.21 ? 490 ILE A CB  1 
ATOM   1420 C CG1 . ILE A 1 178 ? -7.157  -1.568  -9.919  1.00 39.44 ? 490 ILE A CG1 1 
ATOM   1421 C CG2 . ILE A 1 178 ? -8.161  -1.999  -12.155 1.00 37.63 ? 490 ILE A CG2 1 
ATOM   1422 C CD1 . ILE A 1 178 ? -6.351  -2.855  -9.901  1.00 40.74 ? 490 ILE A CD1 1 
ATOM   1423 N N   . PHE A 1 179 ? -10.061 -0.397  -8.354  1.00 33.78 ? 491 PHE A N   1 
ATOM   1424 C CA  . PHE A 1 179 ? -10.110 -0.013  -6.943  1.00 31.86 ? 491 PHE A CA  1 
ATOM   1425 C C   . PHE A 1 179 ? -9.895  -1.227  -6.065  1.00 30.74 ? 491 PHE A C   1 
ATOM   1426 O O   . PHE A 1 179 ? -10.608 -2.227  -6.203  1.00 30.99 ? 491 PHE A O   1 
ATOM   1427 C CB  . PHE A 1 179 ? -11.468 0.591   -6.556  1.00 30.67 ? 491 PHE A CB  1 
ATOM   1428 C CG  . PHE A 1 179 ? -11.790 1.873   -7.241  1.00 29.68 ? 491 PHE A CG  1 
ATOM   1429 C CD1 . PHE A 1 179 ? -12.231 1.879   -8.557  1.00 28.34 ? 491 PHE A CD1 1 
ATOM   1430 C CD2 . PHE A 1 179 ? -11.670 3.080   -6.563  1.00 30.33 ? 491 PHE A CD2 1 
ATOM   1431 C CE1 . PHE A 1 179 ? -12.551 3.072   -9.194  1.00 30.42 ? 491 PHE A CE1 1 
ATOM   1432 C CE2 . PHE A 1 179 ? -11.985 4.284   -7.187  1.00 31.00 ? 491 PHE A CE2 1 
ATOM   1433 C CZ  . PHE A 1 179 ? -12.428 4.282   -8.508  1.00 31.42 ? 491 PHE A CZ  1 
ATOM   1434 N N   . ILE A 1 180 ? -8.934  -1.141  -5.150  1.00 28.16 ? 492 ILE A N   1 
ATOM   1435 C CA  . ILE A 1 180 ? -8.680  -2.252  -4.247  1.00 26.55 ? 492 ILE A CA  1 
ATOM   1436 C C   . ILE A 1 180 ? -9.210  -1.894  -2.868  1.00 26.89 ? 492 ILE A C   1 
ATOM   1437 O O   . ILE A 1 180 ? -9.151  -0.735  -2.458  1.00 27.09 ? 492 ILE A O   1 
ATOM   1438 C CB  . ILE A 1 180 ? -7.188  -2.579  -4.182  1.00 24.82 ? 492 ILE A CB  1 
ATOM   1439 C CG1 . ILE A 1 180 ? -6.743  -3.146  -5.528  1.00 23.51 ? 492 ILE A CG1 1 
ATOM   1440 C CG2 . ILE A 1 180 ? -6.925  -3.568  -3.071  1.00 26.35 ? 492 ILE A CG2 1 
ATOM   1441 C CD1 . ILE A 1 180 ? -5.308  -3.566  -5.578  1.00 26.14 ? 492 ILE A CD1 1 
ATOM   1442 N N   . LYS A 1 181 ? -9.742  -2.884  -2.161  1.00 26.35 ? 493 LYS A N   1 
ATOM   1443 C CA  . LYS A 1 181 ? -10.305 -2.648  -0.839  1.00 27.18 ? 493 LYS A CA  1 
ATOM   1444 C C   . LYS A 1 181 ? -9.812  -3.639  0.196   1.00 28.40 ? 493 LYS A C   1 
ATOM   1445 O O   . LYS A 1 181 ? -9.742  -4.831  -0.066  1.00 30.43 ? 493 LYS A O   1 
ATOM   1446 C CB  . LYS A 1 181 ? -11.825 -2.726  -0.907  1.00 26.62 ? 493 LYS A CB  1 
ATOM   1447 C CG  . LYS A 1 181 ? -12.547 -2.400  0.382   1.00 27.31 ? 493 LYS A CG  1 
ATOM   1448 C CD  . LYS A 1 181 ? -14.040 -2.457  0.135   1.00 27.46 ? 493 LYS A CD  1 
ATOM   1449 C CE  . LYS A 1 181 ? -14.841 -1.998  1.332   1.00 30.03 ? 493 LYS A CE  1 
ATOM   1450 N NZ  . LYS A 1 181 ? -16.297 -1.833  0.985   1.00 29.92 ? 493 LYS A NZ  1 
ATOM   1451 N N   . VAL A 1 182 ? -9.473  -3.139  1.376   1.00 28.31 ? 494 VAL A N   1 
ATOM   1452 C CA  . VAL A 1 182 ? -9.005  -3.986  2.458   1.00 27.24 ? 494 VAL A CA  1 
ATOM   1453 C C   . VAL A 1 182 ? -9.905  -3.735  3.652   1.00 28.14 ? 494 VAL A C   1 
ATOM   1454 O O   . VAL A 1 182 ? -10.390 -2.623  3.850   1.00 27.70 ? 494 VAL A O   1 
ATOM   1455 C CB  . VAL A 1 182 ? -7.554  -3.656  2.847   1.00 27.55 ? 494 VAL A CB  1 
ATOM   1456 C CG1 . VAL A 1 182 ? -7.124  -4.517  4.028   1.00 25.47 ? 494 VAL A CG1 1 
ATOM   1457 C CG2 . VAL A 1 182 ? -6.632  -3.878  1.653   1.00 26.34 ? 494 VAL A CG2 1 
ATOM   1458 N N   . ILE A 1 183 ? -10.150 -4.775  4.435   1.00 28.79 ? 495 ILE A N   1 
ATOM   1459 C CA  . ILE A 1 183 ? -10.990 -4.628  5.609   1.00 30.22 ? 495 ILE A CA  1 
ATOM   1460 C C   . ILE A 1 183 ? -10.405 -5.359  6.805   1.00 31.77 ? 495 ILE A C   1 
ATOM   1461 O O   . ILE A 1 183 ? -10.349 -6.588  6.840   1.00 33.07 ? 495 ILE A O   1 
ATOM   1462 C CB  . ILE A 1 183 ? -12.411 -5.146  5.354   1.00 29.87 ? 495 ILE A CB  1 
ATOM   1463 C CG1 . ILE A 1 183 ? -13.064 -4.315  4.260   1.00 29.43 ? 495 ILE A CG1 1 
ATOM   1464 C CG2 . ILE A 1 183 ? -13.237 -5.070  6.634   1.00 27.09 ? 495 ILE A CG2 1 
ATOM   1465 C CD1 . ILE A 1 183 ? -14.413 -4.839  3.860   1.00 31.99 ? 495 ILE A CD1 1 
ATOM   1466 N N   . VAL A 1 184 ? -9.954  -4.588  7.783   1.00 32.84 ? 496 VAL A N   1 
ATOM   1467 C CA  . VAL A 1 184 ? -9.388  -5.158  8.981   1.00 33.64 ? 496 VAL A CA  1 
ATOM   1468 C C   . VAL A 1 184 ? -10.499 -5.225  10.015  1.00 35.85 ? 496 VAL A C   1 
ATOM   1469 O O   . VAL A 1 184 ? -11.278 -4.290  10.166  1.00 35.70 ? 496 VAL A O   1 
ATOM   1470 C CB  . VAL A 1 184 ? -8.231  -4.298  9.511   1.00 32.37 ? 496 VAL A CB  1 
ATOM   1471 C CG1 . VAL A 1 184 ? -7.604  -4.959  10.731  1.00 30.86 ? 496 VAL A CG1 1 
ATOM   1472 C CG2 . VAL A 1 184 ? -7.205  -4.092  8.414   1.00 28.65 ? 496 VAL A CG2 1 
ATOM   1473 N N   . ASP A 1 185 ? -10.585 -6.352  10.703  1.00 39.37 ? 497 ASP A N   1 
ATOM   1474 C CA  . ASP A 1 185 ? -11.600 -6.534  11.720  1.00 42.82 ? 497 ASP A CA  1 
ATOM   1475 C C   . ASP A 1 185 ? -11.144 -5.842  12.994  1.00 45.12 ? 497 ASP A C   1 
ATOM   1476 O O   . ASP A 1 185 ? -10.206 -6.294  13.655  1.00 46.70 ? 497 ASP A O   1 
ATOM   1477 C CB  . ASP A 1 185 ? -11.810 -8.013  12.004  1.00 43.65 ? 497 ASP A CB  1 
ATOM   1478 C CG  . ASP A 1 185 ? -12.954 -8.249  12.957  1.00 45.98 ? 497 ASP A CG  1 
ATOM   1479 O OD1 . ASP A 1 185 ? -14.117 -8.058  12.533  1.00 47.23 ? 497 ASP A OD1 1 
ATOM   1480 O OD2 . ASP A 1 185 ? -12.693 -8.610  14.128  1.00 46.93 ? 497 ASP A OD2 1 
ATOM   1481 N N   . THR A 1 186 ? -11.797 -4.741  13.335  1.00 46.33 ? 498 THR A N   1 
ATOM   1482 C CA  . THR A 1 186 ? -11.443 -4.003  14.539  1.00 47.87 ? 498 THR A CA  1 
ATOM   1483 C C   . THR A 1 186 ? -12.272 -4.527  15.703  1.00 49.46 ? 498 THR A C   1 
ATOM   1484 O O   . THR A 1 186 ? -12.134 -4.075  16.839  1.00 49.55 ? 498 THR A O   1 
ATOM   1485 C CB  . THR A 1 186 ? -11.715 -2.502  14.351  1.00 47.21 ? 498 THR A CB  1 
ATOM   1486 O OG1 . THR A 1 186 ? -13.005 -2.326  13.758  1.00 46.70 ? 498 THR A OG1 1 
ATOM   1487 C CG2 . THR A 1 186 ? -10.672 -1.881  13.440  1.00 47.39 ? 498 THR A CG2 1 
ATOM   1488 N N   . SER A 1 187 ? -13.115 -5.508  15.403  1.00 51.61 ? 499 SER A N   1 
ATOM   1489 C CA  . SER A 1 187 ? -14.017 -6.101  16.381  1.00 54.51 ? 499 SER A CA  1 
ATOM   1490 C C   . SER A 1 187 ? -13.457 -6.465  17.758  1.00 56.20 ? 499 SER A C   1 
ATOM   1491 O O   . SER A 1 187 ? -14.131 -6.265  18.767  1.00 57.37 ? 499 SER A O   1 
ATOM   1492 C CB  . SER A 1 187 ? -14.689 -7.336  15.783  1.00 53.73 ? 499 SER A CB  1 
ATOM   1493 O OG  . SER A 1 187 ? -15.717 -7.797  16.640  1.00 54.99 ? 499 SER A OG  1 
ATOM   1494 N N   . ASP A 1 188 ? -12.239 -6.996  17.812  1.00 57.74 ? 500 ASP A N   1 
ATOM   1495 C CA  . ASP A 1 188 ? -11.641 -7.402  19.084  1.00 58.25 ? 500 ASP A CA  1 
ATOM   1496 C C   . ASP A 1 188 ? -11.028 -6.273  19.901  1.00 58.93 ? 500 ASP A C   1 
ATOM   1497 O O   . ASP A 1 188 ? -11.663 -5.723  20.794  1.00 58.69 ? 500 ASP A O   1 
ATOM   1498 C CB  . ASP A 1 188 ? -10.572 -8.477  18.844  1.00 58.43 ? 500 ASP A CB  1 
ATOM   1499 C CG  . ASP A 1 188 ? -11.155 -9.772  18.313  1.00 59.36 ? 500 ASP A CG  1 
ATOM   1500 O OD1 . ASP A 1 188 ? -12.025 -10.349 19.004  1.00 59.57 ? 500 ASP A OD1 1 
ATOM   1501 O OD2 . ASP A 1 188 ? -10.746 -10.217 17.214  1.00 59.49 ? 500 ASP A OD2 1 
ATOM   1502 N N   . LEU A 1 189 ? -9.779  -5.952  19.577  1.00 61.19 ? 501 LEU A N   1 
ATOM   1503 C CA  . LEU A 1 189 ? -8.978  -4.930  20.255  1.00 62.89 ? 501 LEU A CA  1 
ATOM   1504 C C   . LEU A 1 189 ? -9.714  -3.787  20.985  1.00 65.69 ? 501 LEU A C   1 
ATOM   1505 O O   . LEU A 1 189 ? -10.869 -3.475  20.674  1.00 66.66 ? 501 LEU A O   1 
ATOM   1506 C CB  . LEU A 1 189 ? -7.941  -4.365  19.261  1.00 59.77 ? 501 LEU A CB  1 
ATOM   1507 C CG  . LEU A 1 189 ? -8.339  -3.559  18.024  1.00 57.39 ? 501 LEU A CG  1 
ATOM   1508 C CD1 . LEU A 1 189 ? -7.074  -3.179  17.267  1.00 55.41 ? 501 LEU A CD1 1 
ATOM   1509 C CD2 . LEU A 1 189 ? -9.274  -4.365  17.139  1.00 56.50 ? 501 LEU A CD2 1 
ATOM   1510 N N   . PRO A 1 190 ? -9.032  -3.145  21.962  1.00 68.00 ? 502 PRO A N   1 
ATOM   1511 C CA  . PRO A 1 190 ? -9.439  -2.038  22.832  1.00 70.41 ? 502 PRO A CA  1 
ATOM   1512 C C   . PRO A 1 190 ? -10.874 -1.527  22.987  1.00 71.66 ? 502 PRO A C   1 
ATOM   1513 O O   . PRO A 1 190 ? -11.847 -2.131  22.514  1.00 71.10 ? 502 PRO A O   1 
ATOM   1514 C CB  . PRO A 1 190 ? -8.463  -0.944  22.424  1.00 70.08 ? 502 PRO A CB  1 
ATOM   1515 C CG  . PRO A 1 190 ? -7.145  -1.754  22.376  1.00 69.81 ? 502 PRO A CG  1 
ATOM   1516 C CD  . PRO A 1 190 ? -7.555  -3.205  21.971  1.00 68.99 ? 502 PRO A CD  1 
ATOM   1517 N N   . ASP A 1 191 ? -10.951 -0.395  23.694  1.00 72.67 ? 503 ASP A N   1 
ATOM   1518 C CA  . ASP A 1 191 ? -12.181 0.315   24.066  1.00 74.36 ? 503 ASP A CA  1 
ATOM   1519 C C   . ASP A 1 191 ? -12.532 -0.098  25.497  1.00 74.75 ? 503 ASP A C   1 
ATOM   1520 O O   . ASP A 1 191 ? -12.746 -1.286  25.773  1.00 74.94 ? 503 ASP A O   1 
ATOM   1521 C CB  . ASP A 1 191 ? -13.352 -0.001  23.120  1.00 74.44 ? 503 ASP A CB  1 
ATOM   1522 C CG  . ASP A 1 191 ? -13.319 0.840   21.846  1.00 74.53 ? 503 ASP A CG  1 
ATOM   1523 O OD1 . ASP A 1 191 ? -13.393 2.088   21.951  1.00 73.65 ? 503 ASP A OD1 1 
ATOM   1524 O OD2 . ASP A 1 191 ? -13.219 0.253   20.745  1.00 74.39 ? 503 ASP A OD2 1 
ATOM   1525 N N   . PRO A 1 192 ? -12.572 0.882   26.429  1.00 75.21 ? 504 PRO A N   1 
ATOM   1526 C CA  . PRO A 1 192 ? -12.888 0.683   27.853  1.00 75.02 ? 504 PRO A CA  1 
ATOM   1527 C C   . PRO A 1 192 ? -14.029 -0.307  28.103  1.00 74.52 ? 504 PRO A C   1 
ATOM   1528 O O   . PRO A 1 192 ? -15.169 0.157   28.334  1.00 74.25 ? 504 PRO A O   1 
ATOM   1529 C CB  . PRO A 1 192 ? -13.225 2.096   28.331  1.00 74.82 ? 504 PRO A CB  1 
ATOM   1530 C CG  . PRO A 1 192 ? -12.284 2.943   27.517  1.00 74.82 ? 504 PRO A CG  1 
ATOM   1531 C CD  . PRO A 1 192 ? -12.387 2.320   26.132  1.00 75.01 ? 504 PRO A CD  1 
ATOM   1532 O OXT . PRO A 1 192 ? -13.769 -1.532  28.054  1.00 74.37 ? 504 PRO A OXT 1 
ATOM   1533 N N   . SER B 2 1   ? -7.377  -19.425 4.307   1.00 45.77 ? 1   SER B N   1 
ATOM   1534 C CA  . SER B 2 1   ? -7.194  -18.281 5.239   1.00 47.30 ? 1   SER B CA  1 
ATOM   1535 C C   . SER B 2 1   ? -5.842  -18.349 5.946   1.00 47.51 ? 1   SER B C   1 
ATOM   1536 O O   . SER B 2 1   ? -5.788  -18.485 7.173   1.00 49.40 ? 1   SER B O   1 
ATOM   1537 C CB  . SER B 2 1   ? -8.314  -18.258 6.293   1.00 47.64 ? 1   SER B CB  1 
ATOM   1538 O OG  . SER B 2 1   ? -8.156  -19.295 7.256   1.00 48.07 ? 1   SER B OG  1 
ATOM   1539 N N   . VAL B 2 2   ? -4.757  -18.274 5.179   1.00 45.46 ? 2   VAL B N   1 
ATOM   1540 C CA  . VAL B 2 2   ? -3.407  -18.293 5.744   1.00 44.39 ? 2   VAL B CA  1 
ATOM   1541 C C   . VAL B 2 2   ? -2.529  -17.469 4.821   1.00 43.85 ? 2   VAL B C   1 
ATOM   1542 O O   . VAL B 2 2   ? -2.204  -17.886 3.719   1.00 44.30 ? 2   VAL B O   1 
ATOM   1543 C CB  . VAL B 2 2   ? -2.818  -19.724 5.851   1.00 44.45 ? 2   VAL B CB  1 
ATOM   1544 C CG1 . VAL B 2 2   ? -1.475  -19.674 6.584   1.00 41.03 ? 2   VAL B CG1 1 
ATOM   1545 C CG2 . VAL B 2 2   ? -3.791  -20.649 6.586   1.00 44.74 ? 2   VAL B CG2 1 
ATOM   1546 N N   . PRO B 2 3   ? -2.127  -16.283 5.271   1.00 43.10 ? 3   PRO B N   1 
ATOM   1547 C CA  . PRO B 2 3   ? -1.291  -15.364 4.506   1.00 41.98 ? 3   PRO B CA  1 
ATOM   1548 C C   . PRO B 2 3   ? 0.032   -15.928 4.031   1.00 40.44 ? 3   PRO B C   1 
ATOM   1549 O O   . PRO B 2 3   ? 0.802   -16.484 4.811   1.00 39.37 ? 3   PRO B O   1 
ATOM   1550 C CB  . PRO B 2 3   ? -1.078  -14.197 5.469   1.00 43.31 ? 3   PRO B CB  1 
ATOM   1551 C CG  . PRO B 2 3   ? -2.230  -14.282 6.388   1.00 44.88 ? 3   PRO B CG  1 
ATOM   1552 C CD  . PRO B 2 3   ? -2.371  -15.753 6.618   1.00 44.48 ? 3   PRO B CD  1 
ATOM   1553 N N   . ILE B 2 4   ? 0.284   -15.755 2.740   1.00 39.49 ? 4   ILE B N   1 
ATOM   1554 C CA  . ILE B 2 4   ? 1.522   -16.183 2.108   1.00 38.93 ? 4   ILE B CA  1 
ATOM   1555 C C   . ILE B 2 4   ? 2.394   -14.938 2.087   1.00 39.39 ? 4   ILE B C   1 
ATOM   1556 O O   . ILE B 2 4   ? 1.946   -13.898 1.612   1.00 39.71 ? 4   ILE B O   1 
ATOM   1557 C CB  . ILE B 2 4   ? 1.311   -16.589 0.628   1.00 38.15 ? 4   ILE B CB  1 
ATOM   1558 C CG1 . ILE B 2 4   ? 0.341   -17.762 0.518   1.00 37.15 ? 4   ILE B CG1 1 
ATOM   1559 C CG2 . ILE B 2 4   ? 2.638   -16.953 0.008   1.00 36.01 ? 4   ILE B CG2 1 
ATOM   1560 C CD1 . ILE B 2 4   ? 0.838   -19.004 1.184   1.00 37.13 ? 4   ILE B CD1 1 
ATOM   1561 N N   . GLN B 2 5   ? 3.623   -15.034 2.590   1.00 40.11 ? 5   GLN B N   1 
ATOM   1562 C CA  . GLN B 2 5   ? 4.549   -13.897 2.587   1.00 40.50 ? 5   GLN B CA  1 
ATOM   1563 C C   . GLN B 2 5   ? 4.627   -13.283 1.187   1.00 40.90 ? 5   GLN B C   1 
ATOM   1564 O O   . GLN B 2 5   ? 3.742   -13.471 0.360   1.00 41.86 ? 5   GLN B O   1 
ATOM   1565 C CB  . GLN B 2 5   ? 5.952   -14.348 2.993   1.00 41.07 ? 5   GLN B CB  1 
ATOM   1566 C CG  . GLN B 2 5   ? 6.105   -14.835 4.425   1.00 42.13 ? 5   GLN B CG  1 
ATOM   1567 C CD  . GLN B 2 5   ? 6.410   -13.707 5.383   1.00 43.48 ? 5   GLN B CD  1 
ATOM   1568 O OE1 . GLN B 2 5   ? 7.412   -13.001 5.236   1.00 44.96 ? 5   GLN B OE1 1 
ATOM   1569 N NE2 . GLN B 2 5   ? 5.546   -13.525 6.372   1.00 44.84 ? 5   GLN B NE2 1 
ATOM   1570 N N   . CYS B 2 6   ? 5.703   -12.562 0.919   1.00 41.06 ? 6   CYS B N   1 
ATOM   1571 C CA  . CYS B 2 6   ? 5.890   -11.916 -0.370  1.00 42.35 ? 6   CYS B CA  1 
ATOM   1572 C C   . CYS B 2 6   ? 7.352   -12.131 -0.723  1.00 44.40 ? 6   CYS B C   1 
ATOM   1573 O O   . CYS B 2 6   ? 8.240   -11.742 0.027   1.00 44.94 ? 6   CYS B O   1 
ATOM   1574 C CB  . CYS B 2 6   ? 5.542   -10.424 -0.240  1.00 41.64 ? 6   CYS B CB  1 
ATOM   1575 S SG  . CYS B 2 6   ? 6.353   -9.272  -1.381  1.00 42.87 ? 6   CYS B SG  1 
ATOM   1576 N N   . THR B 2 7   ? 7.604   -12.771 -1.857  1.00 47.63 ? 7   THR B N   1 
ATOM   1577 C CA  . THR B 2 7   ? 8.972   -13.063 -2.271  1.00 50.57 ? 7   THR B CA  1 
ATOM   1578 C C   . THR B 2 7   ? 9.809   -11.816 -2.534  1.00 53.49 ? 7   THR B C   1 
ATOM   1579 O O   . THR B 2 7   ? 10.969  -11.738 -2.121  1.00 55.06 ? 7   THR B O   1 
ATOM   1580 C CB  . THR B 2 7   ? 8.986   -13.956 -3.526  1.00 50.07 ? 7   THR B CB  1 
ATOM   1581 O OG1 . THR B 2 7   ? 8.287   -13.304 -4.593  1.00 51.29 ? 7   THR B OG1 1 
ATOM   1582 C CG2 . THR B 2 7   ? 8.323   -15.288 -3.229  1.00 48.26 ? 7   THR B CG2 1 
ATOM   1583 N N   . ASP B 2 8   ? 9.216   -10.840 -3.214  1.00 56.19 ? 8   ASP B N   1 
ATOM   1584 C CA  . ASP B 2 8   ? 9.898   -9.586  -3.530  1.00 58.63 ? 8   ASP B CA  1 
ATOM   1585 C C   . ASP B 2 8   ? 10.306  -8.828  -2.256  1.00 60.51 ? 8   ASP B C   1 
ATOM   1586 O O   . ASP B 2 8   ? 10.665  -7.647  -2.311  1.00 61.77 ? 8   ASP B O   1 
ATOM   1587 C CB  . ASP B 2 8   ? 8.983   -8.715  -4.403  1.00 58.05 ? 8   ASP B CB  1 
ATOM   1588 C CG  . ASP B 2 8   ? 9.661   -7.453  -4.887  1.00 57.60 ? 8   ASP B CG  1 
ATOM   1589 O OD1 . ASP B 2 8   ? 10.768  -7.566  -5.443  1.00 58.78 ? 8   ASP B OD1 1 
ATOM   1590 O OD2 . ASP B 2 8   ? 9.087   -6.356  -4.724  1.00 56.20 ? 8   ASP B OD2 1 
ATOM   1591 N N   . LYS B 2 9   ? 10.238  -9.502  -1.108  1.00 61.71 ? 9   LYS B N   1 
ATOM   1592 C CA  . LYS B 2 9   ? 10.640  -8.893  0.157   1.00 62.91 ? 9   LYS B CA  1 
ATOM   1593 C C   . LYS B 2 9   ? 12.151  -8.646  0.073   1.00 65.62 ? 9   LYS B C   1 
ATOM   1594 O O   . LYS B 2 9   ? 12.796  -8.289  1.076   1.00 67.18 ? 9   LYS B O   1 
ATOM   1595 C CB  . LYS B 2 9   ? 10.349  -9.835  1.337   1.00 60.52 ? 9   LYS B CB  1 
ATOM   1596 C CG  . LYS B 2 9   ? 11.091  -11.185 1.293   1.00 58.09 ? 9   LYS B CG  1 
ATOM   1597 C CD  . LYS B 2 9   ? 10.826  -12.013 2.560   1.00 55.40 ? 9   LYS B CD  1 
ATOM   1598 C CE  . LYS B 2 9   ? 11.078  -13.512 2.359   1.00 52.01 ? 9   LYS B CE  1 
ATOM   1599 N NZ  . LYS B 2 9   ? 10.052  -14.167 1.491   1.00 48.60 ? 9   LYS B NZ  1 
ATOM   1600 N N   . THR B 2 10  ? 12.695  -8.844  -1.136  1.00 66.64 ? 10  THR B N   1 
ATOM   1601 C CA  . THR B 2 10  ? 14.125  -8.682  -1.426  1.00 66.01 ? 10  THR B CA  1 
ATOM   1602 C C   . THR B 2 10  ? 14.467  -7.506  -2.370  1.00 66.32 ? 10  THR B C   1 
ATOM   1603 O O   . THR B 2 10  ? 15.473  -6.817  -2.163  1.00 66.20 ? 10  THR B O   1 
ATOM   1604 C CB  . THR B 2 10  ? 14.691  -9.990  -2.016  1.00 65.06 ? 10  THR B CB  1 
ATOM   1605 O OG1 . THR B 2 10  ? 13.844  -10.426 -3.086  1.00 64.20 ? 10  THR B OG1 1 
ATOM   1606 C CG2 . THR B 2 10  ? 14.750  -11.076 -0.945  1.00 62.93 ? 10  THR B CG2 1 
ATOM   1607 N N   . ASP B 2 11  ? 13.640  -7.276  -3.394  1.00 65.62 ? 11  ASP B N   1 
ATOM   1608 C CA  . ASP B 2 11  ? 13.868  -6.171  -4.338  1.00 65.59 ? 11  ASP B CA  1 
ATOM   1609 C C   . ASP B 2 11  ? 13.116  -4.884  -3.969  1.00 65.61 ? 11  ASP B C   1 
ATOM   1610 O O   . ASP B 2 11  ? 11.956  -4.923  -3.543  1.00 65.86 ? 11  ASP B O   1 
ATOM   1611 C CB  . ASP B 2 11  ? 13.454  -6.574  -5.751  1.00 65.66 ? 11  ASP B CB  1 
ATOM   1612 C CG  . ASP B 2 11  ? 12.769  -5.437  -6.496  1.00 65.66 ? 11  ASP B CG  1 
ATOM   1613 O OD1 . ASP B 2 11  ? 13.448  -4.434  -6.801  1.00 66.34 ? 11  ASP B OD1 1 
ATOM   1614 O OD2 . ASP B 2 11  ? 11.551  -5.544  -6.762  1.00 64.53 ? 11  ASP B OD2 1 
ATOM   1615 N N   . LYS B 2 12  ? 13.771  -3.741  -4.173  1.00 65.05 ? 12  LYS B N   1 
ATOM   1616 C CA  . LYS B 2 12  ? 13.174  -2.451  -3.846  1.00 63.74 ? 12  LYS B CA  1 
ATOM   1617 C C   . LYS B 2 12  ? 12.592  -1.682  -5.030  1.00 63.35 ? 12  LYS B C   1 
ATOM   1618 O O   . LYS B 2 12  ? 12.817  -0.475  -5.168  1.00 63.71 ? 12  LYS B O   1 
ATOM   1619 C CB  . LYS B 2 12  ? 14.197  -1.575  -3.092  1.00 63.02 ? 12  LYS B CB  1 
ATOM   1620 C CG  . LYS B 2 12  ? 15.587  -1.439  -3.735  1.00 60.49 ? 12  LYS B CG  1 
ATOM   1621 C CD  . LYS B 2 12  ? 15.671  -0.318  -4.775  1.00 57.51 ? 12  LYS B CD  1 
ATOM   1622 C CE  . LYS B 2 12  ? 15.369  -0.813  -6.175  1.00 55.40 ? 12  LYS B CE  1 
ATOM   1623 N NZ  . LYS B 2 12  ? 15.390  0.315   -7.133  1.00 54.85 ? 12  LYS B NZ  1 
ATOM   1624 N N   . GLN B 2 13  ? 11.837  -2.380  -5.877  1.00 62.50 ? 13  GLN B N   1 
ATOM   1625 C CA  . GLN B 2 13  ? 11.196  -1.755  -7.037  1.00 61.14 ? 13  GLN B CA  1 
ATOM   1626 C C   . GLN B 2 13  ? 9.756   -1.448  -6.613  1.00 59.81 ? 13  GLN B C   1 
ATOM   1627 O O   . GLN B 2 13  ? 8.853   -2.266  -6.787  1.00 59.33 ? 13  GLN B O   1 
ATOM   1628 C CB  . GLN B 2 13  ? 11.207  -2.717  -8.227  1.00 61.50 ? 13  GLN B CB  1 
ATOM   1629 C CG  . GLN B 2 13  ? 11.655  -2.108  -9.548  1.00 63.14 ? 13  GLN B CG  1 
ATOM   1630 C CD  . GLN B 2 13  ? 13.142  -1.794  -9.587  1.00 64.04 ? 13  GLN B CD  1 
ATOM   1631 O OE1 . GLN B 2 13  ? 13.962  -2.585  -9.120  1.00 65.07 ? 13  GLN B OE1 1 
ATOM   1632 N NE2 . GLN B 2 13  ? 13.498  -0.644  -10.163 1.00 63.29 ? 13  GLN B NE2 1 
ATOM   1633 N N   . GLU B 2 14  ? 9.555   -0.270  -6.034  1.00 58.72 ? 14  GLU B N   1 
ATOM   1634 C CA  . GLU B 2 14  ? 8.238   0.129   -5.551  1.00 57.54 ? 14  GLU B CA  1 
ATOM   1635 C C   . GLU B 2 14  ? 8.008   1.641   -5.638  1.00 57.40 ? 14  GLU B C   1 
ATOM   1636 O O   . GLU B 2 14  ? 8.947   2.437   -5.504  1.00 57.72 ? 14  GLU B O   1 
ATOM   1637 C CB  . GLU B 2 14  ? 8.072   -0.318  -4.102  1.00 56.21 ? 14  GLU B CB  1 
ATOM   1638 C CG  . GLU B 2 14  ? 8.988   0.409   -3.146  1.00 54.54 ? 14  GLU B CG  1 
ATOM   1639 C CD  . GLU B 2 14  ? 8.621   0.169   -1.696  1.00 56.20 ? 14  GLU B CD  1 
ATOM   1640 O OE1 . GLU B 2 14  ? 9.232   0.811   -0.821  1.00 55.77 ? 14  GLU B OE1 1 
ATOM   1641 O OE2 . GLU B 2 14  ? 7.720   -0.660  -1.425  1.00 58.00 ? 14  GLU B OE2 1 
ATOM   1642 N N   . ALA B 2 15  ? 6.756   2.037   -5.863  1.00 56.55 ? 15  ALA B N   1 
ATOM   1643 C CA  . ALA B 2 15  ? 6.419   3.452   -5.958  1.00 56.49 ? 15  ALA B CA  1 
ATOM   1644 C C   . ALA B 2 15  ? 5.286   3.812   -5.005  1.00 56.91 ? 15  ALA B C   1 
ATOM   1645 O O   . ALA B 2 15  ? 4.331   3.048   -4.820  1.00 57.15 ? 15  ALA B O   1 
ATOM   1646 C CB  . ALA B 2 15  ? 6.036   3.824   -7.397  1.00 54.88 ? 15  ALA B CB  1 
ATOM   1647 N N   . LEU B 2 16  ? 5.417   4.979   -4.388  1.00 57.19 ? 16  LEU B N   1 
ATOM   1648 C CA  . LEU B 2 16  ? 4.414   5.484   -3.464  1.00 56.78 ? 16  LEU B CA  1 
ATOM   1649 C C   . LEU B 2 16  ? 3.132   5.716   -4.248  1.00 55.79 ? 16  LEU B C   1 
ATOM   1650 O O   . LEU B 2 16  ? 3.167   6.076   -5.426  1.00 55.33 ? 16  LEU B O   1 
ATOM   1651 C CB  . LEU B 2 16  ? 4.903   6.807   -2.846  1.00 59.01 ? 16  LEU B CB  1 
ATOM   1652 C CG  . LEU B 2 16  ? 5.442   7.916   -3.784  1.00 59.78 ? 16  LEU B CG  1 
ATOM   1653 C CD1 . LEU B 2 16  ? 4.278   8.738   -4.362  1.00 59.22 ? 16  LEU B CD1 1 
ATOM   1654 C CD2 . LEU B 2 16  ? 6.402   8.834   -3.014  1.00 57.77 ? 16  LEU B CD2 1 
ATOM   1655 N N   . PHE B 2 17  ? 1.992   5.497   -3.616  1.00 54.42 ? 17  PHE B N   1 
ATOM   1656 C CA  . PHE B 2 17  ? 0.747   5.742   -4.320  1.00 53.60 ? 17  PHE B CA  1 
ATOM   1657 C C   . PHE B 2 17  ? -0.444  5.915   -3.384  1.00 53.15 ? 17  PHE B C   1 
ATOM   1658 O O   . PHE B 2 17  ? -1.046  4.941   -2.929  1.00 53.75 ? 17  PHE B O   1 
ATOM   1659 C CB  . PHE B 2 17  ? 0.470   4.637   -5.318  1.00 52.47 ? 17  PHE B CB  1 
ATOM   1660 C CG  . PHE B 2 17  ? -0.560  5.010   -6.289  1.00 51.86 ? 17  PHE B CG  1 
ATOM   1661 C CD1 . PHE B 2 17  ? -0.274  5.920   -7.283  1.00 52.43 ? 17  PHE B CD1 1 
ATOM   1662 C CD2 . PHE B 2 17  ? -1.852  4.555   -6.146  1.00 53.48 ? 17  PHE B CD2 1 
ATOM   1663 C CE1 . PHE B 2 17  ? -1.272  6.386   -8.131  1.00 54.91 ? 17  PHE B CE1 1 
ATOM   1664 C CE2 . PHE B 2 17  ? -2.860  5.010   -6.985  1.00 55.78 ? 17  PHE B CE2 1 
ATOM   1665 C CZ  . PHE B 2 17  ? -2.571  5.932   -7.983  1.00 55.58 ? 17  PHE B CZ  1 
ATOM   1666 N N   . LYS B 2 18  ? -0.786  7.173   -3.127  1.00 51.78 ? 18  LYS B N   1 
ATOM   1667 C CA  . LYS B 2 18  ? -1.861  7.531   -2.213  1.00 50.70 ? 18  LYS B CA  1 
ATOM   1668 C C   . LYS B 2 18  ? -3.173  7.925   -2.915  1.00 51.39 ? 18  LYS B C   1 
ATOM   1669 O O   . LYS B 2 18  ? -3.217  9.013   -3.533  1.00 50.81 ? 18  LYS B O   1 
ATOM   1670 C CB  . LYS B 2 18  ? -1.373  8.673   -1.314  1.00 49.15 ? 18  LYS B CB  1 
ATOM   1671 C CG  . LYS B 2 18  ? 0.120   8.595   -0.964  1.00 46.14 ? 18  LYS B CG  1 
ATOM   1672 C CD  . LYS B 2 18  ? 0.448   7.371   -0.113  1.00 45.78 ? 18  LYS B CD  1 
ATOM   1673 C CE  . LYS B 2 18  ? 1.937   7.031   -0.156  1.00 44.50 ? 18  LYS B CE  1 
ATOM   1674 N NZ  . LYS B 2 18  ? 2.802   8.197   0.153   1.00 43.04 ? 18  LYS B NZ  1 
ATOM   1675 O OXT . LYS B 2 18  ? -4.151  7.140   -2.842  1.00 52.04 ? 18  LYS B OXT 1 
HETATM 1676 O O   . HOH C 3 .   ? 1.349   -18.941 -11.868 1.00 33.89 ? 752 HOH A O   1 
HETATM 1677 O O   . HOH C 3 .   ? 16.024  27.175  -7.550  1.00 20.74 ? 753 HOH A O   1 
HETATM 1678 O O   . HOH C 3 .   ? -3.018  8.071   13.976  1.00 23.22 ? 754 HOH A O   1 
HETATM 1679 O O   . HOH C 3 .   ? 0.619   2.352   16.313  1.00 43.09 ? 755 HOH A O   1 
HETATM 1680 O O   . HOH C 3 .   ? -12.511 1.636   14.652  1.00 33.19 ? 756 HOH A O   1 
HETATM 1681 O O   . HOH C 3 .   ? 8.587   -8.358  9.013   1.00 43.36 ? 757 HOH A O   1 
HETATM 1682 O O   . HOH C 3 .   ? -10.654 -10.852 14.427  1.00 28.33 ? 758 HOH A O   1 
HETATM 1683 O O   . HOH C 3 .   ? -14.432 -3.986  11.931  1.00 32.83 ? 759 HOH A O   1 
HETATM 1684 O O   . HOH C 3 .   ? 7.499   5.551   12.245  1.00 28.30 ? 760 HOH A O   1 
HETATM 1685 O O   . HOH C 3 .   ? -3.073  7.928   5.501   1.00 43.91 ? 761 HOH A O   1 
HETATM 1686 O O   . HOH C 3 .   ? -2.621  -4.714  -20.334 1.00 38.91 ? 762 HOH A O   1 
HETATM 1687 O O   . HOH C 3 .   ? 3.032   -7.592  7.082   1.00 36.96 ? 763 HOH A O   1 
HETATM 1688 O O   . HOH C 3 .   ? -1.296  5.106   14.652  1.00 27.96 ? 765 HOH A O   1 
HETATM 1689 O O   . HOH C 3 .   ? -9.838  -0.392  26.642  1.00 37.73 ? 766 HOH A O   1 
HETATM 1690 O O   . HOH C 3 .   ? 8.903   -15.630 8.731   1.00 31.63 ? 767 HOH A O   1 
HETATM 1691 O O   . HOH C 3 .   ? 1.906   3.831   2.952   1.00 36.77 ? 768 HOH A O   1 
HETATM 1692 O O   . HOH C 3 .   ? 4.457   -14.397 -2.960  1.00 32.94 ? 769 HOH A O   1 
HETATM 1693 O O   . HOH C 3 .   ? 2.107   -10.628 -17.937 1.00 39.53 ? 770 HOH A O   1 
HETATM 1694 O O   . HOH C 3 .   ? 5.523   3.599   9.514   1.00 41.42 ? 771 HOH A O   1 
HETATM 1695 O O   . HOH C 3 .   ? 24.222  28.570  6.411   1.00 41.83 ? 772 HOH A O   1 
HETATM 1696 O O   . HOH C 3 .   ? -7.715  -0.070  16.986  1.00 36.83 ? 773 HOH A O   1 
HETATM 1697 O O   . HOH C 3 .   ? 7.267   -7.717  1.516   1.00 37.40 ? 774 HOH A O   1 
HETATM 1698 O O   . HOH C 3 .   ? 3.030   7.554   11.341  1.00 31.19 ? 775 HOH A O   1 
HETATM 1699 O O   . HOH C 3 .   ? 12.721  14.308  1.765   1.00 44.24 ? 776 HOH A O   1 
HETATM 1700 O O   . HOH C 3 .   ? 1.023   -0.457  13.666  1.00 36.91 ? 777 HOH A O   1 
HETATM 1701 O O   . HOH D 3 .   ? 5.932   -1.803  0.164   1.00 23.72 ? 750 HOH B O   1 
HETATM 1702 O O   . HOH D 3 .   ? -6.565  6.040   -2.813  1.00 27.81 ? 751 HOH B O   1 
HETATM 1703 O O   . HOH D 3 .   ? 10.250  -5.684  -0.536  1.00 45.65 ? 764 HOH B O   1 
# 
